data_6S74
#
_entry.id   6S74
#
_cell.length_a   75.393
_cell.length_b   99.029
_cell.length_c   207.952
_cell.angle_alpha   90.000
_cell.angle_beta   90.000
_cell.angle_gamma   90.000
#
_symmetry.space_group_name_H-M   'P 21 21 2'
#
loop_
_entity.id
_entity.type
_entity.pdbx_description
1 polymer 'Histone-arginine methyltransferase CARM1'
2 non-polymer (2~{R},3~{R},4~{S},5~{R})-2-(6-aminopurin-9-yl)-5-[[3-azanylpropyl-[3-(pyrimidin-2-ylamino)propyl]amino]methyl]oxolane-3,4-diol
3 non-polymer GLYCEROL
4 water water
#
_entity_poly.entity_id   1
_entity_poly.type   'polypeptide(L)'
_entity_poly.pdbx_seq_one_letter_code
;SVFSERTEESSAVQYFQFYGYLSQQQNMMQDYVRTGTYQRAILQNHTDFKDKIVLDVGCGSGILSFFAAQAGARKIYAVE
ASTMAQHAEVLVKSNNLTDRIVVIPGKVEEVSLPEQVDIIISEPMGYMLFNERMLESYLHAKKYLKPSGNMFPTIGDVHL
APFTDEQLYMEQFTKANFWYQPSFHGVDLSALRGAAVDEYFRQPVVDTFDIRILMAKSVKYTVNFLEAKEGDLHRIEIPF
KFHMLHSGLVHGLAFWFDVAFIGSIMTVWLSTAPTEPLTHWYQVRCLFQSPLFAKAGDTLSGTCLLIANKRQSYDISIVA
QVDQTGSKSSNLLDLKNPFFRYTGTHHHHHH
;
_entity_poly.pdbx_strand_id   A,B,C,D
#
# COMPACT_ATOMS: atom_id res chain seq x y z
N SER A 1 -22.71 38.26 -12.37
CA SER A 1 -23.04 37.41 -13.51
C SER A 1 -24.35 36.64 -13.22
N VAL A 2 -24.82 35.88 -14.22
CA VAL A 2 -25.97 35.04 -14.02
C VAL A 2 -25.80 34.09 -12.80
N PHE A 3 -24.60 33.50 -12.63
CA PHE A 3 -24.40 32.55 -11.56
C PHE A 3 -24.51 33.25 -10.21
N SER A 4 -23.77 34.37 -10.06
CA SER A 4 -23.79 35.08 -8.80
C SER A 4 -25.21 35.58 -8.48
N GLU A 5 -25.97 35.97 -9.52
CA GLU A 5 -27.33 36.45 -9.30
C GLU A 5 -28.26 35.36 -8.79
N ARG A 6 -28.07 34.13 -9.22
CA ARG A 6 -28.96 33.05 -8.77
C ARG A 6 -28.41 32.24 -7.56
N THR A 7 -27.24 32.61 -7.04
CA THR A 7 -26.60 31.81 -5.99
C THR A 7 -26.17 32.66 -4.81
N GLU A 8 -26.62 32.26 -3.63
CA GLU A 8 -26.09 32.87 -2.40
C GLU A 8 -24.61 32.49 -2.26
N GLU A 9 -23.79 33.44 -1.84
CA GLU A 9 -22.36 33.26 -1.80
C GLU A 9 -21.88 32.12 -0.88
N SER A 10 -22.53 31.99 0.28
CA SER A 10 -22.24 30.93 1.20
C SER A 10 -22.40 29.52 0.55
N SER A 11 -23.46 29.38 -0.25
CA SER A 11 -23.70 28.11 -0.93
C SER A 11 -22.64 27.82 -2.01
N ALA A 12 -22.26 28.83 -2.75
CA ALA A 12 -21.26 28.68 -3.80
C ALA A 12 -19.89 28.33 -3.17
N VAL A 13 -19.57 28.99 -2.04
CA VAL A 13 -18.30 28.74 -1.38
C VAL A 13 -18.25 27.25 -0.98
N GLN A 14 -19.28 26.79 -0.28
CA GLN A 14 -19.32 25.39 0.14
C GLN A 14 -19.25 24.43 -1.06
N TYR A 15 -20.00 24.77 -2.11
CA TYR A 15 -20.13 23.90 -3.28
C TYR A 15 -18.74 23.70 -3.97
N PHE A 16 -18.06 24.80 -4.24
CA PHE A 16 -16.81 24.68 -4.95
C PHE A 16 -15.68 24.17 -4.04
N GLN A 17 -15.74 24.45 -2.74
CA GLN A 17 -14.80 23.80 -1.82
C GLN A 17 -14.98 22.27 -1.90
N PHE A 18 -16.25 21.83 -1.90
CA PHE A 18 -16.56 20.41 -1.98
C PHE A 18 -15.97 19.79 -3.24
N TYR A 19 -16.15 20.45 -4.39
CA TYR A 19 -15.63 19.90 -5.62
C TYR A 19 -14.11 20.12 -5.79
N GLY A 20 -13.46 20.88 -4.89
CA GLY A 20 -12.04 21.02 -4.95
C GLY A 20 -11.25 19.82 -4.40
N TYR A 21 -11.93 18.86 -3.79
CA TYR A 21 -11.28 17.69 -3.19
C TYR A 21 -11.12 16.61 -4.24
N LEU A 22 -9.91 16.09 -4.38
CA LEU A 22 -9.65 14.95 -5.23
C LEU A 22 -10.50 13.74 -4.85
N SER A 23 -10.77 13.55 -3.54
CA SER A 23 -11.61 12.43 -3.13
C SER A 23 -13.03 12.46 -3.72
N GLN A 24 -13.59 13.67 -3.89
CA GLN A 24 -14.91 13.78 -4.49
C GLN A 24 -14.94 13.51 -5.99
N GLN A 25 -13.95 14.06 -6.68
CA GLN A 25 -13.75 13.76 -8.10
C GLN A 25 -13.59 12.26 -8.26
N GLN A 26 -12.77 11.66 -7.41
CA GLN A 26 -12.48 10.22 -7.44
C GLN A 26 -13.74 9.44 -7.25
N ASN A 27 -14.55 9.84 -6.28
CA ASN A 27 -15.81 9.15 -6.02
C ASN A 27 -16.66 9.10 -7.29
N MET A 28 -16.74 10.21 -8.01
CA MET A 28 -17.53 10.24 -9.21
C MET A 28 -16.85 9.45 -10.35
N MET A 29 -15.54 9.55 -10.50
CA MET A 29 -14.81 8.80 -11.49
C MET A 29 -14.97 7.28 -11.32
N GLN A 30 -15.04 6.83 -10.07
CA GLN A 30 -15.17 5.39 -9.77
C GLN A 30 -16.54 4.83 -10.02
N ASP A 31 -17.54 5.66 -10.30
CA ASP A 31 -18.84 5.19 -10.69
C ASP A 31 -18.69 4.64 -12.13
N TYR A 32 -18.57 3.34 -12.24
CA TYR A 32 -18.27 2.74 -13.51
C TYR A 32 -19.33 2.90 -14.56
N VAL A 33 -20.57 2.85 -14.16
CA VAL A 33 -21.69 3.08 -15.10
C VAL A 33 -21.54 4.47 -15.70
N ARG A 34 -21.33 5.46 -14.85
CA ARG A 34 -21.22 6.87 -15.27
C ARG A 34 -20.05 7.08 -16.24
N THR A 35 -18.86 6.76 -15.72
CA THR A 35 -17.64 7.06 -16.47
C THR A 35 -17.57 6.21 -17.75
N GLY A 36 -17.90 4.93 -17.63
CA GLY A 36 -17.83 4.03 -18.75
C GLY A 36 -18.82 4.40 -19.84
N THR A 37 -20.02 4.78 -19.43
CA THR A 37 -21.02 5.18 -20.40
C THR A 37 -20.64 6.48 -21.12
N TYR A 38 -20.10 7.44 -20.37
CA TYR A 38 -19.65 8.66 -20.99
C TYR A 38 -18.52 8.35 -22.03
N GLN A 39 -17.51 7.57 -21.63
CA GLN A 39 -16.44 7.24 -22.55
C GLN A 39 -16.98 6.55 -23.80
N ARG A 40 -17.89 5.61 -23.59
CA ARG A 40 -18.46 4.86 -24.70
C ARG A 40 -19.26 5.76 -25.64
N ALA A 41 -20.11 6.62 -25.08
CA ALA A 41 -20.88 7.56 -25.87
C ALA A 41 -19.97 8.48 -26.70
N ILE A 42 -18.88 8.93 -26.13
CA ILE A 42 -17.98 9.81 -26.87
C ILE A 42 -17.15 9.04 -27.96
N LEU A 43 -16.57 7.92 -27.59
CA LEU A 43 -15.71 7.19 -28.52
C LEU A 43 -16.48 6.51 -29.65
N GLN A 44 -17.67 6.01 -29.37
CA GLN A 44 -18.47 5.37 -30.43
C GLN A 44 -19.13 6.42 -31.33
N ASN A 45 -19.17 7.68 -30.92
CA ASN A 45 -19.62 8.75 -31.82
C ASN A 45 -18.41 9.63 -32.22
N HIS A 46 -17.34 8.97 -32.69
CA HIS A 46 -16.08 9.64 -32.96
C HIS A 46 -16.20 10.73 -34.02
N THR A 47 -17.14 10.59 -34.93
CA THR A 47 -17.30 11.62 -35.97
C THR A 47 -17.81 12.95 -35.41
N ASP A 48 -18.47 12.92 -34.27
CA ASP A 48 -18.89 14.15 -33.59
C ASP A 48 -17.73 14.86 -32.84
N PHE A 49 -16.58 14.22 -32.78
CA PHE A 49 -15.43 14.80 -32.08
C PHE A 49 -14.18 14.95 -32.95
N LYS A 50 -14.00 14.10 -33.96
CA LYS A 50 -12.75 14.13 -34.72
C LYS A 50 -12.55 15.46 -35.41
N ASP A 51 -11.42 16.12 -35.08
CA ASP A 51 -11.05 17.45 -35.61
C ASP A 51 -12.09 18.51 -35.28
N LYS A 52 -12.88 18.31 -34.22
CA LYS A 52 -13.88 19.29 -33.83
C LYS A 52 -13.43 20.17 -32.67
N ILE A 53 -14.18 21.22 -32.40
CA ILE A 53 -13.97 22.07 -31.23
C ILE A 53 -15.01 21.71 -30.13
N VAL A 54 -14.49 21.52 -28.91
CA VAL A 54 -15.30 21.00 -27.80
C VAL A 54 -15.22 21.94 -26.61
N LEU A 55 -16.33 22.14 -25.92
CA LEU A 55 -16.36 22.79 -24.62
C LEU A 55 -16.78 21.75 -23.55
N ASP A 56 -15.97 21.63 -22.51
CA ASP A 56 -16.26 20.75 -21.36
C ASP A 56 -16.69 21.62 -20.19
N VAL A 57 -17.95 21.56 -19.82
CA VAL A 57 -18.49 22.47 -18.79
C VAL A 57 -18.35 21.84 -17.43
N GLY A 58 -17.51 22.44 -16.59
CA GLY A 58 -17.25 21.85 -15.25
C GLY A 58 -16.43 20.54 -15.39
N CYS A 59 -15.21 20.67 -15.91
CA CYS A 59 -14.43 19.51 -16.30
C CYS A 59 -13.97 18.66 -15.10
N GLY A 60 -13.93 19.26 -13.91
CA GLY A 60 -13.40 18.58 -12.78
C GLY A 60 -11.99 18.11 -13.00
N SER A 61 -11.78 16.80 -12.85
CA SER A 61 -10.46 16.23 -13.13
C SER A 61 -10.02 16.38 -14.60
N GLY A 62 -10.97 16.62 -15.50
CA GLY A 62 -10.75 16.65 -16.92
C GLY A 62 -11.09 15.39 -17.67
N ILE A 63 -11.65 14.37 -16.99
CA ILE A 63 -11.82 13.05 -17.59
C ILE A 63 -12.56 13.06 -18.91
N LEU A 64 -13.65 13.83 -18.98
CA LEU A 64 -14.40 13.89 -20.23
C LEU A 64 -13.60 14.58 -21.35
N SER A 65 -12.79 15.58 -20.99
CA SER A 65 -11.94 16.22 -21.95
C SER A 65 -10.90 15.22 -22.53
N PHE A 66 -10.36 14.36 -21.66
CA PHE A 66 -9.45 13.32 -22.13
C PHE A 66 -10.18 12.34 -23.04
N PHE A 67 -11.44 12.03 -22.75
CA PHE A 67 -12.20 11.17 -23.63
C PHE A 67 -12.41 11.83 -24.98
N ALA A 68 -12.72 13.12 -25.01
CA ALA A 68 -12.87 13.83 -26.26
C ALA A 68 -11.53 13.82 -27.06
N ALA A 69 -10.42 13.96 -26.36
CA ALA A 69 -9.13 13.86 -27.01
C ALA A 69 -8.87 12.46 -27.57
N GLN A 70 -9.28 11.41 -26.84
CA GLN A 70 -9.20 10.05 -27.36
C GLN A 70 -10.02 9.86 -28.63
N ALA A 71 -11.11 10.58 -28.77
CA ALA A 71 -11.96 10.50 -29.97
C ALA A 71 -11.49 11.38 -31.11
N GLY A 72 -10.36 12.07 -30.94
CA GLY A 72 -9.77 12.86 -32.02
C GLY A 72 -10.05 14.32 -32.06
N ALA A 73 -10.52 14.91 -30.98
CA ALA A 73 -10.87 16.34 -30.97
C ALA A 73 -9.63 17.17 -31.24
N ARG A 74 -9.82 18.28 -31.94
CA ARG A 74 -8.71 19.19 -32.25
C ARG A 74 -8.42 20.11 -31.07
N LYS A 75 -9.44 20.68 -30.47
CA LYS A 75 -9.27 21.66 -29.38
C LYS A 75 -10.45 21.49 -28.41
N ILE A 76 -10.13 21.37 -27.13
CA ILE A 76 -11.08 21.21 -26.05
C ILE A 76 -10.85 22.28 -25.02
N TYR A 77 -11.86 23.12 -24.77
CA TYR A 77 -11.81 24.11 -23.70
C TYR A 77 -12.53 23.50 -22.49
N ALA A 78 -11.80 23.33 -21.40
CA ALA A 78 -12.28 22.69 -20.21
C ALA A 78 -12.42 23.68 -19.10
N VAL A 79 -13.66 24.03 -18.77
CA VAL A 79 -13.93 25.15 -17.84
C VAL A 79 -14.18 24.58 -16.47
N GLU A 80 -13.56 25.13 -15.46
CA GLU A 80 -13.74 24.60 -14.10
C GLU A 80 -13.55 25.72 -13.07
N ALA A 81 -14.46 25.80 -12.13
CA ALA A 81 -14.53 26.93 -11.19
C ALA A 81 -13.93 26.65 -9.85
N SER A 82 -13.82 25.39 -9.46
CA SER A 82 -13.15 25.07 -8.20
C SER A 82 -11.65 25.02 -8.39
N THR A 83 -10.94 24.80 -7.29
CA THR A 83 -9.46 24.67 -7.35
C THR A 83 -9.01 23.39 -8.09
N MET A 84 -9.93 22.47 -8.35
CA MET A 84 -9.66 21.32 -9.20
C MET A 84 -9.10 21.67 -10.54
N ALA A 85 -9.36 22.91 -11.00
CA ALA A 85 -8.78 23.39 -12.26
C ALA A 85 -7.27 23.22 -12.29
N GLN A 86 -6.63 23.59 -11.21
CA GLN A 86 -5.18 23.49 -11.13
C GLN A 86 -4.74 22.01 -11.33
N HIS A 87 -5.45 21.10 -10.65
CA HIS A 87 -5.17 19.69 -10.79
C HIS A 87 -5.37 19.22 -12.21
N ALA A 88 -6.44 19.69 -12.82
CA ALA A 88 -6.71 19.33 -14.21
C ALA A 88 -5.55 19.78 -15.08
N GLU A 89 -5.04 20.97 -14.83
CA GLU A 89 -3.94 21.48 -15.66
C GLU A 89 -2.75 20.54 -15.56
N VAL A 90 -2.44 20.10 -14.34
CA VAL A 90 -1.34 19.15 -14.14
C VAL A 90 -1.53 17.92 -15.04
N LEU A 91 -2.71 17.37 -15.01
CA LEU A 91 -3.00 16.18 -15.84
C LEU A 91 -2.81 16.43 -17.30
N VAL A 92 -3.28 17.60 -17.74
CA VAL A 92 -3.16 17.96 -19.15
C VAL A 92 -1.67 17.99 -19.54
N LYS A 93 -0.81 18.48 -18.64
CA LYS A 93 0.62 18.54 -18.95
C LYS A 93 1.22 17.15 -18.90
N SER A 94 0.79 16.32 -17.95
CA SER A 94 1.43 15.02 -17.80
C SER A 94 0.99 14.04 -18.85
N ASN A 95 -0.16 14.25 -19.47
CA ASN A 95 -0.62 13.43 -20.60
C ASN A 95 -0.25 14.00 -21.95
N ASN A 96 0.58 15.06 -21.96
CA ASN A 96 1.12 15.61 -23.21
C ASN A 96 0.03 16.09 -24.15
N LEU A 97 -0.92 16.84 -23.62
CA LEU A 97 -2.06 17.32 -24.40
C LEU A 97 -2.21 18.83 -24.28
N THR A 98 -1.16 19.55 -23.96
CA THR A 98 -1.25 21.01 -23.82
C THR A 98 -1.67 21.73 -25.11
N ASP A 99 -1.39 21.12 -26.25
CA ASP A 99 -1.76 21.67 -27.53
C ASP A 99 -3.22 21.37 -27.93
N ARG A 100 -3.93 20.63 -27.14
CA ARG A 100 -5.27 20.15 -27.52
C ARG A 100 -6.33 20.41 -26.41
N ILE A 101 -5.91 20.45 -25.14
CA ILE A 101 -6.79 20.77 -24.05
C ILE A 101 -6.32 22.02 -23.36
N VAL A 102 -7.21 23.03 -23.28
CA VAL A 102 -6.94 24.25 -22.58
C VAL A 102 -7.89 24.35 -21.40
N VAL A 103 -7.32 24.34 -20.20
CA VAL A 103 -8.07 24.46 -18.98
C VAL A 103 -8.33 25.95 -18.73
N ILE A 104 -9.58 26.30 -18.42
CA ILE A 104 -9.94 27.68 -18.15
C ILE A 104 -10.60 27.74 -16.77
N PRO A 105 -9.86 28.34 -15.80
CA PRO A 105 -10.39 28.45 -14.44
C PRO A 105 -11.48 29.49 -14.36
N GLY A 106 -12.57 29.16 -13.70
CA GLY A 106 -13.63 30.11 -13.44
C GLY A 106 -14.98 29.47 -13.76
N LYS A 107 -16.01 30.29 -13.57
CA LYS A 107 -17.37 29.88 -13.85
C LYS A 107 -17.68 30.04 -15.34
N VAL A 108 -18.40 29.11 -15.93
CA VAL A 108 -18.74 29.21 -17.35
C VAL A 108 -19.60 30.42 -17.62
N GLU A 109 -20.27 30.97 -16.57
CA GLU A 109 -21.04 32.19 -16.76
C GLU A 109 -20.17 33.44 -16.75
N GLU A 110 -18.88 33.31 -16.43
CA GLU A 110 -18.00 34.48 -16.28
C GLU A 110 -16.71 34.44 -17.11
N VAL A 111 -16.31 33.30 -17.64
CA VAL A 111 -15.06 33.19 -18.40
C VAL A 111 -15.27 33.69 -19.84
N SER A 112 -14.18 33.76 -20.58
CA SER A 112 -14.14 34.01 -21.99
C SER A 112 -13.59 32.81 -22.75
N LEU A 113 -14.23 32.42 -23.82
CA LEU A 113 -13.66 31.46 -24.76
C LEU A 113 -13.11 32.20 -25.98
N PRO A 114 -11.99 31.76 -26.56
CA PRO A 114 -11.49 32.38 -27.75
C PRO A 114 -12.28 32.14 -29.02
N GLU A 115 -13.10 31.11 -29.06
CA GLU A 115 -13.83 30.75 -30.27
C GLU A 115 -15.09 29.95 -29.87
N GLN A 116 -15.99 29.81 -30.82
CA GLN A 116 -17.18 29.02 -30.68
C GLN A 116 -16.86 27.55 -30.91
N VAL A 117 -17.68 26.67 -30.32
CA VAL A 117 -17.36 25.22 -30.26
C VAL A 117 -18.37 24.44 -31.09
N ASP A 118 -17.96 23.28 -31.54
CA ASP A 118 -18.84 22.37 -32.31
C ASP A 118 -19.73 21.57 -31.34
N ILE A 119 -19.25 21.23 -30.18
CA ILE A 119 -20.00 20.39 -29.29
C ILE A 119 -19.69 20.72 -27.82
N ILE A 120 -20.73 20.67 -27.00
CA ILE A 120 -20.59 20.86 -25.56
C ILE A 120 -20.77 19.51 -24.86
N ILE A 121 -19.82 19.12 -24.02
CA ILE A 121 -19.96 17.96 -23.18
C ILE A 121 -19.98 18.42 -21.71
N SER A 122 -20.69 17.67 -20.88
CA SER A 122 -20.70 17.96 -19.47
C SER A 122 -21.36 16.81 -18.72
N GLU A 123 -21.15 16.81 -17.41
CA GLU A 123 -21.85 15.92 -16.50
C GLU A 123 -22.58 16.78 -15.46
N PRO A 124 -23.69 17.37 -15.84
CA PRO A 124 -24.36 18.36 -14.97
C PRO A 124 -25.52 17.78 -14.12
N MET A 125 -25.72 16.45 -14.10
CA MET A 125 -26.82 15.85 -13.41
C MET A 125 -26.55 15.71 -11.93
N GLY A 126 -27.49 16.20 -11.10
CA GLY A 126 -27.48 15.91 -9.65
C GLY A 126 -28.52 14.90 -9.24
N TYR A 127 -28.63 14.70 -7.94
CA TYR A 127 -29.75 13.86 -7.41
C TYR A 127 -31.07 14.35 -7.98
N MET A 128 -31.91 13.39 -8.41
CA MET A 128 -33.20 13.70 -8.97
C MET A 128 -33.03 14.59 -10.24
N LEU A 129 -31.89 14.45 -10.92
CA LEU A 129 -31.50 15.18 -12.08
C LEU A 129 -31.15 16.61 -11.79
N PHE A 130 -32.06 17.33 -11.13
CA PHE A 130 -31.98 18.78 -11.07
C PHE A 130 -31.16 19.36 -9.95
N ASN A 131 -30.88 18.57 -8.89
CA ASN A 131 -30.11 19.09 -7.76
C ASN A 131 -28.80 19.71 -8.24
N GLU A 132 -28.35 20.74 -7.51
CA GLU A 132 -27.11 21.48 -7.72
C GLU A 132 -27.31 22.60 -8.81
N ARG A 133 -28.41 22.57 -9.58
CA ARG A 133 -28.69 23.59 -10.55
C ARG A 133 -27.58 23.75 -11.62
N MET A 134 -26.89 22.66 -11.87
CA MET A 134 -25.77 22.76 -12.81
C MET A 134 -26.25 22.70 -14.27
N LEU A 135 -27.41 22.13 -14.48
CA LEU A 135 -28.05 22.10 -15.82
C LEU A 135 -28.17 23.52 -16.40
N GLU A 136 -28.43 24.49 -15.54
CA GLU A 136 -28.54 25.87 -15.99
C GLU A 136 -27.19 26.38 -16.54
N SER A 137 -26.10 26.03 -15.84
CA SER A 137 -24.79 26.35 -16.37
C SER A 137 -24.56 25.67 -17.74
N TYR A 138 -25.00 24.43 -17.82
CA TYR A 138 -24.92 23.68 -19.04
C TYR A 138 -25.67 24.43 -20.13
N LEU A 139 -26.89 24.83 -19.86
CA LEU A 139 -27.70 25.56 -20.85
C LEU A 139 -27.11 26.93 -21.15
N HIS A 140 -26.53 27.55 -20.12
CA HIS A 140 -25.87 28.84 -20.32
C HIS A 140 -24.77 28.72 -21.34
N ALA A 141 -24.05 27.59 -21.29
CA ALA A 141 -22.90 27.37 -22.16
C ALA A 141 -23.28 27.38 -23.62
N LYS A 142 -24.57 27.29 -23.94
CA LYS A 142 -24.95 27.31 -25.35
C LYS A 142 -24.66 28.65 -26.02
N LYS A 143 -24.36 29.71 -25.24
CA LYS A 143 -23.88 30.93 -25.88
C LYS A 143 -22.58 30.75 -26.64
N TYR A 144 -21.82 29.68 -26.35
CA TYR A 144 -20.59 29.39 -27.06
C TYR A 144 -20.76 28.35 -28.16
N LEU A 145 -21.99 27.89 -28.40
CA LEU A 145 -22.22 26.79 -29.33
C LEU A 145 -22.45 27.37 -30.75
N LYS A 146 -21.72 26.86 -31.72
CA LYS A 146 -21.95 27.21 -33.10
C LYS A 146 -23.36 26.78 -33.53
N PRO A 147 -23.94 27.46 -34.55
CA PRO A 147 -25.25 27.08 -35.02
C PRO A 147 -25.28 25.60 -35.44
N SER A 148 -26.32 24.88 -35.04
CA SER A 148 -26.42 23.47 -35.28
C SER A 148 -25.37 22.58 -34.56
N GLY A 149 -24.68 23.11 -33.56
CA GLY A 149 -23.83 22.35 -32.68
C GLY A 149 -24.62 21.36 -31.80
N ASN A 150 -23.91 20.42 -31.20
CA ASN A 150 -24.50 19.35 -30.42
C ASN A 150 -24.15 19.44 -28.95
N MET A 151 -24.90 18.69 -28.14
N MET A 151 -24.90 18.70 -28.13
CA MET A 151 -24.70 18.63 -26.68
CA MET A 151 -24.69 18.62 -26.69
C MET A 151 -24.70 17.19 -26.21
C MET A 151 -24.70 17.19 -26.21
N PHE A 152 -23.73 16.85 -25.36
CA PHE A 152 -23.56 15.50 -24.80
C PHE A 152 -23.49 15.66 -23.28
N PRO A 153 -24.57 15.32 -22.56
CA PRO A 153 -25.76 14.65 -23.04
C PRO A 153 -26.74 15.57 -23.79
N THR A 154 -27.60 14.95 -24.61
CA THR A 154 -28.49 15.69 -25.45
C THR A 154 -29.85 15.91 -24.81
N ILE A 155 -30.42 14.88 -24.18
CA ILE A 155 -31.71 15.07 -23.52
C ILE A 155 -31.65 14.39 -22.14
N GLY A 156 -32.54 14.85 -21.26
CA GLY A 156 -32.73 14.21 -19.94
C GLY A 156 -34.18 13.87 -19.65
N ASP A 157 -34.44 12.68 -19.12
CA ASP A 157 -35.75 12.25 -18.68
C ASP A 157 -35.76 12.04 -17.18
N VAL A 158 -36.61 12.74 -16.45
CA VAL A 158 -36.93 12.42 -15.07
C VAL A 158 -38.15 11.50 -15.02
N HIS A 159 -38.05 10.45 -14.24
CA HIS A 159 -39.15 9.51 -13.99
C HIS A 159 -39.64 9.64 -12.52
N LEU A 160 -40.94 9.58 -12.34
CA LEU A 160 -41.61 9.58 -11.08
C LEU A 160 -42.60 8.39 -11.04
N ALA A 161 -42.71 7.76 -9.87
CA ALA A 161 -43.64 6.66 -9.68
C ALA A 161 -44.03 6.54 -8.22
N PRO A 162 -45.28 6.17 -7.94
CA PRO A 162 -45.67 6.03 -6.55
C PRO A 162 -45.10 4.71 -5.94
N PHE A 163 -44.80 4.75 -4.67
CA PHE A 163 -44.29 3.54 -4.00
C PHE A 163 -44.97 3.29 -2.67
N THR A 164 -44.85 2.05 -2.20
CA THR A 164 -45.25 1.62 -0.87
C THR A 164 -44.03 1.07 -0.13
N ASP A 165 -43.79 1.54 1.08
CA ASP A 165 -42.66 1.13 1.88
C ASP A 165 -42.95 1.44 3.34
N GLU A 166 -43.66 0.55 4.00
CA GLU A 166 -44.16 0.78 5.33
C GLU A 166 -43.01 0.97 6.33
N GLN A 167 -41.93 0.23 6.18
CA GLN A 167 -40.79 0.33 7.08
C GLN A 167 -40.06 1.66 7.02
N LEU A 168 -39.85 2.15 5.78
CA LEU A 168 -39.30 3.52 5.61
C LEU A 168 -40.16 4.58 6.26
N TYR A 169 -41.45 4.49 6.02
CA TYR A 169 -42.41 5.41 6.64
C TYR A 169 -42.32 5.38 8.16
N MET A 170 -42.32 4.18 8.71
CA MET A 170 -42.36 3.99 10.17
C MET A 170 -41.08 4.54 10.83
N GLU A 171 -39.94 4.31 10.15
CA GLU A 171 -38.67 4.79 10.69
C GLU A 171 -38.65 6.30 11.07
N GLN A 172 -39.44 7.10 10.36
CA GLN A 172 -39.50 8.52 10.62
C GLN A 172 -40.11 8.81 11.99
N PHE A 173 -41.21 8.11 12.31
CA PHE A 173 -41.84 8.27 13.62
C PHE A 173 -40.99 7.67 14.69
N THR A 174 -40.32 6.57 14.39
CA THR A 174 -39.47 5.93 15.40
C THR A 174 -38.33 6.89 15.82
N LYS A 175 -37.73 7.58 14.84
CA LYS A 175 -36.71 8.54 15.17
C LYS A 175 -37.27 9.73 15.88
N ALA A 176 -38.40 10.21 15.43
CA ALA A 176 -38.97 11.45 16.04
C ALA A 176 -39.47 11.21 17.43
N ASN A 177 -39.88 9.99 17.77
CA ASN A 177 -40.42 9.70 19.10
C ASN A 177 -39.39 9.70 20.22
N PHE A 178 -38.11 9.88 19.90
CA PHE A 178 -37.15 10.32 20.94
C PHE A 178 -37.67 11.54 21.76
N TRP A 179 -38.33 12.49 21.08
CA TRP A 179 -38.84 13.65 21.75
C TRP A 179 -40.14 13.43 22.49
N TYR A 180 -40.75 12.23 22.39
CA TYR A 180 -42.04 11.97 23.02
C TYR A 180 -41.81 11.22 24.31
N GLN A 181 -41.21 11.91 25.21
CA GLN A 181 -40.69 11.42 26.50
C GLN A 181 -40.97 12.55 27.54
N PRO A 182 -41.63 12.24 28.65
CA PRO A 182 -42.00 13.26 29.60
C PRO A 182 -40.89 13.58 30.62
N SER A 183 -39.84 12.79 30.69
CA SER A 183 -38.81 13.00 31.67
C SER A 183 -37.47 12.50 31.13
N PHE A 184 -37.00 13.13 30.05
CA PHE A 184 -35.64 12.91 29.59
C PHE A 184 -34.71 13.64 30.54
N HIS A 185 -34.02 12.86 31.43
CA HIS A 185 -33.21 13.46 32.48
C HIS A 185 -34.05 14.56 33.24
N GLY A 186 -35.30 14.30 33.43
CA GLY A 186 -36.17 15.20 34.15
C GLY A 186 -36.88 16.28 33.29
N VAL A 187 -36.67 16.27 31.98
CA VAL A 187 -37.15 17.29 31.10
C VAL A 187 -38.21 16.67 30.18
N ASP A 188 -39.34 17.38 30.00
CA ASP A 188 -40.41 16.93 29.15
C ASP A 188 -40.15 17.48 27.76
N LEU A 189 -39.85 16.55 26.81
CA LEU A 189 -39.46 16.95 25.47
C LEU A 189 -40.64 16.93 24.45
N SER A 190 -41.79 16.46 24.88
CA SER A 190 -42.87 16.08 23.96
C SER A 190 -43.42 17.14 23.08
N ALA A 191 -43.31 18.39 23.56
CA ALA A 191 -43.80 19.52 22.74
C ALA A 191 -43.04 19.70 21.43
N LEU A 192 -41.86 19.11 21.28
CA LEU A 192 -41.11 19.21 20.04
C LEU A 192 -41.30 18.00 19.09
N ARG A 193 -42.09 17.01 19.53
CA ARG A 193 -42.25 15.84 18.70
C ARG A 193 -42.72 16.15 17.27
N GLY A 194 -43.73 16.97 17.20
CA GLY A 194 -44.30 17.40 15.90
C GLY A 194 -43.25 18.04 14.98
N ALA A 195 -42.46 18.92 15.56
CA ALA A 195 -41.41 19.58 14.83
C ALA A 195 -40.40 18.53 14.29
N ALA A 196 -40.07 17.58 15.15
CA ALA A 196 -39.14 16.51 14.76
C ALA A 196 -39.68 15.74 13.56
N VAL A 197 -40.93 15.39 13.63
CA VAL A 197 -41.57 14.65 12.54
C VAL A 197 -41.45 15.45 11.25
N ASP A 198 -41.82 16.72 11.33
CA ASP A 198 -41.78 17.59 10.16
C ASP A 198 -40.39 17.61 9.57
N GLU A 199 -39.40 17.73 10.42
CA GLU A 199 -38.03 17.86 9.92
C GLU A 199 -37.67 16.61 9.16
N TYR A 200 -37.97 15.45 9.69
CA TYR A 200 -37.58 14.24 8.99
C TYR A 200 -38.31 14.06 7.68
N PHE A 201 -39.53 14.50 7.59
CA PHE A 201 -40.27 14.33 6.33
C PHE A 201 -39.94 15.36 5.25
N ARG A 202 -39.25 16.43 5.60
CA ARG A 202 -38.81 17.43 4.60
C ARG A 202 -37.55 16.94 3.84
N GLN A 203 -36.92 15.86 4.29
CA GLN A 203 -35.71 15.37 3.65
C GLN A 203 -36.03 14.32 2.59
N PRO A 204 -35.66 14.54 1.32
CA PRO A 204 -35.73 13.42 0.36
C PRO A 204 -34.76 12.31 0.75
N VAL A 205 -35.12 11.07 0.49
CA VAL A 205 -34.37 9.90 0.88
C VAL A 205 -33.59 9.38 -0.30
N VAL A 206 -32.26 9.42 -0.19
CA VAL A 206 -31.38 8.94 -1.26
C VAL A 206 -30.95 7.54 -0.93
N ASP A 207 -31.41 6.58 -1.74
CA ASP A 207 -30.97 5.23 -1.69
C ASP A 207 -31.60 4.47 -2.82
N THR A 208 -31.33 3.15 -2.84
CA THR A 208 -31.96 2.29 -3.84
C THR A 208 -32.97 1.40 -3.17
N PHE A 209 -33.71 0.66 -3.96
CA PHE A 209 -34.82 -0.13 -3.49
C PHE A 209 -35.19 -1.20 -4.49
N ASP A 210 -35.93 -2.19 -4.02
CA ASP A 210 -36.46 -3.22 -4.88
C ASP A 210 -37.64 -2.61 -5.70
N ILE A 211 -37.68 -2.96 -6.97
CA ILE A 211 -38.69 -2.43 -7.88
C ILE A 211 -40.10 -2.86 -7.50
N ARG A 212 -40.24 -3.87 -6.65
CA ARG A 212 -41.54 -4.37 -6.23
C ARG A 212 -42.29 -3.39 -5.36
N ILE A 213 -41.63 -2.33 -4.89
CA ILE A 213 -42.32 -1.31 -4.10
C ILE A 213 -43.11 -0.33 -4.99
N LEU A 214 -42.85 -0.33 -6.29
CA LEU A 214 -43.46 0.63 -7.21
C LEU A 214 -44.85 0.16 -7.56
N MET A 215 -45.81 1.08 -7.51
CA MET A 215 -47.22 0.72 -7.59
C MET A 215 -47.89 1.08 -8.92
N ALA A 216 -47.17 1.76 -9.79
CA ALA A 216 -47.70 2.19 -11.07
C ALA A 216 -46.55 2.49 -12.00
N LYS A 217 -46.85 2.39 -13.30
CA LYS A 217 -45.88 2.75 -14.32
C LYS A 217 -45.48 4.22 -14.15
N SER A 218 -44.23 4.51 -14.38
CA SER A 218 -43.67 5.85 -14.16
C SER A 218 -44.23 6.88 -15.14
N VAL A 219 -44.25 8.12 -14.71
CA VAL A 219 -44.48 9.29 -15.57
C VAL A 219 -43.13 9.94 -15.84
N LYS A 220 -42.97 10.51 -17.02
CA LYS A 220 -41.74 11.03 -17.56
C LYS A 220 -41.86 12.54 -17.82
N TYR A 221 -40.86 13.31 -17.42
CA TYR A 221 -40.71 14.70 -17.74
C TYR A 221 -39.38 14.90 -18.44
N THR A 222 -39.39 15.52 -19.63
CA THR A 222 -38.23 15.52 -20.51
C THR A 222 -37.72 16.96 -20.65
N VAL A 223 -36.41 17.14 -20.56
CA VAL A 223 -35.74 18.37 -20.87
C VAL A 223 -34.85 18.13 -22.10
N ASN A 224 -35.11 18.86 -23.19
CA ASN A 224 -34.27 18.80 -24.37
C ASN A 224 -33.20 19.91 -24.25
N PHE A 225 -31.96 19.53 -24.01
CA PHE A 225 -30.90 20.46 -23.75
C PHE A 225 -30.50 21.29 -24.99
N LEU A 226 -30.79 20.81 -26.18
CA LEU A 226 -30.56 21.63 -27.39
C LEU A 226 -31.53 22.79 -27.47
N GLU A 227 -32.68 22.68 -26.87
CA GLU A 227 -33.75 23.66 -27.03
C GLU A 227 -34.02 24.51 -25.78
N ALA A 228 -33.74 23.95 -24.58
CA ALA A 228 -34.20 24.57 -23.35
C ALA A 228 -33.36 25.82 -23.01
N LYS A 229 -34.02 26.75 -22.32
CA LYS A 229 -33.40 27.98 -21.82
C LYS A 229 -33.25 27.80 -20.29
N GLU A 230 -32.29 28.53 -19.72
CA GLU A 230 -32.01 28.51 -18.31
C GLU A 230 -33.30 28.73 -17.50
N GLY A 231 -34.04 29.75 -17.89
CA GLY A 231 -35.29 30.09 -17.20
C GLY A 231 -36.33 28.98 -17.15
N ASP A 232 -36.27 28.00 -18.07
CA ASP A 232 -37.18 26.89 -18.05
C ASP A 232 -36.99 26.02 -16.82
N LEU A 233 -35.83 26.11 -16.15
CA LEU A 233 -35.54 25.27 -14.99
C LEU A 233 -35.81 25.96 -13.65
N HIS A 234 -36.24 27.23 -13.65
CA HIS A 234 -36.54 27.90 -12.38
C HIS A 234 -37.81 27.39 -11.76
N ARG A 235 -38.75 26.89 -12.56
CA ARG A 235 -40.02 26.39 -12.10
C ARG A 235 -40.36 25.20 -13.00
N ILE A 236 -40.31 24.01 -12.42
CA ILE A 236 -40.55 22.78 -13.14
C ILE A 236 -41.83 22.16 -12.60
N GLU A 237 -42.87 22.14 -13.44
CA GLU A 237 -44.17 21.60 -13.09
C GLU A 237 -44.35 20.25 -13.79
N ILE A 238 -44.53 19.19 -12.99
CA ILE A 238 -44.71 17.84 -13.48
C ILE A 238 -46.05 17.32 -13.05
N PRO A 239 -47.07 17.42 -13.93
CA PRO A 239 -48.36 16.83 -13.59
C PRO A 239 -48.23 15.27 -13.75
N PHE A 240 -49.04 14.57 -12.95
CA PHE A 240 -49.03 13.13 -13.02
C PHE A 240 -50.41 12.58 -12.81
N LYS A 241 -50.64 11.46 -13.48
CA LYS A 241 -51.93 10.71 -13.33
C LYS A 241 -51.55 9.22 -13.43
N PHE A 242 -51.36 8.60 -12.27
CA PHE A 242 -50.93 7.20 -12.22
C PHE A 242 -52.14 6.28 -12.23
N HIS A 243 -52.06 5.24 -13.04
CA HIS A 243 -53.10 4.19 -13.05
C HIS A 243 -52.55 3.05 -12.20
N MET A 244 -53.10 2.90 -11.00
CA MET A 244 -52.53 2.02 -9.97
C MET A 244 -52.55 0.55 -10.44
N LEU A 245 -51.39 -0.08 -10.44
CA LEU A 245 -51.25 -1.49 -10.81
C LEU A 245 -51.36 -2.43 -9.61
N HIS A 246 -51.24 -1.91 -8.38
CA HIS A 246 -51.31 -2.70 -7.18
C HIS A 246 -52.04 -1.91 -6.13
N SER A 247 -52.77 -2.60 -5.24
CA SER A 247 -53.47 -1.96 -4.16
C SER A 247 -52.54 -1.82 -2.95
N GLY A 248 -52.66 -0.72 -2.22
CA GLY A 248 -51.92 -0.57 -1.00
C GLY A 248 -51.88 0.87 -0.53
N LEU A 249 -51.07 1.13 0.48
CA LEU A 249 -50.74 2.43 0.93
C LEU A 249 -49.61 3.08 0.12
N VAL A 250 -49.88 4.20 -0.51
CA VAL A 250 -48.88 5.02 -1.15
C VAL A 250 -48.21 5.90 -0.11
N HIS A 251 -46.94 5.66 0.13
CA HIS A 251 -46.15 6.40 1.10
C HIS A 251 -45.37 7.55 0.48
N GLY A 252 -45.35 7.65 -0.85
CA GLY A 252 -44.66 8.76 -1.49
C GLY A 252 -44.34 8.47 -2.95
N LEU A 253 -43.53 9.34 -3.52
CA LEU A 253 -43.08 9.20 -4.90
C LEU A 253 -41.57 8.93 -4.99
N ALA A 254 -41.20 8.00 -5.86
CA ALA A 254 -39.81 7.72 -6.18
C ALA A 254 -39.44 8.40 -7.53
N PHE A 255 -38.19 8.87 -7.58
CA PHE A 255 -37.62 9.61 -8.70
C PHE A 255 -36.33 8.95 -9.14
N TRP A 256 -36.16 8.89 -10.46
CA TRP A 256 -34.86 8.58 -11.09
C TRP A 256 -34.76 9.31 -12.39
N PHE A 257 -33.67 9.13 -13.12
CA PHE A 257 -33.51 9.83 -14.37
C PHE A 257 -32.59 9.11 -15.34
N ASP A 258 -32.79 9.35 -16.62
CA ASP A 258 -31.90 8.91 -17.68
C ASP A 258 -31.42 10.14 -18.45
N VAL A 259 -30.26 10.04 -19.08
CA VAL A 259 -29.84 11.01 -20.10
C VAL A 259 -29.48 10.27 -21.37
N ALA A 260 -29.66 10.94 -22.49
CA ALA A 260 -29.32 10.37 -23.81
C ALA A 260 -28.30 11.27 -24.50
N PHE A 261 -27.27 10.60 -25.05
CA PHE A 261 -26.27 11.20 -25.92
C PHE A 261 -26.66 10.82 -27.35
N ILE A 262 -27.23 11.78 -28.08
CA ILE A 262 -27.75 11.55 -29.42
C ILE A 262 -26.68 11.95 -30.44
N GLY A 263 -25.90 10.97 -30.87
CA GLY A 263 -24.78 11.19 -31.78
C GLY A 263 -25.11 10.89 -33.23
N SER A 264 -24.22 11.27 -34.12
CA SER A 264 -24.37 10.96 -35.53
C SER A 264 -24.33 9.45 -35.84
N ILE A 265 -23.59 8.68 -35.08
CA ILE A 265 -23.47 7.25 -35.30
C ILE A 265 -24.52 6.47 -34.49
N MET A 266 -24.68 6.80 -33.21
CA MET A 266 -25.67 6.06 -32.40
C MET A 266 -26.11 6.91 -31.22
N THR A 267 -27.23 6.51 -30.63
CA THR A 267 -27.72 7.08 -29.39
C THR A 267 -27.30 6.19 -28.24
N VAL A 268 -26.69 6.76 -27.21
CA VAL A 268 -26.29 6.01 -26.03
C VAL A 268 -27.01 6.56 -24.81
N TRP A 269 -27.53 5.68 -23.99
CA TRP A 269 -28.30 6.05 -22.77
C TRP A 269 -27.47 5.79 -21.53
N LEU A 270 -27.54 6.71 -20.59
CA LEU A 270 -27.05 6.52 -19.20
C LEU A 270 -28.27 6.58 -18.29
N SER A 271 -28.59 5.46 -17.64
CA SER A 271 -29.81 5.34 -16.84
C SER A 271 -29.49 5.16 -15.37
N THR A 272 -30.24 5.85 -14.50
CA THR A 272 -30.18 5.62 -13.07
C THR A 272 -31.42 4.93 -12.50
N ALA A 273 -32.17 4.26 -13.36
CA ALA A 273 -33.38 3.59 -12.97
C ALA A 273 -33.11 2.42 -11.99
N PRO A 274 -34.08 2.11 -11.14
CA PRO A 274 -33.91 0.95 -10.22
C PRO A 274 -33.92 -0.42 -10.91
N THR A 275 -34.30 -0.48 -12.17
CA THR A 275 -34.17 -1.64 -13.00
C THR A 275 -32.79 -1.81 -13.63
N GLU A 276 -31.90 -0.84 -13.44
CA GLU A 276 -30.58 -0.83 -14.04
C GLU A 276 -29.51 -0.90 -12.96
N PRO A 277 -28.27 -1.23 -13.33
CA PRO A 277 -27.22 -1.24 -12.30
C PRO A 277 -27.09 0.07 -11.54
N LEU A 278 -26.72 -0.06 -10.28
CA LEU A 278 -26.62 1.06 -9.37
C LEU A 278 -25.55 2.07 -9.80
N THR A 279 -25.86 3.35 -9.63
CA THR A 279 -24.91 4.45 -9.79
C THR A 279 -24.81 5.21 -8.49
N HIS A 280 -23.88 6.12 -8.42
CA HIS A 280 -23.75 6.93 -7.18
C HIS A 280 -24.84 8.00 -7.06
N TRP A 281 -25.71 8.12 -8.06
CA TRP A 281 -26.96 8.91 -7.90
C TRP A 281 -28.07 8.16 -7.17
N TYR A 282 -27.95 6.83 -7.08
CA TYR A 282 -28.99 5.96 -6.50
C TYR A 282 -30.35 6.29 -7.05
N GLN A 283 -31.38 6.37 -6.17
CA GLN A 283 -32.67 6.93 -6.52
C GLN A 283 -33.11 7.78 -5.35
N VAL A 284 -34.19 8.55 -5.56
CA VAL A 284 -34.62 9.52 -4.54
C VAL A 284 -36.11 9.24 -4.26
N ARG A 285 -36.46 9.22 -2.97
CA ARG A 285 -37.87 9.06 -2.58
C ARG A 285 -38.31 10.21 -1.72
N CYS A 286 -39.43 10.83 -2.10
CA CYS A 286 -40.11 11.85 -1.29
C CYS A 286 -41.32 11.21 -0.60
N LEU A 287 -41.28 11.21 0.70
CA LEU A 287 -42.36 10.61 1.53
C LEU A 287 -43.56 11.53 1.69
N PHE A 288 -44.72 10.92 1.83
CA PHE A 288 -45.92 11.66 2.22
C PHE A 288 -46.06 11.56 3.74
N GLN A 289 -46.25 12.66 4.44
CA GLN A 289 -46.48 12.56 5.88
C GLN A 289 -47.83 11.85 6.18
N SER A 290 -48.77 11.99 5.28
CA SER A 290 -50.01 11.22 5.35
C SER A 290 -50.19 10.34 4.12
N PRO A 291 -49.98 9.03 4.28
CA PRO A 291 -50.07 8.14 3.12
C PRO A 291 -51.46 8.08 2.55
N LEU A 292 -51.60 7.57 1.34
CA LEU A 292 -52.87 7.50 0.64
C LEU A 292 -53.22 6.08 0.28
N PHE A 293 -54.41 5.60 0.63
N PHE A 293 -54.42 5.62 0.62
CA PHE A 293 -54.80 4.27 0.24
CA PHE A 293 -54.87 4.31 0.24
C PHE A 293 -55.32 4.27 -1.19
C PHE A 293 -55.31 4.29 -1.21
N ALA A 294 -54.90 3.28 -1.96
CA ALA A 294 -55.31 3.16 -3.34
C ALA A 294 -55.62 1.70 -3.68
N LYS A 295 -56.58 1.52 -4.58
CA LYS A 295 -56.94 0.23 -5.11
C LYS A 295 -56.38 0.10 -6.48
N ALA A 296 -56.01 -1.13 -6.85
CA ALA A 296 -55.60 -1.41 -8.23
C ALA A 296 -56.70 -0.92 -9.21
N GLY A 297 -56.29 -0.21 -10.24
CA GLY A 297 -57.24 0.42 -11.17
C GLY A 297 -57.72 1.83 -10.80
N ASP A 298 -57.53 2.28 -9.57
CA ASP A 298 -57.70 3.67 -9.22
C ASP A 298 -56.65 4.58 -9.92
N THR A 299 -56.92 5.87 -9.85
CA THR A 299 -56.03 6.87 -10.44
C THR A 299 -55.55 7.80 -9.35
N LEU A 300 -54.24 7.97 -9.27
CA LEU A 300 -53.61 8.87 -8.32
C LEU A 300 -53.07 10.05 -9.11
N SER A 301 -53.68 11.21 -8.91
CA SER A 301 -53.40 12.37 -9.76
C SER A 301 -52.86 13.50 -8.90
N GLY A 302 -52.04 14.34 -9.51
CA GLY A 302 -51.55 15.52 -8.82
C GLY A 302 -50.41 16.18 -9.55
N THR A 303 -49.59 16.89 -8.79
CA THR A 303 -48.52 17.69 -9.34
C THR A 303 -47.32 17.66 -8.45
N CYS A 304 -46.15 17.56 -9.09
CA CYS A 304 -44.85 17.81 -8.47
C CYS A 304 -44.30 19.10 -9.01
N LEU A 305 -44.13 20.09 -8.14
CA LEU A 305 -43.60 21.40 -8.53
C LEU A 305 -42.23 21.61 -7.89
N LEU A 306 -41.23 21.83 -8.69
CA LEU A 306 -39.87 22.07 -8.24
C LEU A 306 -39.57 23.55 -8.47
N ILE A 307 -39.29 24.28 -7.39
CA ILE A 307 -39.05 25.69 -7.44
C ILE A 307 -37.60 25.92 -7.08
N ALA A 308 -36.82 26.44 -8.03
CA ALA A 308 -35.39 26.69 -7.80
C ALA A 308 -35.16 27.75 -6.72
N ASN A 309 -34.20 27.49 -5.85
CA ASN A 309 -33.81 28.44 -4.80
C ASN A 309 -32.34 28.82 -4.94
N LYS A 310 -31.90 29.78 -4.15
CA LYS A 310 -30.58 30.36 -4.27
C LYS A 310 -29.49 29.53 -3.54
N ARG A 311 -29.86 28.37 -3.00
CA ARG A 311 -28.92 27.42 -2.42
C ARG A 311 -28.56 26.34 -3.41
N GLN A 312 -28.66 26.62 -4.70
CA GLN A 312 -28.33 25.66 -5.75
C GLN A 312 -29.16 24.43 -5.68
N SER A 313 -30.43 24.57 -5.28
CA SER A 313 -31.29 23.40 -5.19
C SER A 313 -32.75 23.82 -5.45
N TYR A 314 -33.70 23.02 -5.04
CA TYR A 314 -35.09 23.18 -5.28
C TYR A 314 -35.91 22.94 -4.02
N ASP A 315 -36.95 23.72 -3.84
CA ASP A 315 -38.04 23.42 -2.90
C ASP A 315 -39.06 22.56 -3.67
N ILE A 316 -39.38 21.39 -3.13
CA ILE A 316 -40.23 20.44 -3.80
C ILE A 316 -41.61 20.50 -3.17
N SER A 317 -42.64 20.64 -4.01
CA SER A 317 -44.03 20.54 -3.55
C SER A 317 -44.69 19.40 -4.25
N ILE A 318 -45.23 18.45 -3.53
CA ILE A 318 -45.96 17.32 -4.10
C ILE A 318 -47.38 17.32 -3.55
N VAL A 319 -48.37 17.46 -4.43
CA VAL A 319 -49.77 17.30 -4.08
C VAL A 319 -50.35 16.14 -4.85
N ALA A 320 -51.01 15.20 -4.14
CA ALA A 320 -51.55 14.01 -4.74
C ALA A 320 -52.90 13.69 -4.16
N GLN A 321 -53.74 13.07 -4.97
CA GLN A 321 -55.04 12.64 -4.51
C GLN A 321 -55.42 11.33 -5.21
N VAL A 322 -56.17 10.51 -4.50
CA VAL A 322 -56.81 9.36 -5.10
C VAL A 322 -58.18 9.83 -5.59
N ASP A 323 -58.35 9.83 -6.91
CA ASP A 323 -59.55 10.39 -7.51
C ASP A 323 -60.83 9.68 -7.06
N GLN A 324 -60.77 8.37 -6.91
CA GLN A 324 -61.96 7.58 -6.52
C GLN A 324 -62.43 7.89 -5.11
N THR A 325 -61.59 8.40 -4.23
CA THR A 325 -62.02 8.72 -2.88
C THR A 325 -61.88 10.19 -2.46
N GLY A 326 -61.17 11.00 -3.22
CA GLY A 326 -60.85 12.35 -2.83
C GLY A 326 -59.92 12.53 -1.65
N SER A 327 -59.30 11.46 -1.17
CA SER A 327 -58.30 11.55 -0.11
C SER A 327 -57.03 12.22 -0.69
N LYS A 328 -56.52 13.19 0.03
CA LYS A 328 -55.45 14.06 -0.46
C LYS A 328 -54.25 14.04 0.46
N SER A 329 -53.09 14.32 -0.11
CA SER A 329 -51.88 14.53 0.63
C SER A 329 -51.01 15.56 -0.04
N SER A 330 -50.49 16.49 0.76
CA SER A 330 -49.62 17.59 0.29
C SER A 330 -48.34 17.60 1.07
N ASN A 331 -47.21 17.82 0.44
CA ASN A 331 -45.89 17.65 1.06
C ASN A 331 -44.83 18.58 0.50
N LEU A 332 -43.97 19.06 1.36
CA LEU A 332 -42.95 20.03 1.06
C LEU A 332 -41.60 19.52 1.49
N LEU A 333 -40.65 19.46 0.53
CA LEU A 333 -39.36 18.84 0.82
C LEU A 333 -38.25 19.84 0.43
N ASP A 334 -37.12 19.73 1.13
CA ASP A 334 -35.97 20.55 0.86
C ASP A 334 -34.89 19.66 0.21
N LEU A 335 -34.77 19.73 -1.10
CA LEU A 335 -33.83 18.92 -1.85
C LEU A 335 -32.35 19.23 -1.54
N LYS A 336 -32.05 20.36 -0.93
CA LYS A 336 -30.70 20.68 -0.60
C LYS A 336 -30.12 19.75 0.50
N ASN A 337 -30.97 19.26 1.38
CA ASN A 337 -30.57 18.44 2.53
C ASN A 337 -31.23 17.08 2.48
N PRO A 338 -30.74 16.20 1.57
CA PRO A 338 -31.29 14.86 1.51
C PRO A 338 -30.82 14.00 2.69
N PHE A 339 -31.54 12.92 2.93
CA PHE A 339 -31.15 11.93 3.90
C PHE A 339 -30.51 10.78 3.19
N PHE A 340 -29.17 10.61 3.39
CA PHE A 340 -28.46 9.55 2.73
C PHE A 340 -28.66 8.27 3.53
N ARG A 341 -29.60 7.44 3.12
CA ARG A 341 -30.00 6.28 3.85
C ARG A 341 -29.19 5.04 3.51
N TYR A 342 -28.60 4.95 2.34
CA TYR A 342 -27.61 3.91 2.06
C TYR A 342 -26.39 3.93 3.03
N SER B 1 44.73 -4.24 -11.87
CA SER B 1 44.93 -3.66 -10.54
C SER B 1 45.07 -4.77 -9.50
N VAL B 2 45.30 -4.37 -8.25
CA VAL B 2 45.32 -5.30 -7.13
C VAL B 2 44.02 -6.15 -7.07
N PHE B 3 42.88 -5.55 -7.29
CA PHE B 3 41.62 -6.26 -7.19
C PHE B 3 41.54 -7.33 -8.30
N SER B 4 41.80 -6.92 -9.55
CA SER B 4 41.65 -7.84 -10.66
C SER B 4 42.62 -9.01 -10.55
N GLU B 5 43.82 -8.76 -10.03
CA GLU B 5 44.84 -9.83 -9.94
C GLU B 5 44.44 -10.85 -8.88
N ARG B 6 43.73 -10.44 -7.82
CA ARG B 6 43.32 -11.40 -6.80
C ARG B 6 41.89 -11.98 -7.01
N THR B 7 41.20 -11.59 -8.07
CA THR B 7 39.81 -11.96 -8.25
C THR B 7 39.53 -12.55 -9.63
N GLU B 8 38.91 -13.72 -9.66
CA GLU B 8 38.39 -14.26 -10.91
C GLU B 8 37.26 -13.32 -11.45
N GLU B 9 37.27 -13.07 -12.74
CA GLU B 9 36.31 -12.16 -13.33
C GLU B 9 34.87 -12.67 -13.23
N SER B 10 34.64 -13.97 -13.35
CA SER B 10 33.31 -14.50 -13.17
C SER B 10 32.75 -14.19 -11.76
N SER B 11 33.62 -14.29 -10.75
CA SER B 11 33.24 -13.99 -9.38
C SER B 11 32.93 -12.50 -9.19
N ALA B 12 33.77 -11.65 -9.79
CA ALA B 12 33.55 -10.21 -9.68
C ALA B 12 32.22 -9.80 -10.39
N VAL B 13 31.95 -10.41 -11.53
CA VAL B 13 30.72 -10.11 -12.25
C VAL B 13 29.53 -10.44 -11.35
N GLN B 14 29.51 -11.68 -10.83
CA GLN B 14 28.41 -12.07 -9.95
C GLN B 14 28.29 -11.14 -8.71
N TYR B 15 29.44 -10.81 -8.13
CA TYR B 15 29.49 -10.04 -6.89
C TYR B 15 28.86 -8.63 -7.09
N PHE B 16 29.31 -7.93 -8.11
CA PHE B 16 28.81 -6.59 -8.33
C PHE B 16 27.39 -6.56 -8.91
N GLN B 17 27.01 -7.58 -9.69
CA GLN B 17 25.61 -7.73 -10.07
C GLN B 17 24.74 -7.86 -8.80
N PHE B 18 25.20 -8.70 -7.86
CA PHE B 18 24.48 -8.92 -6.62
C PHE B 18 24.27 -7.59 -5.86
N TYR B 19 25.34 -6.81 -5.73
CA TYR B 19 25.22 -5.57 -5.01
C TYR B 19 24.57 -4.42 -5.82
N GLY B 20 24.30 -4.64 -7.11
CA GLY B 20 23.58 -3.66 -7.89
C GLY B 20 22.06 -3.59 -7.62
N TYR B 21 21.52 -4.52 -6.81
CA TYR B 21 20.10 -4.58 -6.56
C TYR B 21 19.75 -3.71 -5.37
N LEU B 22 18.73 -2.85 -5.55
CA LEU B 22 18.24 -2.07 -4.43
C LEU B 22 17.73 -2.95 -3.30
N SER B 23 17.13 -4.09 -3.62
CA SER B 23 16.66 -4.99 -2.55
C SER B 23 17.78 -5.48 -1.62
N GLN B 24 18.99 -5.70 -2.14
CA GLN B 24 20.10 -6.14 -1.30
C GLN B 24 20.63 -5.02 -0.39
N GLN B 25 20.78 -3.83 -0.97
CA GLN B 25 21.15 -2.67 -0.19
C GLN B 25 20.10 -2.46 0.91
N GLN B 26 18.83 -2.57 0.55
CA GLN B 26 17.73 -2.41 1.50
C GLN B 26 17.83 -3.40 2.62
N ASN B 27 18.10 -4.65 2.26
CA ASN B 27 18.22 -5.69 3.27
C ASN B 27 19.30 -5.34 4.29
N MET B 28 20.42 -4.83 3.83
CA MET B 28 21.48 -4.44 4.75
C MET B 28 21.11 -3.18 5.55
N MET B 29 20.51 -2.17 4.90
CA MET B 29 20.09 -0.97 5.64
C MET B 29 19.03 -1.29 6.73
N GLN B 30 18.18 -2.27 6.48
CA GLN B 30 17.13 -2.64 7.44
C GLN B 30 17.68 -3.41 8.65
N ASP B 31 18.94 -3.80 8.64
CA ASP B 31 19.60 -4.38 9.81
C ASP B 31 19.80 -3.25 10.80
N TYR B 32 18.88 -3.14 11.77
CA TYR B 32 18.89 -1.97 12.62
C TYR B 32 20.13 -1.90 13.51
N VAL B 33 20.63 -3.05 13.99
CA VAL B 33 21.83 -3.04 14.81
C VAL B 33 22.99 -2.42 14.00
N ARG B 34 23.16 -2.88 12.76
CA ARG B 34 24.25 -2.43 11.94
C ARG B 34 24.13 -0.92 11.59
N THR B 35 23.00 -0.55 10.98
CA THR B 35 22.81 0.82 10.57
C THR B 35 22.79 1.82 11.74
N GLY B 36 22.07 1.44 12.79
CA GLY B 36 21.94 2.30 13.99
C GLY B 36 23.31 2.47 14.68
N THR B 37 24.06 1.38 14.76
CA THR B 37 25.37 1.47 15.42
C THR B 37 26.35 2.33 14.60
N TYR B 38 26.33 2.16 13.27
CA TYR B 38 27.19 2.98 12.43
C TYR B 38 26.81 4.48 12.60
N GLN B 39 25.50 4.80 12.52
CA GLN B 39 25.08 6.17 12.67
C GLN B 39 25.52 6.73 14.04
N ARG B 40 25.32 5.93 15.07
CA ARG B 40 25.65 6.35 16.44
C ARG B 40 27.16 6.60 16.57
N ALA B 41 27.98 5.68 16.08
CA ALA B 41 29.41 5.83 16.16
C ALA B 41 29.87 7.09 15.42
N ILE B 42 29.29 7.38 14.27
CA ILE B 42 29.72 8.56 13.53
C ILE B 42 29.23 9.87 14.19
N LEU B 43 27.95 9.93 14.58
CA LEU B 43 27.42 11.17 15.15
C LEU B 43 27.95 11.48 16.54
N GLN B 44 28.14 10.45 17.37
CA GLN B 44 28.70 10.70 18.71
C GLN B 44 30.19 11.06 18.68
N ASN B 45 30.87 10.75 17.58
CA ASN B 45 32.28 11.18 17.42
C ASN B 45 32.38 12.32 16.38
N HIS B 46 31.55 13.32 16.54
CA HIS B 46 31.42 14.39 15.55
C HIS B 46 32.71 15.17 15.32
N THR B 47 33.60 15.21 16.31
CA THR B 47 34.88 15.93 16.09
C THR B 47 35.77 15.20 15.09
N ASP B 48 35.56 13.88 14.91
CA ASP B 48 36.29 13.13 13.90
C ASP B 48 35.76 13.38 12.47
N PHE B 49 34.64 14.09 12.35
CA PHE B 49 34.05 14.37 11.04
C PHE B 49 33.87 15.82 10.73
N LYS B 50 33.68 16.67 11.74
CA LYS B 50 33.32 18.08 11.47
C LYS B 50 34.45 18.77 10.68
N ASP B 51 34.09 19.26 9.50
CA ASP B 51 35.04 19.93 8.57
C ASP B 51 36.17 19.05 8.12
N LYS B 52 35.99 17.72 8.15
CA LYS B 52 37.02 16.79 7.75
C LYS B 52 36.81 16.27 6.31
N ILE B 53 37.81 15.59 5.80
CA ILE B 53 37.73 14.89 4.54
C ILE B 53 37.58 13.38 4.78
N VAL B 54 36.61 12.77 4.10
CA VAL B 54 36.16 11.42 4.34
C VAL B 54 36.19 10.63 3.04
N LEU B 55 36.62 9.39 3.14
CA LEU B 55 36.45 8.40 2.05
C LEU B 55 35.50 7.31 2.50
N ASP B 56 34.49 7.04 1.71
CA ASP B 56 33.52 5.94 1.97
C ASP B 56 33.82 4.83 0.98
N VAL B 57 34.35 3.72 1.46
CA VAL B 57 34.76 2.63 0.62
C VAL B 57 33.60 1.68 0.37
N GLY B 58 33.15 1.60 -0.88
CA GLY B 58 31.98 0.78 -1.20
C GLY B 58 30.67 1.33 -0.62
N CYS B 59 30.30 2.54 -1.04
CA CYS B 59 29.23 3.28 -0.36
C CYS B 59 27.85 2.64 -0.49
N GLY B 60 27.67 1.81 -1.51
CA GLY B 60 26.38 1.20 -1.73
C GLY B 60 25.35 2.30 -1.99
N SER B 61 24.28 2.30 -1.19
CA SER B 61 23.28 3.37 -1.26
C SER B 61 23.83 4.75 -0.93
N GLY B 62 24.95 4.79 -0.21
CA GLY B 62 25.51 6.02 0.31
C GLY B 62 25.20 6.33 1.74
N ILE B 63 24.55 5.42 2.45
CA ILE B 63 24.04 5.68 3.80
C ILE B 63 25.10 6.22 4.77
N LEU B 64 26.27 5.62 4.75
CA LEU B 64 27.35 6.09 5.65
C LEU B 64 27.83 7.46 5.27
N SER B 65 27.88 7.75 3.97
CA SER B 65 28.26 9.09 3.54
C SER B 65 27.24 10.15 4.01
N PHE B 66 25.97 9.80 3.98
CA PHE B 66 24.93 10.72 4.52
C PHE B 66 25.10 10.89 6.03
N PHE B 67 25.48 9.82 6.74
CA PHE B 67 25.74 9.96 8.15
C PHE B 67 26.93 10.88 8.41
N ALA B 68 28.00 10.74 7.63
CA ALA B 68 29.14 11.60 7.77
C ALA B 68 28.76 13.08 7.47
N ALA B 69 27.90 13.28 6.48
CA ALA B 69 27.40 14.62 6.19
C ALA B 69 26.58 15.19 7.38
N GLN B 70 25.79 14.33 8.04
CA GLN B 70 25.09 14.75 9.24
C GLN B 70 26.05 15.21 10.35
N ALA B 71 27.21 14.60 10.42
CA ALA B 71 28.20 14.91 11.46
C ALA B 71 29.07 16.10 11.10
N GLY B 72 28.83 16.74 9.96
CA GLY B 72 29.53 17.99 9.63
C GLY B 72 30.73 17.89 8.72
N ALA B 73 30.92 16.77 8.04
CA ALA B 73 32.07 16.64 7.14
C ALA B 73 32.00 17.67 6.01
N ARG B 74 33.17 18.13 5.58
CA ARG B 74 33.23 19.11 4.49
C ARG B 74 33.06 18.46 3.10
N LYS B 75 33.73 17.35 2.87
CA LYS B 75 33.69 16.68 1.57
C LYS B 75 33.87 15.17 1.77
N ILE B 76 33.04 14.40 1.09
CA ILE B 76 32.92 12.97 1.24
C ILE B 76 33.08 12.34 -0.15
N TYR B 77 34.11 11.50 -0.30
CA TYR B 77 34.26 10.73 -1.53
C TYR B 77 33.64 9.36 -1.30
N ALA B 78 32.64 9.01 -2.08
CA ALA B 78 31.93 7.76 -1.93
C ALA B 78 32.22 6.89 -3.15
N VAL B 79 33.05 5.88 -2.97
CA VAL B 79 33.48 5.02 -4.09
C VAL B 79 32.60 3.78 -4.15
N GLU B 80 32.13 3.44 -5.33
CA GLU B 80 31.25 2.28 -5.49
C GLU B 80 31.39 1.70 -6.88
N ALA B 81 31.54 0.38 -6.95
CA ALA B 81 31.90 -0.33 -8.19
C ALA B 81 30.71 -0.95 -8.88
N SER B 82 29.61 -1.20 -8.16
CA SER B 82 28.41 -1.70 -8.84
C SER B 82 27.63 -0.56 -9.45
N THR B 83 26.56 -0.92 -10.15
CA THR B 83 25.64 0.06 -10.72
C THR B 83 24.86 0.88 -9.65
N MET B 84 24.91 0.43 -8.41
CA MET B 84 24.37 1.19 -7.30
C MET B 84 24.91 2.61 -7.23
N ALA B 85 26.10 2.84 -7.79
CA ALA B 85 26.67 4.16 -7.82
C ALA B 85 25.72 5.19 -8.42
N GLN B 86 25.09 4.81 -9.52
CA GLN B 86 24.13 5.73 -10.15
C GLN B 86 22.98 6.11 -9.16
N HIS B 87 22.48 5.10 -8.45
CA HIS B 87 21.43 5.33 -7.48
C HIS B 87 21.92 6.25 -6.37
N ALA B 88 23.15 6.00 -5.93
CA ALA B 88 23.73 6.86 -4.88
C ALA B 88 23.78 8.30 -5.39
N GLU B 89 24.16 8.48 -6.63
CA GLU B 89 24.26 9.84 -7.18
C GLU B 89 22.88 10.53 -7.10
N VAL B 90 21.83 9.78 -7.47
CA VAL B 90 20.48 10.31 -7.38
C VAL B 90 20.19 10.83 -5.95
N LEU B 91 20.50 9.99 -4.97
CA LEU B 91 20.27 10.37 -3.57
C LEU B 91 21.04 11.62 -3.20
N VAL B 92 22.28 11.70 -3.66
CA VAL B 92 23.13 12.83 -3.33
C VAL B 92 22.47 14.13 -3.87
N LYS B 93 21.87 14.05 -5.05
CA LYS B 93 21.24 15.23 -5.62
C LYS B 93 19.93 15.53 -4.88
N SER B 94 19.18 14.50 -4.50
CA SER B 94 17.89 14.74 -3.89
C SER B 94 17.99 15.18 -2.45
N ASN B 95 19.11 14.91 -1.79
CA ASN B 95 19.37 15.39 -0.43
C ASN B 95 20.19 16.66 -0.41
N ASN B 96 20.40 17.28 -1.57
CA ASN B 96 21.04 18.61 -1.67
C ASN B 96 22.45 18.61 -1.09
N LEU B 97 23.23 17.61 -1.46
CA LEU B 97 24.59 17.46 -0.93
C LEU B 97 25.62 17.35 -2.04
N THR B 98 25.33 17.89 -3.22
CA THR B 98 26.21 17.82 -4.37
C THR B 98 27.59 18.44 -4.11
N ASP B 99 27.62 19.46 -3.26
CA ASP B 99 28.92 20.14 -3.00
C ASP B 99 29.71 19.44 -1.90
N ARG B 100 29.16 18.40 -1.30
CA ARG B 100 29.79 17.78 -0.15
C ARG B 100 30.03 16.25 -0.34
N ILE B 101 29.20 15.60 -1.17
CA ILE B 101 29.36 14.21 -1.47
C ILE B 101 29.62 14.05 -2.95
N VAL B 102 30.74 13.41 -3.30
CA VAL B 102 31.13 13.12 -4.64
C VAL B 102 31.14 11.61 -4.80
N VAL B 103 30.24 11.11 -5.64
CA VAL B 103 30.16 9.70 -5.94
C VAL B 103 31.20 9.38 -7.01
N ILE B 104 31.99 8.33 -6.79
CA ILE B 104 32.99 7.90 -7.75
C ILE B 104 32.72 6.45 -8.12
N PRO B 105 32.23 6.21 -9.34
CA PRO B 105 31.99 4.85 -9.79
C PRO B 105 33.30 4.11 -10.09
N GLY B 106 33.39 2.88 -9.62
CA GLY B 106 34.52 2.02 -9.89
C GLY B 106 35.04 1.37 -8.62
N LYS B 107 36.08 0.57 -8.80
CA LYS B 107 36.74 -0.09 -7.69
C LYS B 107 37.73 0.84 -7.00
N VAL B 108 37.79 0.78 -5.68
CA VAL B 108 38.70 1.63 -4.92
C VAL B 108 40.16 1.33 -5.29
N GLU B 109 40.42 0.14 -5.83
CA GLU B 109 41.77 -0.18 -6.27
C GLU B 109 42.09 0.42 -7.66
N GLU B 110 41.11 1.00 -8.32
CA GLU B 110 41.25 1.46 -9.70
C GLU B 110 40.84 2.92 -9.94
N VAL B 111 40.13 3.55 -9.06
CA VAL B 111 39.66 4.94 -9.25
C VAL B 111 40.76 5.93 -8.90
N SER B 112 40.48 7.21 -9.16
CA SER B 112 41.36 8.29 -8.76
C SER B 112 40.63 9.19 -7.73
N LEU B 113 41.29 9.47 -6.62
CA LEU B 113 40.80 10.48 -5.71
C LEU B 113 41.62 11.76 -5.86
N PRO B 114 40.96 12.92 -5.78
CA PRO B 114 41.69 14.15 -5.93
C PRO B 114 42.53 14.57 -4.73
N GLU B 115 42.28 14.03 -3.56
CA GLU B 115 43.01 14.51 -2.37
C GLU B 115 43.07 13.39 -1.33
N GLN B 116 43.94 13.58 -0.34
CA GLN B 116 44.02 12.70 0.80
C GLN B 116 42.91 12.98 1.80
N VAL B 117 42.53 11.97 2.58
CA VAL B 117 41.34 12.09 3.45
C VAL B 117 41.78 12.01 4.91
N ASP B 118 40.97 12.61 5.77
CA ASP B 118 41.20 12.56 7.22
C ASP B 118 40.71 11.24 7.81
N ILE B 119 39.65 10.67 7.25
CA ILE B 119 39.09 9.47 7.84
C ILE B 119 38.45 8.61 6.75
N ILE B 120 38.58 7.30 6.91
CA ILE B 120 37.99 6.36 5.98
C ILE B 120 36.89 5.62 6.73
N ILE B 121 35.69 5.58 6.15
CA ILE B 121 34.58 4.82 6.69
C ILE B 121 34.20 3.75 5.68
N SER B 122 33.70 2.63 6.19
CA SER B 122 33.26 1.54 5.32
C SER B 122 32.53 0.50 6.15
N GLU B 123 31.81 -0.35 5.44
CA GLU B 123 31.18 -1.53 6.04
C GLU B 123 31.68 -2.76 5.27
N PRO B 124 32.90 -3.19 5.54
CA PRO B 124 33.51 -4.25 4.69
C PRO B 124 33.37 -5.69 5.27
N MET B 125 32.60 -5.89 6.32
CA MET B 125 32.55 -7.18 6.99
C MET B 125 31.60 -8.14 6.27
N GLY B 126 32.08 -9.35 5.99
CA GLY B 126 31.22 -10.46 5.57
C GLY B 126 30.96 -11.47 6.62
N TYR B 127 30.29 -12.55 6.24
CA TYR B 127 30.09 -13.69 7.22
C TYR B 127 31.47 -14.10 7.75
N MET B 128 31.51 -14.33 9.07
CA MET B 128 32.75 -14.72 9.73
C MET B 128 33.81 -13.62 9.58
N LEU B 129 33.35 -12.37 9.41
CA LEU B 129 34.18 -11.21 9.19
C LEU B 129 34.80 -11.17 7.84
N PHE B 130 35.54 -12.23 7.46
CA PHE B 130 36.44 -12.14 6.35
C PHE B 130 35.83 -12.43 4.97
N ASN B 131 34.67 -13.11 4.93
CA ASN B 131 34.09 -13.47 3.64
C ASN B 131 33.94 -12.22 2.74
N GLU B 132 34.04 -12.45 1.44
CA GLU B 132 33.94 -11.42 0.37
C GLU B 132 35.28 -10.66 0.16
N ARG B 133 36.23 -10.78 1.09
CA ARG B 133 37.54 -10.18 0.98
C ARG B 133 37.49 -8.64 0.85
N MET B 134 36.43 -8.01 1.30
CA MET B 134 36.32 -6.59 1.15
C MET B 134 37.22 -5.82 2.12
N LEU B 135 37.57 -6.49 3.24
CA LEU B 135 38.53 -5.92 4.18
C LEU B 135 39.84 -5.52 3.46
N GLU B 136 40.23 -6.31 2.45
CA GLU B 136 41.44 -5.99 1.73
C GLU B 136 41.29 -4.64 0.99
N SER B 137 40.14 -4.43 0.36
CA SER B 137 39.86 -3.15 -0.26
C SER B 137 39.91 -2.02 0.76
N TYR B 138 39.35 -2.29 1.93
CA TYR B 138 39.39 -1.34 3.02
C TYR B 138 40.80 -0.96 3.32
N LEU B 139 41.66 -1.97 3.51
CA LEU B 139 43.08 -1.72 3.83
C LEU B 139 43.79 -1.02 2.69
N HIS B 140 43.44 -1.40 1.45
CA HIS B 140 44.06 -0.79 0.30
C HIS B 140 43.80 0.72 0.31
N ALA B 141 42.57 1.11 0.73
CA ALA B 141 42.20 2.53 0.71
C ALA B 141 43.10 3.38 1.59
N LYS B 142 43.90 2.76 2.47
CA LYS B 142 44.83 3.55 3.28
C LYS B 142 45.90 4.26 2.47
N LYS B 143 46.07 3.92 1.19
CA LYS B 143 46.94 4.74 0.35
C LYS B 143 46.45 6.19 0.23
N TYR B 144 45.16 6.44 0.50
CA TYR B 144 44.60 7.78 0.47
C TYR B 144 44.50 8.42 1.84
N LEU B 145 44.99 7.76 2.87
CA LEU B 145 44.81 8.23 4.27
C LEU B 145 45.97 9.16 4.66
N LYS B 146 45.63 10.33 5.18
CA LYS B 146 46.64 11.24 5.71
C LYS B 146 47.37 10.60 6.92
N PRO B 147 48.60 11.00 7.20
CA PRO B 147 49.26 10.50 8.42
C PRO B 147 48.42 10.80 9.67
N SER B 148 48.32 9.82 10.55
CA SER B 148 47.45 9.92 11.74
C SER B 148 45.94 10.05 11.42
N GLY B 149 45.53 9.70 10.22
CA GLY B 149 44.14 9.57 9.89
C GLY B 149 43.50 8.35 10.58
N ASN B 150 42.17 8.36 10.62
CA ASN B 150 41.42 7.32 11.30
C ASN B 150 40.64 6.45 10.35
N MET B 151 40.18 5.30 10.87
CA MET B 151 39.32 4.36 10.15
C MET B 151 38.16 3.94 11.00
N PHE B 152 36.96 3.93 10.40
CA PHE B 152 35.71 3.56 11.05
C PHE B 152 35.05 2.47 10.21
N PRO B 153 35.09 1.20 10.67
CA PRO B 153 35.57 0.77 11.94
C PRO B 153 37.12 0.72 12.08
N THR B 154 37.58 0.75 13.34
CA THR B 154 39.00 0.84 13.63
C THR B 154 39.63 -0.54 13.83
N ILE B 155 38.96 -1.43 14.57
CA ILE B 155 39.48 -2.77 14.74
C ILE B 155 38.39 -3.81 14.54
N GLY B 156 38.81 -5.01 14.22
CA GLY B 156 37.90 -6.16 14.12
C GLY B 156 38.36 -7.37 14.93
N ASP B 157 37.46 -7.97 15.68
CA ASP B 157 37.73 -9.18 16.46
C ASP B 157 36.89 -10.31 15.91
N VAL B 158 37.54 -11.38 15.49
CA VAL B 158 36.86 -12.66 15.19
C VAL B 158 36.88 -13.52 16.43
N HIS B 159 35.74 -14.10 16.75
CA HIS B 159 35.63 -15.03 17.91
C HIS B 159 35.34 -16.44 17.36
N LEU B 160 36.01 -17.40 17.93
CA LEU B 160 35.78 -18.84 17.68
C LEU B 160 35.54 -19.56 19.01
N ALA B 161 34.63 -20.50 19.01
CA ALA B 161 34.29 -21.25 20.25
C ALA B 161 33.78 -22.63 19.90
N PRO B 162 34.13 -23.65 20.65
CA PRO B 162 33.63 -24.99 20.34
C PRO B 162 32.13 -25.10 20.76
N PHE B 163 31.39 -25.90 20.00
CA PHE B 163 29.98 -26.10 20.29
C PHE B 163 29.60 -27.56 20.23
N THR B 164 28.47 -27.88 20.85
CA THR B 164 27.83 -29.21 20.76
C THR B 164 26.44 -29.03 20.19
N ASP B 165 26.10 -29.82 19.17
CA ASP B 165 24.81 -29.77 18.54
C ASP B 165 24.57 -31.06 17.80
N GLU B 166 24.05 -32.03 18.52
CA GLU B 166 23.91 -33.40 18.01
C GLU B 166 22.96 -33.44 16.83
N GLN B 167 21.91 -32.66 16.87
CA GLN B 167 20.89 -32.60 15.82
C GLN B 167 21.43 -32.06 14.50
N LEU B 168 22.21 -30.98 14.58
CA LEU B 168 22.88 -30.42 13.38
C LEU B 168 23.82 -31.44 12.75
N TYR B 169 24.66 -32.06 13.57
CA TYR B 169 25.56 -33.09 13.08
C TYR B 169 24.79 -34.24 12.39
N MET B 170 23.76 -34.69 13.04
CA MET B 170 22.99 -35.84 12.55
C MET B 170 22.26 -35.53 11.24
N GLU B 171 21.73 -34.33 11.14
CA GLU B 171 20.95 -33.97 9.94
C GLU B 171 21.79 -34.06 8.65
N GLN B 172 23.09 -33.95 8.75
CA GLN B 172 23.97 -34.11 7.59
C GLN B 172 23.88 -35.53 7.01
N PHE B 173 23.94 -36.51 7.91
CA PHE B 173 23.80 -37.92 7.46
C PHE B 173 22.37 -38.21 7.07
N THR B 174 21.40 -37.57 7.70
CA THR B 174 20.01 -37.79 7.34
C THR B 174 19.77 -37.32 5.88
N LYS B 175 20.31 -36.15 5.53
CA LYS B 175 20.18 -35.69 4.17
C LYS B 175 20.94 -36.55 3.21
N ALA B 176 22.15 -36.95 3.59
CA ALA B 176 22.98 -37.77 2.68
C ALA B 176 22.39 -39.13 2.44
N ASN B 177 21.65 -39.68 3.40
CA ASN B 177 21.11 -41.04 3.29
C ASN B 177 19.97 -41.19 2.27
N PHE B 178 19.53 -40.11 1.68
CA PHE B 178 18.73 -40.22 0.46
C PHE B 178 19.41 -41.13 -0.59
N TRP B 179 20.74 -41.03 -0.72
CA TRP B 179 21.45 -41.79 -1.68
C TRP B 179 21.70 -43.22 -1.24
N TYR B 180 21.37 -43.60 0.00
CA TYR B 180 21.68 -44.95 0.50
C TYR B 180 20.41 -45.79 0.38
N GLN B 181 20.11 -46.11 -0.85
CA GLN B 181 18.87 -46.69 -1.31
C GLN B 181 19.18 -47.63 -2.52
N PRO B 182 18.79 -48.89 -2.45
CA PRO B 182 19.15 -49.85 -3.48
C PRO B 182 18.19 -49.85 -4.67
N SER B 183 17.03 -49.18 -4.59
CA SER B 183 16.10 -49.24 -5.69
C SER B 183 15.26 -47.97 -5.72
N PHE B 184 15.94 -46.84 -5.92
CA PHE B 184 15.25 -45.58 -6.21
C PHE B 184 14.73 -45.65 -7.61
N HIS B 185 13.42 -45.86 -7.77
CA HIS B 185 12.81 -46.09 -9.09
C HIS B 185 13.65 -47.13 -9.88
N GLY B 186 14.08 -48.16 -9.16
CA GLY B 186 14.85 -49.23 -9.79
C GLY B 186 16.35 -49.02 -9.85
N VAL B 187 16.87 -47.92 -9.33
CA VAL B 187 18.29 -47.59 -9.45
C VAL B 187 18.92 -47.65 -8.05
N ASP B 188 20.10 -48.28 -7.98
CA ASP B 188 20.86 -48.35 -6.76
C ASP B 188 21.77 -47.11 -6.66
N LEU B 189 21.48 -46.24 -5.69
CA LEU B 189 22.15 -44.98 -5.53
C LEU B 189 23.27 -44.96 -4.52
N SER B 190 23.43 -46.06 -3.79
CA SER B 190 24.24 -46.10 -2.57
C SER B 190 25.69 -45.72 -2.75
N ALA B 191 26.21 -45.95 -3.96
CA ALA B 191 27.63 -45.64 -4.23
C ALA B 191 27.95 -44.16 -4.13
N LEU B 192 26.94 -43.27 -4.12
CA LEU B 192 27.18 -41.85 -4.01
C LEU B 192 27.01 -41.31 -2.60
N ARG B 193 26.61 -42.18 -1.66
CA ARG B 193 26.30 -41.66 -0.32
C ARG B 193 27.50 -40.89 0.29
N GLY B 194 28.63 -41.53 0.19
CA GLY B 194 29.89 -40.92 0.69
C GLY B 194 30.17 -39.52 0.12
N ALA B 195 29.97 -39.41 -1.19
CA ALA B 195 30.17 -38.13 -1.85
C ALA B 195 29.22 -37.10 -1.25
N ALA B 196 27.97 -37.50 -1.05
CA ALA B 196 26.99 -36.59 -0.48
C ALA B 196 27.39 -36.12 0.87
N VAL B 197 27.84 -37.04 1.70
CA VAL B 197 28.29 -36.65 3.07
C VAL B 197 29.39 -35.57 2.94
N ASP B 198 30.37 -35.85 2.09
CA ASP B 198 31.48 -34.93 1.95
C ASP B 198 30.97 -33.54 1.57
N GLU B 199 30.06 -33.51 0.59
CA GLU B 199 29.57 -32.26 0.10
C GLU B 199 28.92 -31.46 1.25
N TYR B 200 28.09 -32.11 2.03
CA TYR B 200 27.40 -31.38 3.07
C TYR B 200 28.38 -30.87 4.14
N PHE B 201 29.44 -31.57 4.39
CA PHE B 201 30.37 -31.13 5.39
C PHE B 201 31.37 -30.07 4.89
N ARG B 202 31.38 -29.79 3.59
CA ARG B 202 32.24 -28.71 3.08
C ARG B 202 31.62 -27.27 3.28
N GLN B 203 30.35 -27.19 3.62
CA GLN B 203 29.65 -25.93 3.70
C GLN B 203 29.52 -25.45 5.13
N PRO B 204 30.06 -24.28 5.48
CA PRO B 204 29.77 -23.70 6.75
C PRO B 204 28.28 -23.35 6.87
N VAL B 205 27.78 -23.43 8.09
CA VAL B 205 26.36 -23.34 8.35
C VAL B 205 26.09 -21.92 8.90
N VAL B 206 25.29 -21.16 8.17
CA VAL B 206 24.95 -19.82 8.56
C VAL B 206 23.60 -19.80 9.20
N ASP B 207 23.60 -19.52 10.50
CA ASP B 207 22.36 -19.33 11.26
C ASP B 207 22.74 -18.89 12.64
N THR B 208 21.70 -18.78 13.49
CA THR B 208 21.93 -18.44 14.90
C THR B 208 21.64 -19.67 15.75
N PHE B 209 21.91 -19.56 17.05
CA PHE B 209 21.78 -20.67 17.95
C PHE B 209 21.67 -20.16 19.38
N ASP B 210 21.22 -21.02 20.25
CA ASP B 210 21.19 -20.76 21.68
C ASP B 210 22.63 -20.84 22.21
N ILE B 211 22.96 -19.89 23.08
CA ILE B 211 24.33 -19.83 23.60
C ILE B 211 24.71 -21.04 24.43
N ARG B 212 23.72 -21.82 24.86
CA ARG B 212 23.98 -23.00 25.69
C ARG B 212 24.71 -24.10 24.96
N ILE B 213 24.81 -24.00 23.64
CA ILE B 213 25.57 -25.02 22.88
C ILE B 213 27.08 -24.77 22.95
N LEU B 214 27.50 -23.59 23.38
CA LEU B 214 28.91 -23.24 23.42
C LEU B 214 29.55 -23.87 24.65
N MET B 215 30.71 -24.49 24.48
CA MET B 215 31.32 -25.30 25.51
C MET B 215 32.54 -24.68 26.15
N ALA B 216 32.96 -23.49 25.68
CA ALA B 216 34.12 -22.80 26.22
C ALA B 216 34.06 -21.37 25.85
N LYS B 217 34.75 -20.53 26.63
CA LYS B 217 34.89 -19.13 26.31
C LYS B 217 35.58 -19.02 24.94
N SER B 218 35.14 -18.07 24.14
CA SER B 218 35.69 -17.92 22.80
C SER B 218 37.14 -17.42 22.84
N VAL B 219 37.87 -17.77 21.79
CA VAL B 219 39.20 -17.23 21.54
C VAL B 219 39.03 -16.14 20.47
N LYS B 220 39.82 -15.07 20.62
CA LYS B 220 39.71 -13.87 19.83
C LYS B 220 40.95 -13.66 18.98
N TYR B 221 40.74 -13.41 17.69
CA TYR B 221 41.81 -13.02 16.77
C TYR B 221 41.49 -11.59 16.26
N THR B 222 42.45 -10.68 16.46
CA THR B 222 42.19 -9.26 16.27
C THR B 222 42.97 -8.73 15.07
N VAL B 223 42.33 -7.93 14.25
CA VAL B 223 42.97 -7.18 13.18
C VAL B 223 42.80 -5.70 13.51
N ASN B 224 43.92 -4.98 13.64
CA ASN B 224 43.94 -3.56 13.76
C ASN B 224 44.01 -2.94 12.35
N PHE B 225 42.91 -2.32 11.91
CA PHE B 225 42.84 -1.80 10.55
C PHE B 225 43.77 -0.59 10.31
N LEU B 226 44.12 0.12 11.37
CA LEU B 226 45.09 1.22 11.23
C LEU B 226 46.49 0.69 10.95
N GLU B 227 46.77 -0.54 11.37
CA GLU B 227 48.14 -1.10 11.31
C GLU B 227 48.30 -2.17 10.24
N ALA B 228 47.24 -2.91 9.91
CA ALA B 228 47.38 -4.09 9.09
C ALA B 228 47.58 -3.71 7.62
N LYS B 229 48.25 -4.64 6.90
CA LYS B 229 48.39 -4.60 5.47
C LYS B 229 47.45 -5.58 4.79
N GLU B 230 47.12 -5.31 3.53
CA GLU B 230 46.35 -6.22 2.70
C GLU B 230 46.89 -7.64 2.81
N GLY B 231 48.21 -7.77 2.72
CA GLY B 231 48.90 -9.05 2.81
C GLY B 231 48.59 -9.88 4.04
N ASP B 232 48.25 -9.22 5.15
CA ASP B 232 47.93 -9.93 6.36
C ASP B 232 46.67 -10.80 6.20
N LEU B 233 45.83 -10.52 5.18
CA LEU B 233 44.58 -11.23 5.03
C LEU B 233 44.61 -12.36 3.99
N HIS B 234 45.73 -12.57 3.32
CA HIS B 234 45.77 -13.68 2.33
C HIS B 234 45.83 -15.05 3.04
N ARG B 235 46.41 -15.08 4.22
CA ARG B 235 46.59 -16.30 5.00
C ARG B 235 46.42 -15.85 6.47
N ILE B 236 45.31 -16.27 7.04
CA ILE B 236 44.96 -15.93 8.41
C ILE B 236 45.04 -17.19 9.25
N GLU B 237 46.04 -17.23 10.14
CA GLU B 237 46.27 -18.38 11.02
C GLU B 237 45.81 -18.00 12.40
N ILE B 238 44.83 -18.76 12.91
CA ILE B 238 44.20 -18.48 14.20
C ILE B 238 44.45 -19.69 15.06
N PRO B 239 45.47 -19.61 15.95
CA PRO B 239 45.66 -20.67 16.89
C PRO B 239 44.62 -20.55 18.00
N PHE B 240 44.23 -21.70 18.56
CA PHE B 240 43.29 -21.68 19.65
C PHE B 240 43.63 -22.76 20.64
N LYS B 241 43.35 -22.45 21.89
CA LYS B 241 43.48 -23.37 23.02
C LYS B 241 42.28 -23.03 23.94
N PHE B 242 41.21 -23.82 23.79
CA PHE B 242 40.02 -23.61 24.59
C PHE B 242 40.15 -24.36 25.91
N HIS B 243 39.74 -23.66 27.00
CA HIS B 243 39.63 -24.34 28.28
C HIS B 243 38.16 -24.72 28.44
N MET B 244 37.89 -26.04 28.35
CA MET B 244 36.52 -26.52 28.27
C MET B 244 35.77 -26.20 29.57
N LEU B 245 34.64 -25.54 29.43
CA LEU B 245 33.75 -25.21 30.56
C LEU B 245 32.67 -26.29 30.77
N HIS B 246 32.42 -27.14 29.77
CA HIS B 246 31.42 -28.17 29.86
C HIS B 246 31.92 -29.47 29.26
N SER B 247 31.49 -30.59 29.81
CA SER B 247 31.83 -31.88 29.24
C SER B 247 30.82 -32.27 28.18
N GLY B 248 31.25 -32.87 27.09
CA GLY B 248 30.38 -33.30 26.03
C GLY B 248 31.08 -33.57 24.74
N LEU B 249 30.24 -33.77 23.72
CA LEU B 249 30.78 -34.06 22.37
C LEU B 249 30.91 -32.74 21.61
N VAL B 250 32.10 -32.37 21.21
CA VAL B 250 32.33 -31.19 20.40
C VAL B 250 32.13 -31.53 18.93
N HIS B 251 31.14 -30.93 18.33
CA HIS B 251 30.80 -31.16 16.91
C HIS B 251 31.42 -30.17 15.94
N GLY B 252 32.02 -29.10 16.45
CA GLY B 252 32.70 -28.13 15.61
C GLY B 252 32.92 -26.81 16.28
N LEU B 253 33.26 -25.81 15.49
CA LEU B 253 33.54 -24.45 15.96
C LEU B 253 32.54 -23.46 15.42
N ALA B 254 32.09 -22.58 16.31
CA ALA B 254 31.20 -21.45 15.99
C ALA B 254 32.04 -20.17 15.88
N PHE B 255 31.66 -19.31 14.94
CA PHE B 255 32.37 -18.08 14.59
C PHE B 255 31.39 -16.90 14.66
N TRP B 256 31.87 -15.79 15.23
CA TRP B 256 31.19 -14.51 15.10
C TRP B 256 32.23 -13.40 15.10
N PHE B 257 31.80 -12.14 15.04
CA PHE B 257 32.76 -11.04 15.04
C PHE B 257 32.20 -9.76 15.61
N ASP B 258 33.10 -8.93 16.14
CA ASP B 258 32.81 -7.57 16.54
C ASP B 258 33.70 -6.60 15.78
N VAL B 259 33.25 -5.37 15.64
CA VAL B 259 34.11 -4.28 15.21
C VAL B 259 34.00 -3.13 16.16
N ALA B 260 35.08 -2.35 16.28
CA ALA B 260 35.12 -1.19 17.15
C ALA B 260 35.46 0.04 16.32
N PHE B 261 34.67 1.11 16.57
CA PHE B 261 34.90 2.46 16.03
C PHE B 261 35.52 3.26 17.15
N ILE B 262 36.83 3.47 17.07
CA ILE B 262 37.60 4.11 18.15
C ILE B 262 37.73 5.59 17.78
N GLY B 263 36.83 6.39 18.34
CA GLY B 263 36.80 7.82 18.06
C GLY B 263 37.46 8.65 19.14
N SER B 264 37.61 9.94 18.83
CA SER B 264 38.21 10.87 19.80
C SER B 264 37.34 11.03 21.03
N ILE B 265 36.02 10.94 20.88
CA ILE B 265 35.10 11.14 22.01
C ILE B 265 34.80 9.84 22.73
N MET B 266 34.46 8.79 21.98
CA MET B 266 34.16 7.50 22.60
C MET B 266 34.35 6.37 21.60
N THR B 267 34.52 5.17 22.15
CA THR B 267 34.59 3.96 21.36
C THR B 267 33.26 3.29 21.31
N VAL B 268 32.79 2.93 20.11
CA VAL B 268 31.49 2.27 19.94
C VAL B 268 31.68 0.90 19.33
N TRP B 269 31.01 -0.09 19.89
CA TRP B 269 31.10 -1.47 19.42
C TRP B 269 29.88 -1.93 18.64
N LEU B 270 30.11 -2.64 17.55
CA LEU B 270 29.07 -3.36 16.81
C LEU B 270 29.40 -4.86 16.91
N SER B 271 28.50 -5.60 17.56
CA SER B 271 28.73 -7.01 17.85
C SER B 271 27.75 -7.91 17.12
N THR B 272 28.24 -9.04 16.57
CA THR B 272 27.39 -10.06 15.99
C THR B 272 27.38 -11.34 16.82
N ALA B 273 27.74 -11.24 18.09
CA ALA B 273 27.79 -12.38 18.98
C ALA B 273 26.39 -12.95 19.22
N PRO B 274 26.31 -14.28 19.49
CA PRO B 274 25.02 -14.88 19.81
C PRO B 274 24.46 -14.44 21.17
N THR B 275 25.24 -13.74 22.00
CA THR B 275 24.73 -13.14 23.20
C THR B 275 24.05 -11.77 22.97
N GLU B 276 24.09 -11.27 21.73
CA GLU B 276 23.57 -9.97 21.38
C GLU B 276 22.39 -10.13 20.40
N PRO B 277 21.56 -9.09 20.27
CA PRO B 277 20.50 -9.17 19.27
C PRO B 277 21.04 -9.53 17.85
N LEU B 278 20.20 -10.25 17.13
CA LEU B 278 20.55 -10.84 15.86
C LEU B 278 20.81 -9.76 14.81
N THR B 279 21.80 -10.02 13.96
CA THR B 279 22.07 -9.21 12.78
C THR B 279 21.95 -10.08 11.55
N HIS B 280 22.00 -9.46 10.39
CA HIS B 280 21.93 -10.23 9.14
C HIS B 280 23.19 -11.00 8.81
N TRP B 281 24.23 -10.84 9.64
CA TRP B 281 25.41 -11.74 9.57
C TRP B 281 25.16 -13.08 10.27
N TYR B 282 24.14 -13.16 11.13
CA TYR B 282 23.90 -14.35 11.96
C TYR B 282 25.16 -14.79 12.65
N GLN B 283 25.39 -16.12 12.70
CA GLN B 283 26.67 -16.67 13.11
C GLN B 283 27.00 -17.79 12.13
N VAL B 284 28.28 -18.29 12.21
CA VAL B 284 28.70 -19.32 11.32
C VAL B 284 29.22 -20.52 12.11
N ARG B 285 28.86 -21.73 11.71
CA ARG B 285 29.37 -22.95 12.34
C ARG B 285 30.01 -23.87 11.35
N CYS B 286 31.27 -24.27 11.64
CA CYS B 286 32.00 -25.25 10.83
C CYS B 286 32.02 -26.55 11.65
N LEU B 287 31.45 -27.59 11.10
CA LEU B 287 31.43 -28.91 11.73
C LEU B 287 32.77 -29.66 11.58
N PHE B 288 33.03 -30.51 12.55
CA PHE B 288 34.09 -31.50 12.45
C PHE B 288 33.51 -32.76 11.82
N GLN B 289 34.32 -33.39 10.98
CA GLN B 289 33.93 -34.65 10.36
C GLN B 289 33.65 -35.73 11.42
N SER B 290 34.37 -35.70 12.51
CA SER B 290 34.24 -36.62 13.61
C SER B 290 34.18 -35.78 14.89
N PRO B 291 33.15 -35.96 15.69
CA PRO B 291 33.09 -35.23 16.97
C PRO B 291 34.16 -35.68 17.95
N LEU B 292 34.49 -34.79 18.87
CA LEU B 292 35.53 -35.05 19.87
C LEU B 292 34.96 -35.01 21.24
N PHE B 293 35.14 -36.05 22.07
CA PHE B 293 34.73 -35.97 23.46
C PHE B 293 35.69 -35.15 24.28
N ALA B 294 35.15 -34.21 25.07
CA ALA B 294 35.96 -33.42 25.97
C ALA B 294 35.33 -33.30 27.33
N LYS B 295 36.19 -33.18 28.33
CA LYS B 295 35.77 -33.02 29.74
C LYS B 295 35.97 -31.58 30.11
N ALA B 296 35.11 -31.07 31.01
CA ALA B 296 35.32 -29.77 31.61
C ALA B 296 36.71 -29.72 32.24
N GLY B 297 37.46 -28.65 31.96
CA GLY B 297 38.84 -28.55 32.41
C GLY B 297 39.90 -29.12 31.45
N ASP B 298 39.51 -29.93 30.47
CA ASP B 298 40.41 -30.29 29.36
C ASP B 298 40.70 -29.06 28.50
N THR B 299 41.68 -29.22 27.64
CA THR B 299 42.05 -28.20 26.66
C THR B 299 41.85 -28.75 25.27
N LEU B 300 41.14 -27.97 24.44
CA LEU B 300 40.95 -28.32 23.03
C LEU B 300 41.78 -27.34 22.22
N SER B 301 42.86 -27.84 21.60
CA SER B 301 43.84 -26.97 20.96
C SER B 301 43.91 -27.29 19.46
N GLY B 302 44.29 -26.27 18.69
CA GLY B 302 44.46 -26.47 17.28
C GLY B 302 44.57 -25.17 16.54
N THR B 303 44.22 -25.25 15.27
CA THR B 303 44.40 -24.14 14.37
C THR B 303 43.25 -24.05 13.39
N CYS B 304 42.83 -22.79 13.18
CA CYS B 304 41.95 -22.45 12.07
C CYS B 304 42.75 -21.64 11.07
N LEU B 305 42.93 -22.18 9.86
CA LEU B 305 43.69 -21.50 8.82
C LEU B 305 42.74 -21.10 7.70
N LEU B 306 42.67 -19.82 7.40
CA LEU B 306 41.85 -19.29 6.34
C LEU B 306 42.77 -18.88 5.21
N ILE B 307 42.62 -19.53 4.05
CA ILE B 307 43.46 -19.29 2.93
C ILE B 307 42.60 -18.62 1.87
N ALA B 308 42.95 -17.38 1.52
CA ALA B 308 42.18 -16.62 0.56
C ALA B 308 42.26 -17.29 -0.85
N ASN B 309 41.14 -17.29 -1.54
CA ASN B 309 41.06 -17.78 -2.91
C ASN B 309 40.58 -16.64 -3.82
N LYS B 310 40.62 -16.90 -5.12
CA LYS B 310 40.29 -15.87 -6.10
C LYS B 310 38.79 -15.74 -6.40
N ARG B 311 37.98 -16.50 -5.66
CA ARG B 311 36.52 -16.36 -5.68
C ARG B 311 36.05 -15.40 -4.59
N GLN B 312 36.90 -14.49 -4.15
CA GLN B 312 36.53 -13.51 -3.11
C GLN B 312 36.12 -14.18 -1.81
N SER B 313 36.75 -15.31 -1.49
CA SER B 313 36.38 -16.02 -0.29
C SER B 313 37.62 -16.76 0.25
N TYR B 314 37.41 -17.73 1.12
CA TYR B 314 38.44 -18.42 1.81
C TYR B 314 38.15 -19.93 1.84
N ASP B 315 39.19 -20.72 1.69
CA ASP B 315 39.20 -22.12 2.07
C ASP B 315 39.58 -22.22 3.54
N ILE B 316 38.73 -22.88 4.33
CA ILE B 316 38.88 -22.96 5.76
C ILE B 316 39.41 -24.33 6.10
N SER B 317 40.50 -24.36 6.89
CA SER B 317 41.05 -25.61 7.39
C SER B 317 41.03 -25.57 8.87
N ILE B 318 40.39 -26.55 9.50
CA ILE B 318 40.35 -26.63 10.97
C ILE B 318 40.98 -27.94 11.42
N VAL B 319 41.99 -27.85 12.24
CA VAL B 319 42.53 -28.99 12.99
C VAL B 319 42.31 -28.78 14.47
N ALA B 320 41.82 -29.80 15.14
CA ALA B 320 41.55 -29.69 16.60
C ALA B 320 41.87 -30.99 17.28
N GLN B 321 42.29 -30.90 18.54
CA GLN B 321 42.61 -32.09 19.29
C GLN B 321 42.33 -31.84 20.77
N VAL B 322 41.96 -32.90 21.48
CA VAL B 322 41.86 -32.87 22.91
C VAL B 322 43.20 -33.26 23.48
N ASP B 323 43.86 -32.29 24.12
CA ASP B 323 45.26 -32.51 24.53
C ASP B 323 45.38 -33.67 25.53
N GLN B 324 44.42 -33.74 26.44
CA GLN B 324 44.45 -34.76 27.51
C GLN B 324 44.23 -36.17 26.98
N THR B 325 43.64 -36.35 25.83
CA THR B 325 43.38 -37.70 25.27
C THR B 325 43.98 -37.94 23.90
N GLY B 326 44.50 -36.91 23.23
CA GLY B 326 44.99 -37.02 21.87
C GLY B 326 43.99 -37.31 20.78
N SER B 327 42.69 -37.23 21.09
CA SER B 327 41.68 -37.43 20.03
C SER B 327 41.68 -36.20 19.08
N LYS B 328 41.74 -36.43 17.80
CA LYS B 328 41.96 -35.42 16.80
C LYS B 328 40.82 -35.42 15.76
N SER B 329 40.56 -34.25 15.19
CA SER B 329 39.62 -34.11 14.09
C SER B 329 40.05 -32.96 13.18
N SER B 330 39.81 -33.08 11.87
CA SER B 330 40.04 -32.08 10.88
C SER B 330 38.74 -31.76 10.10
N ASN B 331 38.69 -30.60 9.45
CA ASN B 331 37.81 -30.39 8.34
C ASN B 331 38.34 -29.35 7.35
N LEU B 332 37.89 -29.42 6.12
CA LEU B 332 38.09 -28.40 5.09
C LEU B 332 36.74 -27.92 4.57
N LEU B 333 36.55 -26.61 4.59
CA LEU B 333 35.26 -26.02 4.25
C LEU B 333 35.47 -24.95 3.16
N ASP B 334 34.43 -24.77 2.35
CA ASP B 334 34.42 -23.81 1.31
C ASP B 334 33.47 -22.65 1.73
N LEU B 335 34.05 -21.56 2.23
CA LEU B 335 33.26 -20.43 2.70
C LEU B 335 32.50 -19.70 1.60
N LYS B 336 32.87 -19.92 0.33
CA LYS B 336 32.15 -19.29 -0.78
C LYS B 336 30.72 -19.80 -0.89
N ASN B 337 30.47 -21.06 -0.49
CA ASN B 337 29.18 -21.71 -0.65
C ASN B 337 28.61 -22.13 0.73
N PRO B 338 28.20 -21.17 1.55
CA PRO B 338 27.65 -21.52 2.85
C PRO B 338 26.22 -22.09 2.72
N PHE B 339 25.78 -22.79 3.75
CA PHE B 339 24.47 -23.35 3.80
C PHE B 339 23.62 -22.46 4.72
N PHE B 340 22.63 -21.78 4.14
CA PHE B 340 21.78 -20.89 4.89
C PHE B 340 20.69 -21.70 5.56
N ARG B 341 20.91 -22.03 6.84
CA ARG B 341 19.99 -22.92 7.57
C ARG B 341 18.80 -22.23 8.18
N TYR B 342 18.89 -20.95 8.48
CA TYR B 342 17.65 -20.18 8.84
C TYR B 342 16.62 -20.20 7.67
N SER C 1 -18.52 42.13 15.25
CA SER C 1 -18.18 41.64 16.62
C SER C 1 -16.94 40.76 16.57
N VAL C 2 -16.50 40.33 17.75
CA VAL C 2 -15.35 39.35 17.81
C VAL C 2 -15.61 38.11 16.94
N PHE C 3 -16.84 37.61 16.99
CA PHE C 3 -17.17 36.41 16.26
C PHE C 3 -17.07 36.63 14.75
N SER C 4 -17.71 37.69 14.27
CA SER C 4 -17.69 37.98 12.84
C SER C 4 -16.27 38.28 12.38
N GLU C 5 -15.46 38.91 13.25
CA GLU C 5 -14.11 39.26 12.86
C GLU C 5 -13.23 37.99 12.71
N ARG C 6 -13.48 36.96 13.51
CA ARG C 6 -12.70 35.74 13.41
C ARG C 6 -13.32 34.65 12.50
N THR C 7 -14.49 34.90 11.90
CA THR C 7 -15.21 33.84 11.20
C THR C 7 -15.64 34.25 9.80
N GLU C 8 -15.30 33.42 8.81
CA GLU C 8 -15.84 33.60 7.47
C GLU C 8 -17.39 33.37 7.51
N GLU C 9 -18.11 34.20 6.78
CA GLU C 9 -19.57 34.13 6.78
C GLU C 9 -20.12 32.81 6.23
N SER C 10 -19.50 32.27 5.19
CA SER C 10 -19.96 31.02 4.64
C SER C 10 -19.88 29.88 5.70
N SER C 11 -18.80 29.91 6.51
CA SER C 11 -18.61 28.90 7.52
C SER C 11 -19.65 29.03 8.64
N ALA C 12 -19.91 30.28 9.04
CA ALA C 12 -20.90 30.54 10.10
C ALA C 12 -22.32 30.11 9.63
N VAL C 13 -22.62 30.38 8.36
CA VAL C 13 -23.92 30.03 7.83
C VAL C 13 -24.10 28.50 7.95
N GLN C 14 -23.13 27.76 7.41
CA GLN C 14 -23.21 26.32 7.44
C GLN C 14 -23.27 25.79 8.91
N TYR C 15 -22.49 26.39 9.78
CA TYR C 15 -22.35 25.93 11.17
C TYR C 15 -23.70 26.04 11.90
N PHE C 16 -24.32 27.22 11.83
CA PHE C 16 -25.57 27.41 12.56
C PHE C 16 -26.76 26.71 11.88
N GLN C 17 -26.71 26.57 10.55
CA GLN C 17 -27.69 25.74 9.87
C GLN C 17 -27.60 24.28 10.43
N PHE C 18 -26.38 23.77 10.55
CA PHE C 18 -26.15 22.44 11.06
C PHE C 18 -26.74 22.27 12.50
N TYR C 19 -26.50 23.23 13.36
CA TYR C 19 -26.99 23.12 14.70
C TYR C 19 -28.49 23.51 14.83
N GLY C 20 -29.13 23.99 13.77
CA GLY C 20 -30.54 24.22 13.79
C GLY C 20 -31.43 22.98 13.67
N TYR C 21 -30.82 21.81 13.40
CA TYR C 21 -31.54 20.58 13.19
C TYR C 21 -31.82 19.87 14.50
N LEU C 22 -33.06 19.49 14.72
CA LEU C 22 -33.40 18.70 15.89
C LEU C 22 -32.69 17.38 15.89
N SER C 23 -32.49 16.75 14.73
CA SER C 23 -31.77 15.51 14.67
C SER C 23 -30.35 15.58 15.25
N GLN C 24 -29.67 16.72 15.04
CA GLN C 24 -28.35 16.89 15.58
C GLN C 24 -28.31 17.09 17.09
N GLN C 25 -29.25 17.90 17.57
CA GLN C 25 -29.44 18.08 19.02
C GLN C 25 -29.72 16.71 19.62
N GLN C 26 -30.59 15.92 19.00
CA GLN C 26 -30.93 14.59 19.47
C GLN C 26 -29.66 13.73 19.57
N ASN C 27 -28.85 13.75 18.50
CA ASN C 27 -27.64 12.97 18.49
C ASN C 27 -26.74 13.30 19.71
N MET C 28 -26.60 14.57 20.00
CA MET C 28 -25.77 14.94 21.13
C MET C 28 -26.42 14.61 22.49
N MET C 29 -27.76 14.84 22.60
CA MET C 29 -28.46 14.52 23.82
C MET C 29 -28.45 13.03 24.13
N GLN C 30 -28.45 12.18 23.09
CA GLN C 30 -28.40 10.71 23.28
C GLN C 30 -27.07 10.19 23.71
N ASP C 31 -26.04 10.99 23.72
CA ASP C 31 -24.75 10.55 24.27
C ASP C 31 -24.92 10.55 25.80
N TYR C 32 -25.17 9.35 26.34
CA TYR C 32 -25.51 9.27 27.73
C TYR C 32 -24.35 9.62 28.66
N VAL C 33 -23.15 9.25 28.28
CA VAL C 33 -21.96 9.64 29.11
C VAL C 33 -21.90 11.18 29.24
N ARG C 34 -22.05 11.87 28.12
CA ARG C 34 -22.00 13.33 28.11
C ARG C 34 -23.14 13.97 28.92
N THR C 35 -24.37 13.63 28.57
CA THR C 35 -25.53 14.23 29.22
C THR C 35 -25.62 13.85 30.71
N GLY C 36 -25.39 12.60 31.00
CA GLY C 36 -25.43 12.09 32.38
C GLY C 36 -24.37 12.71 33.25
N THR C 37 -23.17 12.85 32.68
CA THR C 37 -22.07 13.42 33.44
C THR C 37 -22.34 14.93 33.69
N TYR C 38 -22.85 15.65 32.69
CA TYR C 38 -23.17 17.04 32.89
C TYR C 38 -24.23 17.18 34.01
N GLN C 39 -25.31 16.38 33.94
CA GLN C 39 -26.35 16.47 34.96
C GLN C 39 -25.77 16.19 36.34
N ARG C 40 -24.94 15.15 36.43
CA ARG C 40 -24.32 14.76 37.69
C ARG C 40 -23.43 15.91 38.24
N ALA C 41 -22.57 16.46 37.41
CA ALA C 41 -21.74 17.56 37.81
C ALA C 41 -22.54 18.76 38.33
N ILE C 42 -23.64 19.08 37.67
CA ILE C 42 -24.45 20.20 38.10
C ILE C 42 -25.27 19.90 39.37
N LEU C 43 -25.90 18.75 39.45
CA LEU C 43 -26.76 18.41 40.57
C LEU C 43 -25.96 18.12 41.85
N GLN C 44 -24.83 17.47 41.72
N GLN C 44 -24.81 17.46 41.71
CA GLN C 44 -24.01 17.20 42.90
CA GLN C 44 -23.98 17.19 42.86
C GLN C 44 -23.31 18.45 43.43
C GLN C 44 -23.24 18.42 43.38
N ASN C 45 -23.21 19.49 42.60
CA ASN C 45 -22.68 20.79 43.06
C ASN C 45 -23.84 21.80 43.17
N HIS C 46 -24.92 21.43 43.83
CA HIS C 46 -26.10 22.25 43.85
C HIS C 46 -25.90 23.59 44.53
N THR C 47 -24.94 23.70 45.43
CA THR C 47 -24.68 24.99 46.07
C THR C 47 -24.12 26.02 45.11
N ASP C 48 -23.48 25.55 44.02
CA ASP C 48 -22.99 26.46 42.97
C ASP C 48 -24.09 26.99 42.07
N PHE C 49 -25.32 26.47 42.21
CA PHE C 49 -26.44 26.92 41.42
C PHE C 49 -27.62 27.47 42.21
N LYS C 50 -27.81 27.01 43.44
CA LYS C 50 -28.99 27.37 44.25
C LYS C 50 -29.04 28.87 44.45
N ASP C 51 -30.14 29.48 43.99
CA ASP C 51 -30.37 30.93 44.06
C ASP C 51 -29.32 31.75 43.33
N LYS C 52 -28.64 31.16 42.35
CA LYS C 52 -27.58 31.86 41.62
C LYS C 52 -28.07 32.34 40.25
N ILE C 53 -27.23 33.17 39.63
CA ILE C 53 -27.43 33.60 38.25
C ILE C 53 -26.50 32.82 37.33
N VAL C 54 -27.08 32.26 36.25
CA VAL C 54 -26.35 31.32 35.38
C VAL C 54 -26.42 31.82 33.96
N LEU C 55 -25.32 31.72 33.24
CA LEU C 55 -25.32 31.92 31.77
C LEU C 55 -25.00 30.56 31.09
N ASP C 56 -25.87 30.15 30.18
CA ASP C 56 -25.69 28.92 29.40
C ASP C 56 -25.25 29.35 27.98
N VAL C 57 -24.00 29.11 27.63
CA VAL C 57 -23.46 29.54 26.37
C VAL C 57 -23.71 28.53 25.30
N GLY C 58 -24.53 28.88 24.31
CA GLY C 58 -24.87 27.88 23.26
C GLY C 58 -25.79 26.80 23.81
N CYS C 59 -26.99 27.18 24.25
CA CYS C 59 -27.84 26.27 25.03
C CYS C 59 -28.41 25.11 24.19
N GLY C 60 -28.45 25.30 22.88
CA GLY C 60 -29.04 24.33 22.02
C GLY C 60 -30.50 24.06 22.40
N SER C 61 -30.81 22.79 22.70
CA SER C 61 -32.13 22.43 23.17
C SER C 61 -32.50 23.07 24.51
N GLY C 62 -31.52 23.52 25.28
CA GLY C 62 -31.71 24.04 26.62
C GLY C 62 -31.41 23.05 27.74
N ILE C 63 -30.92 21.87 27.42
CA ILE C 63 -30.78 20.80 28.42
C ILE C 63 -29.98 21.19 29.66
N LEU C 64 -28.86 21.85 29.46
CA LEU C 64 -28.04 22.28 30.61
C LEU C 64 -28.75 23.36 31.44
N SER C 65 -29.51 24.22 30.78
CA SER C 65 -30.31 25.22 31.49
C SER C 65 -31.36 24.54 32.36
N PHE C 66 -31.98 23.47 31.85
CA PHE C 66 -32.90 22.69 32.67
C PHE C 66 -32.20 22.04 33.86
N PHE C 67 -30.97 21.58 33.64
CA PHE C 67 -30.21 21.03 34.74
C PHE C 67 -29.92 22.07 35.80
N ALA C 68 -29.53 23.28 35.38
CA ALA C 68 -29.27 24.35 36.31
C ALA C 68 -30.57 24.73 37.09
N ALA C 69 -31.71 24.70 36.40
CA ALA C 69 -32.96 24.95 37.08
C ALA C 69 -33.27 23.84 38.10
N GLN C 70 -32.95 22.59 37.77
CA GLN C 70 -33.12 21.49 38.71
C GLN C 70 -32.26 21.68 39.97
N ALA C 71 -31.10 22.29 39.80
CA ALA C 71 -30.21 22.56 40.94
C ALA C 71 -30.57 23.82 41.72
N GLY C 72 -31.64 24.51 41.36
CA GLY C 72 -32.20 25.57 42.18
C GLY C 72 -31.80 26.98 41.72
N ALA C 73 -31.33 27.14 40.45
CA ALA C 73 -30.92 28.45 40.00
C ALA C 73 -32.10 29.41 40.05
N ARG C 74 -31.79 30.68 40.35
CA ARG C 74 -32.85 31.71 40.34
C ARG C 74 -33.13 32.22 38.95
N LYS C 75 -32.09 32.44 38.13
CA LYS C 75 -32.25 32.93 36.79
C LYS C 75 -31.15 32.35 35.89
N ILE C 76 -31.54 31.85 34.73
CA ILE C 76 -30.64 31.30 33.74
C ILE C 76 -30.83 31.98 32.43
N TYR C 77 -29.79 32.61 31.90
CA TYR C 77 -29.80 33.18 30.56
C TYR C 77 -29.19 32.16 29.60
N ALA C 78 -29.99 31.72 28.62
CA ALA C 78 -29.59 30.68 27.72
C ALA C 78 -29.44 31.26 26.34
N VAL C 79 -28.19 31.40 25.89
CA VAL C 79 -27.89 32.12 24.66
C VAL C 79 -27.75 31.15 23.54
N GLU C 80 -28.42 31.44 22.40
CA GLU C 80 -28.32 30.44 21.29
C GLU C 80 -28.46 31.18 19.97
N ALA C 81 -27.56 30.88 19.03
CA ALA C 81 -27.47 31.64 17.78
C ALA C 81 -28.16 30.96 16.61
N SER C 82 -28.37 29.66 16.67
CA SER C 82 -29.13 28.98 15.62
C SER C 82 -30.65 29.14 15.87
N THR C 83 -31.42 28.65 14.91
CA THR C 83 -32.88 28.61 15.07
C THR C 83 -33.37 27.64 16.17
N MET C 84 -32.49 26.81 16.67
CA MET C 84 -32.76 25.99 17.84
C MET C 84 -33.24 26.80 19.04
N ALA C 85 -32.89 28.09 19.07
CA ALA C 85 -33.35 28.98 20.11
C ALA C 85 -34.89 28.94 20.25
N GLN C 86 -35.55 28.97 19.11
CA GLN C 86 -37.02 28.95 19.09
CA GLN C 86 -37.01 28.95 19.11
C GLN C 86 -37.55 27.66 19.81
N HIS C 87 -36.93 26.53 19.45
CA HIS C 87 -37.30 25.28 20.01
C HIS C 87 -37.06 25.28 21.50
N ALA C 88 -35.94 25.85 21.92
CA ALA C 88 -35.65 25.93 23.35
C ALA C 88 -36.75 26.68 24.07
N GLU C 89 -37.20 27.75 23.48
CA GLU C 89 -38.26 28.55 24.16
C GLU C 89 -39.52 27.68 24.32
N VAL C 90 -39.85 26.91 23.29
CA VAL C 90 -40.98 25.97 23.41
C VAL C 90 -40.85 25.09 24.64
N LEU C 91 -39.67 24.49 24.81
CA LEU C 91 -39.48 23.57 25.93
C LEU C 91 -39.61 24.31 27.24
N VAL C 92 -39.06 25.54 27.29
CA VAL C 92 -39.08 26.32 28.50
C VAL C 92 -40.57 26.58 28.89
N LYS C 93 -41.42 26.82 27.91
CA LYS C 93 -42.83 27.06 28.23
C LYS C 93 -43.54 25.75 28.60
N SER C 94 -43.18 24.65 27.95
CA SER C 94 -43.90 23.40 28.22
C SER C 94 -43.48 22.77 29.52
N ASN C 95 -42.28 23.11 30.01
CA ASN C 95 -41.81 22.66 31.35
C ASN C 95 -42.08 23.66 32.44
N ASN C 96 -42.84 24.69 32.16
CA ASN C 96 -43.33 25.66 33.17
C ASN C 96 -42.19 26.35 33.91
N LEU C 97 -41.21 26.82 33.16
CA LEU C 97 -40.00 27.40 33.70
C LEU C 97 -39.75 28.79 33.11
N THR C 98 -40.82 29.46 32.65
CA THR C 98 -40.72 30.77 32.10
C THR C 98 -40.21 31.81 33.11
N ASP C 99 -40.40 31.56 34.41
CA ASP C 99 -39.92 32.49 35.41
C ASP C 99 -38.43 32.29 35.77
N ARG C 100 -37.77 31.31 35.18
CA ARG C 100 -36.39 30.96 35.59
C ARG C 100 -35.44 30.85 34.43
N ILE C 101 -35.93 30.45 33.23
CA ILE C 101 -35.05 30.30 32.08
C ILE C 101 -35.42 31.26 30.99
N VAL C 102 -34.49 32.13 30.59
CA VAL C 102 -34.73 33.16 29.61
C VAL C 102 -33.86 32.89 28.43
N VAL C 103 -34.50 32.55 27.30
CA VAL C 103 -33.74 32.26 26.10
C VAL C 103 -33.41 33.60 25.40
N ILE C 104 -32.16 33.77 25.00
CA ILE C 104 -31.69 34.99 24.35
C ILE C 104 -31.08 34.59 23.00
N PRO C 105 -31.80 34.91 21.90
CA PRO C 105 -31.33 34.48 20.60
C PRO C 105 -30.16 35.37 20.12
N GLY C 106 -29.15 34.75 19.57
CA GLY C 106 -28.02 35.47 19.04
C GLY C 106 -26.71 34.84 19.49
N LYS C 107 -25.61 35.44 19.01
CA LYS C 107 -24.27 35.00 19.40
C LYS C 107 -23.90 35.67 20.73
N VAL C 108 -23.23 34.93 21.59
CA VAL C 108 -22.82 35.44 22.90
C VAL C 108 -21.85 36.60 22.76
N GLU C 109 -21.21 36.75 21.59
CA GLU C 109 -20.37 37.91 21.33
C GLU C 109 -21.16 39.13 20.93
N GLU C 110 -22.45 39.01 20.69
CA GLU C 110 -23.25 40.09 20.10
C GLU C 110 -24.48 40.47 20.92
N VAL C 111 -24.98 39.64 21.78
CA VAL C 111 -26.19 39.91 22.53
C VAL C 111 -25.89 40.78 23.75
N SER C 112 -26.91 41.22 24.43
CA SER C 112 -26.79 41.99 25.67
C SER C 112 -27.47 41.19 26.79
N LEU C 113 -26.76 41.00 27.88
CA LEU C 113 -27.33 40.35 29.06
C LEU C 113 -27.64 41.37 30.11
N PRO C 114 -28.75 41.23 30.83
CA PRO C 114 -29.18 42.31 31.71
C PRO C 114 -28.38 42.43 33.00
N GLU C 115 -27.64 41.45 33.39
CA GLU C 115 -26.91 41.45 34.64
C GLU C 115 -25.68 40.46 34.51
N GLN C 116 -24.79 40.57 35.48
CA GLN C 116 -23.67 39.67 35.59
C GLN C 116 -24.09 38.36 36.24
N VAL C 117 -23.36 37.30 35.97
CA VAL C 117 -23.78 35.94 36.35
C VAL C 117 -22.81 35.35 37.34
N ASP C 118 -23.32 34.43 38.15
CA ASP C 118 -22.46 33.74 39.14
C ASP C 118 -21.68 32.61 38.48
N ILE C 119 -22.25 31.97 37.47
CA ILE C 119 -21.62 30.81 36.90
C ILE C 119 -21.96 30.71 35.42
N ILE C 120 -20.96 30.28 34.64
CA ILE C 120 -21.16 30.05 33.23
C ILE C 120 -21.10 28.56 32.98
N ILE C 121 -22.12 28.00 32.32
CA ILE C 121 -22.11 26.61 31.91
C ILE C 121 -22.14 26.57 30.39
N SER C 122 -21.52 25.53 29.82
CA SER C 122 -21.56 25.37 28.38
C SER C 122 -21.04 23.99 28.03
N GLU C 123 -21.29 23.61 26.79
CA GLU C 123 -20.72 22.44 26.17
C GLU C 123 -19.94 22.86 24.94
N PRO C 124 -18.74 23.44 25.15
CA PRO C 124 -18.01 24.04 24.02
C PRO C 124 -16.95 23.11 23.40
N MET C 125 -16.87 21.85 23.79
CA MET C 125 -15.82 20.96 23.30
C MET C 125 -16.24 20.39 21.93
N GLY C 126 -15.36 20.53 20.94
CA GLY C 126 -15.45 19.79 19.68
C GLY C 126 -14.53 18.60 19.62
N TYR C 127 -14.49 17.97 18.44
CA TYR C 127 -13.48 16.91 18.21
C TYR C 127 -12.07 17.45 18.55
N MET C 128 -11.30 16.62 19.23
CA MET C 128 -9.95 17.00 19.68
C MET C 128 -9.99 18.23 20.59
N LEU C 129 -11.13 18.40 21.27
CA LEU C 129 -11.39 19.53 22.15
C LEU C 129 -11.61 20.82 21.39
N PHE C 130 -10.66 21.20 20.54
CA PHE C 130 -10.62 22.56 20.02
C PHE C 130 -11.45 22.83 18.76
N ASN C 131 -11.87 21.80 18.05
CA ASN C 131 -12.66 22.00 16.84
C ASN C 131 -13.89 22.87 17.13
N GLU C 132 -14.29 23.65 16.13
CA GLU C 132 -15.44 24.57 16.17
C GLU C 132 -15.11 25.91 16.80
N ARG C 133 -13.95 26.02 17.49
CA ARG C 133 -13.51 27.27 18.13
C ARG C 133 -14.54 27.83 19.08
N MET C 134 -15.31 26.94 19.69
CA MET C 134 -16.37 27.39 20.59
C MET C 134 -15.85 27.77 21.93
N LEU C 135 -14.70 27.19 22.30
CA LEU C 135 -14.05 27.57 23.59
C LEU C 135 -13.81 29.10 23.67
N GLU C 136 -13.50 29.70 22.55
CA GLU C 136 -13.28 31.14 22.53
C GLU C 136 -14.58 31.90 22.86
N SER C 137 -15.70 31.44 22.33
CA SER C 137 -16.97 32.04 22.72
C SER C 137 -17.22 31.85 24.22
N TYR C 138 -16.89 30.67 24.70
CA TYR C 138 -17.02 30.36 26.12
C TYR C 138 -16.18 31.35 26.90
N LEU C 139 -14.91 31.55 26.49
CA LEU C 139 -14.02 32.45 27.20
C LEU C 139 -14.50 33.88 27.07
N HIS C 140 -15.03 34.22 25.91
CA HIS C 140 -15.57 35.59 25.69
C HIS C 140 -16.67 35.86 26.71
N ALA C 141 -17.47 34.85 27.01
CA ALA C 141 -18.60 35.04 27.94
C ALA C 141 -18.14 35.46 29.34
N LYS C 142 -16.86 35.37 29.62
CA LYS C 142 -16.36 35.78 30.93
C LYS C 142 -16.50 37.28 31.16
N LYS C 143 -16.74 38.06 30.10
CA LYS C 143 -17.12 39.46 30.31
C LYS C 143 -18.39 39.62 31.15
N TYR C 144 -19.23 38.59 31.25
CA TYR C 144 -20.42 38.62 32.09
C TYR C 144 -20.25 37.97 33.43
N LEU C 145 -19.06 37.49 33.75
CA LEU C 145 -18.85 36.70 34.97
C LEU C 145 -18.47 37.63 36.15
N LYS C 146 -19.18 37.48 37.25
CA LYS C 146 -18.86 38.19 38.46
C LYS C 146 -17.47 37.79 38.98
N PRO C 147 -16.81 38.67 39.73
CA PRO C 147 -15.57 38.27 40.38
C PRO C 147 -15.75 37.03 41.26
N SER C 148 -14.82 36.10 41.16
CA SER C 148 -14.92 34.81 41.87
C SER C 148 -16.10 33.91 41.36
N GLY C 149 -16.64 34.21 40.20
CA GLY C 149 -17.53 33.34 39.52
C GLY C 149 -16.85 32.07 39.00
N ASN C 150 -17.67 31.05 38.72
CA ASN C 150 -17.19 29.77 38.29
C ASN C 150 -17.58 29.46 36.85
N MET C 151 -16.91 28.44 36.28
CA MET C 151 -17.20 27.94 34.94
C MET C 151 -17.30 26.42 34.93
N PHE C 152 -18.32 25.92 34.24
CA PHE C 152 -18.61 24.49 34.13
C PHE C 152 -18.73 24.15 32.63
N PRO C 153 -17.72 23.51 32.04
CA PRO C 153 -16.53 22.95 32.71
C PRO C 153 -15.48 23.96 33.15
N THR C 154 -14.65 23.56 34.10
CA THR C 154 -13.66 24.45 34.67
C THR C 154 -12.29 24.34 33.98
N ILE C 155 -11.82 23.13 33.71
CA ILE C 155 -10.54 22.96 33.00
C ILE C 155 -10.70 21.89 31.92
N GLY C 156 -9.80 21.94 30.96
CA GLY C 156 -9.67 20.94 29.91
C GLY C 156 -8.27 20.37 29.77
N ASP C 157 -8.16 19.04 29.71
CA ASP C 157 -6.88 18.36 29.42
C ASP C 157 -6.96 17.68 28.06
N VAL C 158 -6.09 18.05 27.16
CA VAL C 158 -5.87 17.35 25.93
C VAL C 158 -4.72 16.34 26.13
N HIS C 159 -4.95 15.09 25.70
CA HIS C 159 -3.96 14.05 25.76
C HIS C 159 -3.52 13.67 24.33
N LEU C 160 -2.23 13.46 24.17
CA LEU C 160 -1.64 13.00 22.92
C LEU C 160 -0.75 11.78 23.20
N ALA C 161 -0.78 10.80 22.30
CA ALA C 161 0.11 9.64 22.41
C ALA C 161 0.40 9.04 21.08
N PRO C 162 1.61 8.54 20.85
CA PRO C 162 1.90 7.89 19.55
C PRO C 162 1.20 6.53 19.43
N PHE C 163 0.76 6.19 18.22
CA PHE C 163 0.11 4.92 17.99
C PHE C 163 0.64 4.20 16.76
N THR C 164 0.38 2.88 16.71
CA THR C 164 0.67 2.05 15.55
C THR C 164 -0.62 1.42 15.07
N ASP C 165 -0.91 1.51 13.79
CA ASP C 165 -2.12 0.96 13.20
C ASP C 165 -1.92 0.80 11.72
N GLU C 166 -1.34 -0.32 11.32
CA GLU C 166 -0.97 -0.57 9.94
C GLU C 166 -2.17 -0.58 9.04
N GLN C 167 -3.28 -1.14 9.51
CA GLN C 167 -4.50 -1.27 8.71
C GLN C 167 -5.12 0.12 8.38
N LEU C 168 -5.14 1.02 9.34
CA LEU C 168 -5.64 2.38 9.09
C LEU C 168 -4.78 3.12 8.08
N TYR C 169 -3.47 3.07 8.29
CA TYR C 169 -2.52 3.69 7.37
C TYR C 169 -2.73 3.16 5.96
N MET C 170 -2.84 1.83 5.85
CA MET C 170 -2.97 1.19 4.57
C MET C 170 -4.29 1.56 3.89
N GLU C 171 -5.36 1.67 4.66
CA GLU C 171 -6.66 2.01 4.11
C GLU C 171 -6.64 3.44 3.49
N GLN C 172 -6.07 4.39 4.24
CA GLN C 172 -5.93 5.73 3.68
C GLN C 172 -5.03 5.79 2.47
N PHE C 173 -3.89 5.06 2.55
CA PHE C 173 -2.93 5.05 1.49
C PHE C 173 -3.51 4.43 0.20
N THR C 174 -4.31 3.40 0.36
CA THR C 174 -4.96 2.74 -0.75
C THR C 174 -5.98 3.69 -1.37
N LYS C 175 -6.72 4.45 -0.56
CA LYS C 175 -7.61 5.42 -1.15
C LYS C 175 -6.82 6.47 -1.97
N ALA C 176 -5.70 6.94 -1.43
CA ALA C 176 -4.92 7.92 -2.13
C ALA C 176 -4.32 7.37 -3.45
N ASN C 177 -3.96 6.10 -3.47
CA ASN C 177 -3.23 5.53 -4.59
C ASN C 177 -4.12 5.24 -5.81
N PHE C 178 -5.38 5.54 -5.72
CA PHE C 178 -6.21 5.68 -6.95
C PHE C 178 -5.54 6.63 -7.97
N TRP C 179 -4.91 7.70 -7.48
CA TRP C 179 -4.27 8.69 -8.26
C TRP C 179 -2.87 8.31 -8.70
N TYR C 180 -2.47 7.08 -8.41
CA TYR C 180 -1.23 6.50 -8.93
C TYR C 180 -1.48 5.75 -10.23
N GLN C 181 -2.71 5.57 -10.70
CA GLN C 181 -2.98 4.77 -11.87
C GLN C 181 -2.42 5.48 -13.11
N PRO C 182 -1.60 4.80 -13.92
CA PRO C 182 -1.14 5.38 -15.16
C PRO C 182 -2.12 5.25 -16.33
N SER C 183 -3.21 4.47 -16.18
CA SER C 183 -4.09 4.30 -17.37
C SER C 183 -5.53 4.06 -16.93
N PHE C 184 -6.08 5.03 -16.17
CA PHE C 184 -7.48 5.03 -15.78
C PHE C 184 -8.32 5.36 -16.98
N HIS C 185 -9.02 4.36 -17.54
CA HIS C 185 -9.73 4.54 -18.81
C HIS C 185 -8.81 5.21 -19.85
N GLY C 186 -7.57 4.82 -19.87
CA GLY C 186 -6.59 5.35 -20.80
C GLY C 186 -5.87 6.64 -20.36
N VAL C 187 -6.15 7.17 -19.17
CA VAL C 187 -5.63 8.42 -18.73
C VAL C 187 -4.65 8.24 -17.60
N ASP C 188 -3.56 8.95 -17.66
CA ASP C 188 -2.47 8.88 -16.70
C ASP C 188 -2.74 9.90 -15.59
N LEU C 189 -3.04 9.38 -14.40
CA LEU C 189 -3.34 10.19 -13.23
C LEU C 189 -2.17 10.37 -12.29
N SER C 190 -1.03 9.73 -12.55
CA SER C 190 -0.03 9.52 -11.52
C SER C 190 0.67 10.80 -11.13
N ALA C 191 0.65 11.82 -11.98
CA ALA C 191 1.21 13.12 -11.55
C ALA C 191 0.49 13.78 -10.37
N LEU C 192 -0.73 13.34 -10.06
CA LEU C 192 -1.48 13.83 -8.90
C LEU C 192 -1.33 12.95 -7.67
N ARG C 193 -0.60 11.84 -7.74
CA ARG C 193 -0.49 10.96 -6.59
C ARG C 193 -0.07 11.71 -5.30
N GLY C 194 0.96 12.50 -5.41
CA GLY C 194 1.49 13.24 -4.28
C GLY C 194 0.41 14.19 -3.70
N ALA C 195 -0.33 14.87 -4.58
CA ALA C 195 -1.38 15.72 -4.15
C ALA C 195 -2.44 14.88 -3.39
N ALA C 196 -2.80 13.74 -3.99
CA ALA C 196 -3.83 12.91 -3.42
C ALA C 196 -3.46 12.47 -2.01
N VAL C 197 -2.26 11.95 -1.86
CA VAL C 197 -1.78 11.49 -0.55
C VAL C 197 -1.86 12.65 0.43
N ASP C 198 -1.37 13.82 0.02
CA ASP C 198 -1.48 14.98 0.94
C ASP C 198 -2.88 15.22 1.43
N GLU C 199 -3.81 15.24 0.48
CA GLU C 199 -5.20 15.52 0.85
C GLU C 199 -5.72 14.50 1.85
N TYR C 200 -5.49 13.23 1.54
CA TYR C 200 -6.04 12.18 2.42
C TYR C 200 -5.39 12.21 3.75
N PHE C 201 -4.11 12.55 3.81
CA PHE C 201 -3.43 12.51 5.11
C PHE C 201 -3.64 13.78 5.89
N ARG C 202 -4.29 14.78 5.33
CA ARG C 202 -4.65 15.99 6.06
CA ARG C 202 -4.60 15.95 6.18
C ARG C 202 -5.94 15.89 6.87
N GLN C 203 -6.72 14.83 6.67
CA GLN C 203 -7.94 14.63 7.38
C GLN C 203 -7.75 13.78 8.62
N PRO C 204 -7.98 14.37 9.85
CA PRO C 204 -7.86 13.58 11.02
C PRO C 204 -8.96 12.50 11.03
N VAL C 205 -8.67 11.39 11.68
CA VAL C 205 -9.48 10.21 11.64
C VAL C 205 -10.25 10.13 12.97
N VAL C 206 -11.59 10.26 12.87
CA VAL C 206 -12.43 10.25 14.05
C VAL C 206 -13.00 8.86 14.23
N ASP C 207 -12.56 8.15 15.27
CA ASP C 207 -13.09 6.86 15.65
C ASP C 207 -12.46 6.44 16.95
N THR C 208 -12.80 5.23 17.38
CA THR C 208 -12.22 4.66 18.59
C THR C 208 -11.30 3.52 18.21
N PHE C 209 -10.57 3.00 19.20
CA PHE C 209 -9.56 2.01 18.98
C PHE C 209 -9.22 1.30 20.29
N ASP C 210 -8.58 0.17 20.19
CA ASP C 210 -8.07 -0.54 21.35
C ASP C 210 -6.82 0.19 21.85
N ILE C 211 -6.72 0.33 23.15
CA ILE C 211 -5.59 1.03 23.77
C ILE C 211 -4.24 0.35 23.50
N ARG C 212 -4.25 -0.89 23.03
CA ARG C 212 -2.99 -1.63 22.76
C ARG C 212 -2.22 -1.05 21.60
N ILE C 213 -2.85 -0.16 20.82
CA ILE C 213 -2.12 0.50 19.72
C ILE C 213 -1.24 1.64 20.19
N LEU C 214 -1.44 2.09 21.42
CA LEU C 214 -0.66 3.22 21.96
C LEU C 214 0.70 2.75 22.39
N MET C 215 1.73 3.50 22.02
CA MET C 215 3.11 3.08 22.16
C MET C 215 3.88 3.82 23.26
N ALA C 216 3.22 4.75 23.95
CA ALA C 216 3.83 5.50 25.04
C ALA C 216 2.75 6.13 25.88
N LYS C 217 3.11 6.46 27.12
CA LYS C 217 2.25 7.21 27.99
C LYS C 217 1.92 8.55 27.36
N SER C 218 0.67 8.97 27.56
CA SER C 218 0.20 10.24 26.92
C SER C 218 0.84 11.44 27.56
N VAL C 219 0.99 12.50 26.76
CA VAL C 219 1.41 13.83 27.25
C VAL C 219 0.11 14.68 27.36
N LYS C 220 0.07 15.55 28.36
CA LYS C 220 -1.11 16.29 28.78
C LYS C 220 -0.84 17.79 28.59
N TYR C 221 -1.78 18.46 27.95
CA TYR C 221 -1.76 19.93 27.79
C TYR C 221 -3.09 20.44 28.39
N THR C 222 -2.99 21.38 29.33
CA THR C 222 -4.10 21.82 30.12
C THR C 222 -4.46 23.27 29.79
N VAL C 223 -5.75 23.52 29.58
CA VAL C 223 -6.29 24.85 29.44
C VAL C 223 -7.23 25.11 30.64
N ASN C 224 -6.92 26.13 31.42
CA ASN C 224 -7.73 26.51 32.57
C ASN C 224 -8.70 27.61 32.12
N PHE C 225 -9.98 27.25 32.06
CA PHE C 225 -10.99 28.15 31.50
C PHE C 225 -11.30 29.32 32.42
N LEU C 226 -11.03 29.18 33.73
CA LEU C 226 -11.21 30.33 34.62
C LEU C 226 -10.17 31.42 34.33
N GLU C 227 -8.98 31.03 33.80
CA GLU C 227 -7.87 31.93 33.69
C GLU C 227 -7.54 32.34 32.26
N ALA C 228 -7.86 31.51 31.27
CA ALA C 228 -7.40 31.76 29.91
C ALA C 228 -8.23 32.90 29.26
N LYS C 229 -7.59 33.58 28.30
CA LYS C 229 -8.23 34.60 27.46
C LYS C 229 -8.49 33.99 26.06
N GLU C 230 -9.46 34.53 25.37
CA GLU C 230 -9.78 34.15 24.01
C GLU C 230 -8.55 34.04 23.13
N GLY C 231 -7.75 35.11 23.18
CA GLY C 231 -6.51 35.19 22.39
C GLY C 231 -5.54 34.06 22.61
N ASP C 232 -5.57 33.42 23.78
CA ASP C 232 -4.67 32.32 24.06
C ASP C 232 -4.94 31.13 23.16
N LEU C 233 -6.13 31.07 22.53
CA LEU C 233 -6.49 29.94 21.70
C LEU C 233 -6.26 30.16 20.22
N HIS C 234 -5.77 31.31 19.82
CA HIS C 234 -5.46 31.55 18.41
C HIS C 234 -4.25 30.72 17.96
N ARG C 235 -3.32 30.44 18.87
CA ARG C 235 -2.11 29.70 18.61
C ARG C 235 -1.80 28.82 19.81
N ILE C 236 -1.99 27.53 19.64
CA ILE C 236 -1.81 26.55 20.73
C ILE C 236 -0.58 25.70 20.40
N GLU C 237 0.46 25.84 21.21
CA GLU C 237 1.72 25.10 20.98
C GLU C 237 1.87 24.03 22.06
N ILE C 238 1.92 22.76 21.64
CA ILE C 238 2.02 21.63 22.55
C ILE C 238 3.33 20.85 22.23
N PRO C 239 4.40 21.11 22.96
CA PRO C 239 5.58 20.33 22.82
C PRO C 239 5.41 18.95 23.50
N PHE C 240 6.13 17.95 22.98
CA PHE C 240 6.02 16.61 23.51
C PHE C 240 7.34 15.88 23.43
N LYS C 241 7.55 14.96 24.39
CA LYS C 241 8.69 14.09 24.45
C LYS C 241 8.22 12.73 25.01
N PHE C 242 7.95 11.79 24.11
CA PHE C 242 7.45 10.46 24.51
C PHE C 242 8.61 9.52 24.77
N HIS C 243 8.50 8.75 25.84
CA HIS C 243 9.40 7.62 26.11
C HIS C 243 8.78 6.36 25.57
N MET C 244 9.28 5.86 24.45
CA MET C 244 8.65 4.73 23.73
C MET C 244 8.65 3.47 24.58
N LEU C 245 7.48 2.91 24.82
CA LEU C 245 7.34 1.68 25.58
C LEU C 245 7.34 0.41 24.74
N HIS C 246 7.11 0.54 23.45
CA HIS C 246 7.08 -0.62 22.55
C HIS C 246 7.76 -0.22 21.25
N SER C 247 8.35 -1.20 20.58
CA SER C 247 8.98 -1.02 19.29
C SER C 247 7.94 -1.18 18.20
N GLY C 248 8.07 -0.41 17.15
CA GLY C 248 7.25 -0.56 15.96
C GLY C 248 7.21 0.71 15.15
N LEU C 249 6.33 0.71 14.17
CA LEU C 249 6.06 1.82 13.31
C LEU C 249 5.06 2.77 13.93
N VAL C 250 5.46 4.02 14.16
CA VAL C 250 4.57 5.07 14.63
C VAL C 250 3.87 5.64 13.40
N HIS C 251 2.57 5.40 13.31
CA HIS C 251 1.75 5.86 12.20
C HIS C 251 1.11 7.22 12.45
N GLY C 252 1.22 7.74 13.67
CA GLY C 252 0.70 9.06 13.95
C GLY C 252 0.48 9.24 15.44
N LEU C 253 -0.23 10.31 15.76
CA LEU C 253 -0.58 10.65 17.12
C LEU C 253 -2.09 10.57 17.35
N ALA C 254 -2.47 9.96 18.49
CA ALA C 254 -3.86 9.91 18.92
C ALA C 254 -4.12 11.00 19.96
N PHE C 255 -5.31 11.59 19.87
CA PHE C 255 -5.76 12.70 20.73
C PHE C 255 -7.07 12.35 21.38
N TRP C 256 -7.17 12.70 22.67
CA TRP C 256 -8.45 12.72 23.36
C TRP C 256 -8.44 13.83 24.40
N PHE C 257 -9.53 13.98 25.13
CA PHE C 257 -9.61 15.04 26.10
C PHE C 257 -10.54 14.71 27.26
N ASP C 258 -10.24 15.29 28.41
CA ASP C 258 -11.07 15.27 29.58
C ASP C 258 -11.42 16.73 29.92
N VAL C 259 -12.57 16.92 30.52
CA VAL C 259 -12.90 18.22 31.14
C VAL C 259 -13.25 17.96 32.61
N ALA C 260 -12.93 18.91 33.44
CA ALA C 260 -13.27 18.85 34.87
C ALA C 260 -14.20 20.03 35.23
N PHE C 261 -15.24 19.68 35.96
CA PHE C 261 -16.16 20.63 36.60
C PHE C 261 -15.76 20.69 38.06
N ILE C 262 -15.07 21.78 38.43
CA ILE C 262 -14.49 21.94 39.76
C ILE C 262 -15.48 22.76 40.60
N GLY C 263 -16.31 22.07 41.33
CA GLY C 263 -17.38 22.67 42.13
C GLY C 263 -17.01 22.82 43.59
N SER C 264 -17.84 23.55 44.32
CA SER C 264 -17.65 23.73 45.75
C SER C 264 -17.75 22.42 46.54
N ILE C 265 -18.58 21.50 46.09
CA ILE C 265 -18.79 20.23 46.81
C ILE C 265 -17.86 19.14 46.30
N MET C 266 -17.76 19.00 44.99
CA MET C 266 -16.86 17.95 44.44
C MET C 266 -16.45 18.32 43.02
N THR C 267 -15.38 17.71 42.56
CA THR C 267 -14.93 17.77 41.20
C THR C 267 -15.45 16.59 40.42
N VAL C 268 -16.05 16.84 39.26
CA VAL C 268 -16.58 15.77 38.40
C VAL C 268 -15.85 15.81 37.08
N TRP C 269 -15.40 14.64 36.61
CA TRP C 269 -14.65 14.58 35.34
C TRP C 269 -15.55 13.95 34.24
N LEU C 270 -15.48 14.52 33.05
CA LEU C 270 -16.03 13.95 31.83
C LEU C 270 -14.86 13.59 30.90
N SER C 271 -14.67 12.30 30.62
CA SER C 271 -13.51 11.82 29.89
C SER C 271 -13.91 11.22 28.53
N THR C 272 -13.12 11.50 27.49
CA THR C 272 -13.26 10.88 26.21
C THR C 272 -12.09 9.96 25.89
N ALA C 273 -11.37 9.52 26.91
CA ALA C 273 -10.23 8.63 26.76
C ALA C 273 -10.62 7.28 26.23
N PRO C 274 -9.72 6.63 25.48
CA PRO C 274 -9.97 5.26 25.01
C PRO C 274 -10.04 4.20 26.10
N THR C 275 -9.64 4.52 27.32
CA THR C 275 -9.86 3.61 28.47
C THR C 275 -11.21 3.79 29.10
N GLU C 276 -12.02 4.74 28.64
CA GLU C 276 -13.31 5.05 29.24
C GLU C 276 -14.44 4.74 28.24
N PRO C 277 -15.67 4.57 28.75
CA PRO C 277 -16.78 4.32 27.82
C PRO C 277 -16.92 5.36 26.74
N LEU C 278 -17.34 4.91 25.57
CA LEU C 278 -17.33 5.69 24.37
C LEU C 278 -18.32 6.84 24.44
N THR C 279 -17.91 7.98 23.87
CA THR C 279 -18.75 9.14 23.67
C THR C 279 -18.81 9.46 22.19
N HIS C 280 -19.68 10.39 21.84
CA HIS C 280 -19.82 10.82 20.45
C HIS C 280 -18.67 11.74 20.01
N TRP C 281 -17.73 12.04 20.89
CA TRP C 281 -16.44 12.65 20.46
C TRP C 281 -15.45 11.62 19.97
N TYR C 282 -15.67 10.35 20.32
CA TYR C 282 -14.72 9.27 20.00
C TYR C 282 -13.32 9.62 20.39
N GLN C 283 -12.35 9.29 19.53
CA GLN C 283 -10.99 9.81 19.63
C GLN C 283 -10.56 10.27 18.25
N VAL C 284 -9.45 11.04 18.22
CA VAL C 284 -8.99 11.58 16.93
C VAL C 284 -7.56 11.14 16.68
N ARG C 285 -7.27 10.66 15.50
CA ARG C 285 -5.90 10.28 15.12
C ARG C 285 -5.41 11.06 13.94
N CYS C 286 -4.26 11.68 14.07
CA CYS C 286 -3.56 12.35 12.97
C CYS C 286 -2.43 11.44 12.47
N LEU C 287 -2.60 10.97 11.22
CA LEU C 287 -1.70 10.03 10.61
C LEU C 287 -0.46 10.73 10.05
N PHE C 288 0.66 10.01 10.06
CA PHE C 288 1.87 10.46 9.40
C PHE C 288 1.86 9.91 7.99
N GLN C 289 2.19 10.76 7.03
CA GLN C 289 2.24 10.35 5.63
C GLN C 289 3.37 9.34 5.47
N SER C 290 4.45 9.53 6.26
CA SER C 290 5.52 8.52 6.32
C SER C 290 5.72 8.15 7.78
N PRO C 291 5.39 6.92 8.15
CA PRO C 291 5.59 6.45 9.51
C PRO C 291 7.02 6.48 9.95
N LEU C 292 7.22 6.49 11.28
CA LEU C 292 8.55 6.54 11.86
C LEU C 292 8.82 5.27 12.65
N PHE C 293 9.93 4.61 12.37
CA PHE C 293 10.28 3.41 13.13
C PHE C 293 10.91 3.81 14.45
N ALA C 294 10.46 3.19 15.53
CA ALA C 294 10.97 3.48 16.86
C ALA C 294 11.19 2.20 17.63
N LYS C 295 12.22 2.22 18.47
CA LYS C 295 12.55 1.10 19.36
C LYS C 295 12.08 1.47 20.75
N ALA C 296 11.68 0.44 21.51
CA ALA C 296 11.36 0.64 22.93
C ALA C 296 12.56 1.29 23.63
N GLY C 297 12.28 2.31 24.43
CA GLY C 297 13.32 3.10 25.09
C GLY C 297 13.80 4.31 24.31
N ASP C 298 13.47 4.44 23.03
CA ASP C 298 13.73 5.67 22.31
C ASP C 298 12.88 6.84 22.86
N THR C 299 13.22 8.03 22.42
CA THR C 299 12.43 9.22 22.69
C THR C 299 11.92 9.79 21.39
N LEU C 300 10.58 10.02 21.34
CA LEU C 300 9.95 10.65 20.19
C LEU C 300 9.57 12.09 20.58
N SER C 301 10.25 13.07 20.02
CA SER C 301 10.11 14.46 20.45
C SER C 301 9.58 15.32 19.31
N GLY C 302 8.88 16.40 19.66
CA GLY C 302 8.41 17.33 18.66
C GLY C 302 7.37 18.28 19.18
N THR C 303 6.57 18.78 18.28
CA THR C 303 5.59 19.82 18.56
C THR C 303 4.33 19.60 17.75
N CYS C 304 3.20 19.78 18.42
CA CYS C 304 1.90 19.94 17.78
C CYS C 304 1.47 21.41 17.90
N LEU C 305 1.31 22.07 16.78
CA LEU C 305 0.97 23.50 16.74
C LEU C 305 -0.40 23.65 16.06
N LEU C 306 -1.36 24.25 16.76
CA LEU C 306 -2.67 24.48 16.23
C LEU C 306 -2.85 25.99 15.99
N ILE C 307 -3.09 26.37 14.75
CA ILE C 307 -3.27 27.73 14.35
C ILE C 307 -4.73 27.93 13.96
N ALA C 308 -5.43 28.78 14.70
CA ALA C 308 -6.85 29.01 14.44
C ALA C 308 -7.07 29.67 13.07
N ASN C 309 -8.08 29.19 12.34
CA ASN C 309 -8.42 29.77 11.05
C ASN C 309 -9.88 30.31 11.10
N LYS C 310 -10.26 30.97 10.02
CA LYS C 310 -11.55 31.64 9.92
C LYS C 310 -12.74 30.71 9.60
N ARG C 311 -12.45 29.42 9.40
CA ARG C 311 -13.44 28.41 9.18
CA ARG C 311 -13.45 28.41 9.18
C ARG C 311 -13.83 27.72 10.48
N GLN C 312 -13.67 28.40 11.60
CA GLN C 312 -14.05 27.89 12.94
C GLN C 312 -13.31 26.63 13.27
N SER C 313 -12.05 26.52 12.85
CA SER C 313 -11.29 25.33 13.13
C SER C 313 -9.80 25.70 13.19
N TYR C 314 -8.93 24.72 13.04
CA TYR C 314 -7.50 24.90 13.21
C TYR C 314 -6.74 24.21 12.08
N ASP C 315 -5.66 24.84 11.66
CA ASP C 315 -4.63 24.17 10.85
C ASP C 315 -3.64 23.57 11.83
N ILE C 316 -3.43 22.26 11.73
CA ILE C 316 -2.64 21.51 12.70
C ILE C 316 -1.31 21.20 12.01
N SER C 317 -0.21 21.50 12.68
CA SER C 317 1.10 21.06 12.24
C SER C 317 1.64 20.10 13.33
N ILE C 318 2.07 18.93 12.89
CA ILE C 318 2.73 17.99 13.78
C ILE C 318 4.11 17.68 13.21
N VAL C 319 5.13 18.03 13.98
CA VAL C 319 6.50 17.68 13.64
C VAL C 319 7.02 16.77 14.75
N ALA C 320 7.50 15.57 14.33
CA ALA C 320 7.97 14.60 15.28
C ALA C 320 9.24 13.95 14.76
N GLN C 321 10.09 13.53 15.68
CA GLN C 321 11.30 12.89 15.30
C GLN C 321 11.72 11.87 16.35
N VAL C 322 12.37 10.81 15.89
CA VAL C 322 12.98 9.85 16.76
C VAL C 322 14.40 10.34 17.01
N ASP C 323 14.65 10.71 18.26
CA ASP C 323 15.92 11.37 18.60
C ASP C 323 17.12 10.46 18.31
N GLN C 324 16.98 9.18 18.58
CA GLN C 324 18.08 8.24 18.42
C GLN C 324 18.55 8.06 16.95
N THR C 325 17.68 8.34 15.98
CA THR C 325 18.07 8.17 14.58
C THR C 325 17.93 9.41 13.71
N GLY C 326 17.35 10.50 14.25
CA GLY C 326 17.11 11.69 13.43
C GLY C 326 16.03 11.51 12.35
N SER C 327 15.25 10.43 12.44
CA SER C 327 14.15 10.25 11.51
C SER C 327 13.04 11.25 11.88
N LYS C 328 12.58 12.00 10.90
CA LYS C 328 11.62 13.09 11.11
C LYS C 328 10.41 12.89 10.23
N SER C 329 9.30 13.43 10.70
CA SER C 329 8.06 13.48 9.93
C SER C 329 7.40 14.83 10.28
N SER C 330 6.94 15.47 9.21
CA SER C 330 6.23 16.74 9.32
C SER C 330 4.88 16.54 8.64
N ASN C 331 3.86 17.14 9.22
CA ASN C 331 2.50 16.87 8.71
C ASN C 331 1.63 18.12 8.97
N LEU C 332 0.72 18.34 8.06
CA LEU C 332 -0.28 19.41 8.15
C LEU C 332 -1.66 18.80 8.02
N LEU C 333 -2.52 19.07 8.99
CA LEU C 333 -3.86 18.49 9.00
C LEU C 333 -4.91 19.62 9.06
N ASP C 334 -6.01 19.37 8.40
CA ASP C 334 -7.10 20.33 8.29
C ASP C 334 -8.24 19.73 9.18
N LEU C 335 -8.32 20.29 10.41
CA LEU C 335 -9.23 19.74 11.39
C LEU C 335 -10.70 19.99 11.03
N LYS C 336 -10.96 20.90 10.09
CA LYS C 336 -12.33 21.19 9.73
C LYS C 336 -13.00 20.00 9.03
N ASN C 337 -12.22 19.20 8.28
CA ASN C 337 -12.76 18.12 7.46
C ASN C 337 -12.21 16.75 7.86
N PRO C 338 -12.67 16.24 9.02
CA PRO C 338 -12.23 14.93 9.44
C PRO C 338 -12.82 13.80 8.65
N PHE C 339 -12.18 12.62 8.73
CA PHE C 339 -12.70 11.39 8.16
C PHE C 339 -13.38 10.61 9.26
N PHE C 340 -14.71 10.52 9.20
CA PHE C 340 -15.51 9.86 10.18
C PHE C 340 -15.52 8.38 9.82
N ARG C 341 -14.64 7.60 10.45
CA ARG C 341 -14.40 6.23 10.06
C ARG C 341 -15.37 5.23 10.76
N TYR C 342 -15.86 5.55 11.93
CA TYR C 342 -16.88 4.70 12.58
C TYR C 342 -18.18 4.52 11.75
N SER D 1 31.28 -22.60 -29.90
CA SER D 1 30.13 -23.41 -30.30
C SER D 1 28.85 -22.55 -30.17
N VAL D 2 27.74 -23.13 -30.58
CA VAL D 2 26.43 -22.52 -30.40
C VAL D 2 26.18 -22.08 -28.95
N PHE D 3 26.54 -22.96 -28.00
CA PHE D 3 26.30 -22.66 -26.61
C PHE D 3 27.12 -21.47 -26.16
N SER D 4 28.42 -21.50 -26.44
CA SER D 4 29.29 -20.40 -26.01
C SER D 4 28.87 -19.10 -26.70
N GLU D 5 28.41 -19.18 -27.94
CA GLU D 5 28.02 -18.00 -28.69
C GLU D 5 26.75 -17.37 -28.13
N ARG D 6 25.84 -18.16 -27.58
CA ARG D 6 24.61 -17.58 -27.01
C ARG D 6 24.69 -17.35 -25.47
N THR D 7 25.82 -17.67 -24.84
CA THR D 7 25.88 -17.64 -23.36
C THR D 7 27.11 -16.90 -22.87
N GLU D 8 26.91 -15.95 -21.97
CA GLU D 8 28.05 -15.39 -21.23
C GLU D 8 28.70 -16.44 -20.38
N GLU D 9 30.03 -16.56 -20.43
CA GLU D 9 30.66 -17.66 -19.66
C GLU D 9 30.56 -17.43 -18.15
N SER D 10 30.52 -16.20 -17.67
CA SER D 10 30.21 -15.95 -16.28
C SER D 10 28.90 -16.65 -15.79
N SER D 11 27.87 -16.58 -16.63
CA SER D 11 26.61 -17.25 -16.34
C SER D 11 26.76 -18.79 -16.41
N ALA D 12 27.49 -19.26 -17.42
CA ALA D 12 27.68 -20.69 -17.63
C ALA D 12 28.44 -21.35 -16.47
N VAL D 13 29.43 -20.63 -15.94
CA VAL D 13 30.21 -21.13 -14.83
C VAL D 13 29.27 -21.38 -13.65
N GLN D 14 28.49 -20.36 -13.27
CA GLN D 14 27.55 -20.50 -12.17
C GLN D 14 26.54 -21.64 -12.45
N TYR D 15 26.05 -21.73 -13.69
CA TYR D 15 25.01 -22.69 -14.04
C TYR D 15 25.51 -24.15 -13.82
N PHE D 16 26.69 -24.45 -14.40
CA PHE D 16 27.19 -25.80 -14.31
C PHE D 16 27.75 -26.13 -12.91
N GLN D 17 28.29 -25.14 -12.20
CA GLN D 17 28.66 -25.35 -10.82
C GLN D 17 27.43 -25.71 -10.01
N PHE D 18 26.33 -24.99 -10.22
CA PHE D 18 25.08 -25.25 -9.52
C PHE D 18 24.61 -26.69 -9.76
N TYR D 19 24.62 -27.14 -11.00
CA TYR D 19 24.18 -28.48 -11.27
C TYR D 19 25.22 -29.56 -10.93
N GLY D 20 26.44 -29.15 -10.57
CA GLY D 20 27.40 -30.12 -10.08
C GLY D 20 27.19 -30.65 -8.66
N TYR D 21 26.26 -30.05 -7.93
CA TYR D 21 25.97 -30.40 -6.53
C TYR D 21 25.00 -31.56 -6.46
N LEU D 22 25.39 -32.59 -5.69
CA LEU D 22 24.48 -33.72 -5.48
C LEU D 22 23.18 -33.28 -4.83
N SER D 23 23.23 -32.32 -3.92
CA SER D 23 21.99 -31.84 -3.31
C SER D 23 20.96 -31.30 -4.29
N GLN D 24 21.41 -30.64 -5.36
CA GLN D 24 20.49 -30.11 -6.35
C GLN D 24 19.86 -31.23 -7.23
N GLN D 25 20.71 -32.20 -7.62
CA GLN D 25 20.22 -33.36 -8.31
C GLN D 25 19.18 -34.07 -7.43
N GLN D 26 19.49 -34.22 -6.14
CA GLN D 26 18.58 -34.86 -5.18
C GLN D 26 17.24 -34.11 -5.17
N ASN D 27 17.32 -32.77 -5.09
CA ASN D 27 16.12 -31.98 -5.04
C ASN D 27 15.20 -32.26 -6.27
N MET D 28 15.80 -32.36 -7.41
CA MET D 28 15.00 -32.65 -8.61
C MET D 28 14.52 -34.09 -8.66
N MET D 29 15.38 -35.04 -8.27
CA MET D 29 14.96 -36.45 -8.23
C MET D 29 13.83 -36.70 -7.25
N GLN D 30 13.81 -35.95 -6.15
CA GLN D 30 12.74 -36.12 -5.12
C GLN D 30 11.41 -35.53 -5.53
N ASP D 31 11.33 -34.82 -6.64
CA ASP D 31 10.06 -34.38 -7.19
C ASP D 31 9.37 -35.63 -7.77
N TYR D 32 8.50 -36.22 -6.99
CA TYR D 32 7.96 -37.50 -7.36
C TYR D 32 7.07 -37.44 -8.61
N VAL D 33 6.32 -36.36 -8.76
CA VAL D 33 5.51 -36.19 -9.96
C VAL D 33 6.41 -36.23 -11.21
N ARG D 34 7.48 -35.45 -11.19
CA ARG D 34 8.41 -35.39 -12.29
C ARG D 34 9.10 -36.73 -12.60
N THR D 35 9.75 -37.29 -11.60
CA THR D 35 10.51 -38.54 -11.81
C THR D 35 9.59 -39.72 -12.15
N GLY D 36 8.49 -39.81 -11.41
CA GLY D 36 7.51 -40.91 -11.62
C GLY D 36 6.86 -40.81 -13.00
N THR D 37 6.54 -39.59 -13.42
CA THR D 37 5.91 -39.41 -14.72
C THR D 37 6.91 -39.73 -15.85
N TYR D 38 8.15 -39.32 -15.70
CA TYR D 38 9.16 -39.68 -16.68
C TYR D 38 9.32 -41.19 -16.79
N GLN D 39 9.44 -41.87 -15.64
CA GLN D 39 9.59 -43.32 -15.68
C GLN D 39 8.38 -43.97 -16.32
N ARG D 40 7.20 -43.49 -15.98
CA ARG D 40 5.95 -44.02 -16.56
C ARG D 40 5.94 -43.84 -18.09
N ALA D 41 6.24 -42.63 -18.55
CA ALA D 41 6.28 -42.36 -19.97
C ALA D 41 7.25 -43.27 -20.72
N ILE D 42 8.42 -43.50 -20.11
CA ILE D 42 9.42 -44.34 -20.78
C ILE D 42 9.06 -45.81 -20.72
N LEU D 43 8.66 -46.33 -19.58
CA LEU D 43 8.38 -47.75 -19.42
C LEU D 43 7.11 -48.18 -20.15
N GLN D 44 6.07 -47.32 -20.13
CA GLN D 44 4.83 -47.66 -20.81
C GLN D 44 4.93 -47.60 -22.32
N ASN D 45 5.90 -46.83 -22.81
CA ASN D 45 6.22 -46.84 -24.27
C ASN D 45 7.51 -47.62 -24.52
N HIS D 46 7.55 -48.86 -23.98
CA HIS D 46 8.77 -49.63 -24.01
C HIS D 46 9.23 -49.98 -25.43
N THR D 47 8.27 -50.05 -26.35
CA THR D 47 8.61 -50.36 -27.74
C THR D 47 9.40 -49.25 -28.41
N ASP D 48 9.30 -48.02 -27.90
CA ASP D 48 10.11 -46.90 -28.41
C ASP D 48 11.55 -46.93 -27.90
N PHE D 49 11.86 -47.86 -26.99
CA PHE D 49 13.23 -47.99 -26.49
C PHE D 49 13.86 -49.37 -26.74
N LYS D 50 13.10 -50.43 -26.87
CA LYS D 50 13.63 -51.78 -26.99
C LYS D 50 14.59 -51.91 -28.17
N ASP D 51 15.84 -52.27 -27.87
CA ASP D 51 16.92 -52.39 -28.87
C ASP D 51 17.20 -51.12 -29.64
N LYS D 52 16.89 -49.97 -29.04
CA LYS D 52 17.08 -48.68 -29.73
C LYS D 52 18.35 -47.97 -29.29
N ILE D 53 18.72 -46.94 -30.03
CA ILE D 53 19.80 -46.04 -29.65
C ILE D 53 19.20 -44.73 -29.12
N VAL D 54 19.69 -44.33 -27.94
CA VAL D 54 19.09 -43.23 -27.17
C VAL D 54 20.17 -42.21 -26.88
N LEU D 55 19.82 -40.95 -26.98
CA LEU D 55 20.61 -39.83 -26.47
C LEU D 55 19.88 -39.17 -25.30
N ASP D 56 20.56 -39.06 -24.18
CA ASP D 56 20.03 -38.37 -22.98
C ASP D 56 20.75 -37.03 -22.87
N VAL D 57 20.06 -35.94 -23.12
CA VAL D 57 20.67 -34.63 -23.15
C VAL D 57 20.64 -34.02 -21.76
N GLY D 58 21.82 -33.82 -21.19
CA GLY D 58 21.93 -33.29 -19.81
C GLY D 58 21.47 -34.31 -18.77
N CYS D 59 22.16 -35.45 -18.69
CA CYS D 59 21.65 -36.58 -17.93
C CYS D 59 21.69 -36.35 -16.42
N GLY D 60 22.49 -35.42 -15.96
CA GLY D 60 22.63 -35.20 -14.54
C GLY D 60 23.09 -36.46 -13.81
N SER D 61 22.29 -36.92 -12.85
CA SER D 61 22.61 -38.19 -12.17
C SER D 61 22.57 -39.40 -13.10
N GLY D 62 21.91 -39.29 -14.26
CA GLY D 62 21.70 -40.37 -15.18
C GLY D 62 20.35 -41.06 -15.10
N ILE D 63 19.44 -40.55 -14.28
CA ILE D 63 18.19 -41.20 -13.99
C ILE D 63 17.40 -41.61 -15.23
N LEU D 64 17.28 -40.71 -16.17
CA LEU D 64 16.49 -41.03 -17.38
C LEU D 64 17.17 -42.11 -18.23
N SER D 65 18.50 -42.09 -18.25
CA SER D 65 19.26 -43.15 -18.94
C SER D 65 18.99 -44.52 -18.30
N PHE D 66 18.92 -44.55 -16.95
CA PHE D 66 18.55 -45.80 -16.27
C PHE D 66 17.13 -46.24 -16.63
N PHE D 67 16.22 -45.28 -16.78
CA PHE D 67 14.89 -45.60 -17.23
C PHE D 67 14.89 -46.22 -18.62
N ALA D 68 15.63 -45.61 -19.51
CA ALA D 68 15.74 -46.11 -20.89
C ALA D 68 16.36 -47.54 -20.90
N ALA D 69 17.33 -47.77 -20.03
CA ALA D 69 17.89 -49.11 -19.91
C ALA D 69 16.86 -50.11 -19.40
N GLN D 70 16.01 -49.70 -18.46
CA GLN D 70 14.98 -50.58 -17.95
C GLN D 70 13.97 -50.94 -19.06
N ALA D 71 13.75 -50.02 -20.01
CA ALA D 71 12.82 -50.29 -21.09
C ALA D 71 13.43 -51.04 -22.24
N GLY D 72 14.68 -51.47 -22.15
CA GLY D 72 15.26 -52.35 -23.15
C GLY D 72 16.16 -51.70 -24.16
N ALA D 73 16.61 -50.47 -23.92
CA ALA D 73 17.49 -49.80 -24.92
C ALA D 73 18.76 -50.57 -25.08
N ARG D 74 19.30 -50.56 -26.29
CA ARG D 74 20.56 -51.25 -26.59
C ARG D 74 21.77 -50.40 -26.16
N LYS D 75 21.76 -49.11 -26.49
CA LYS D 75 22.87 -48.24 -26.09
C LYS D 75 22.33 -46.83 -25.85
N ILE D 76 22.73 -46.21 -24.74
CA ILE D 76 22.32 -44.88 -24.37
C ILE D 76 23.54 -43.99 -24.19
N TYR D 77 23.61 -42.92 -24.95
CA TYR D 77 24.62 -41.90 -24.77
C TYR D 77 24.06 -40.80 -23.85
N ALA D 78 24.70 -40.62 -22.71
CA ALA D 78 24.24 -39.69 -21.70
C ALA D 78 25.20 -38.53 -21.60
N VAL D 79 24.80 -37.38 -22.13
CA VAL D 79 25.68 -36.21 -22.25
C VAL D 79 25.51 -35.31 -21.06
N GLU D 80 26.62 -34.90 -20.45
CA GLU D 80 26.48 -34.04 -19.24
C GLU D 80 27.70 -33.13 -19.14
N ALA D 81 27.46 -31.85 -18.92
CA ALA D 81 28.52 -30.84 -18.98
C ALA D 81 29.07 -30.45 -17.61
N SER D 82 28.30 -30.66 -16.55
CA SER D 82 28.83 -30.39 -15.20
C SER D 82 29.66 -31.56 -14.71
N THR D 83 30.28 -31.39 -13.55
CA THR D 83 31.02 -32.46 -12.91
C THR D 83 30.16 -33.64 -12.45
N MET D 84 28.85 -33.48 -12.45
CA MET D 84 27.92 -34.55 -12.18
C MET D 84 28.13 -35.75 -13.08
N ALA D 85 28.73 -35.53 -14.26
CA ALA D 85 29.06 -36.61 -15.17
C ALA D 85 29.86 -37.72 -14.49
N GLN D 86 30.83 -37.31 -13.69
CA GLN D 86 31.66 -38.30 -12.98
C GLN D 86 30.78 -39.15 -12.05
N HIS D 87 29.89 -38.48 -11.33
CA HIS D 87 28.96 -39.20 -10.45
C HIS D 87 28.08 -40.14 -11.23
N ALA D 88 27.60 -39.67 -12.37
CA ALA D 88 26.78 -40.52 -13.23
C ALA D 88 27.58 -41.78 -13.62
N GLU D 89 28.82 -41.60 -13.95
CA GLU D 89 29.62 -42.76 -14.35
C GLU D 89 29.70 -43.78 -13.18
N VAL D 90 29.90 -43.27 -11.96
CA VAL D 90 29.90 -44.14 -10.79
C VAL D 90 28.63 -45.01 -10.74
N LEU D 91 27.48 -44.36 -10.90
CA LEU D 91 26.22 -45.09 -10.85
C LEU D 91 26.14 -46.14 -11.94
N VAL D 92 26.60 -45.77 -13.14
CA VAL D 92 26.56 -46.69 -14.26
C VAL D 92 27.36 -47.93 -13.94
N LYS D 93 28.50 -47.76 -13.26
CA LYS D 93 29.32 -48.94 -12.94
C LYS D 93 28.70 -49.71 -11.79
N SER D 94 28.09 -49.02 -10.82
CA SER D 94 27.61 -49.74 -9.66
C SER D 94 26.31 -50.47 -9.95
N ASN D 95 25.58 -50.06 -11.00
CA ASN D 95 24.36 -50.77 -11.42
C ASN D 95 24.61 -51.75 -12.54
N ASN D 96 25.89 -51.99 -12.89
CA ASN D 96 26.27 -53.03 -13.85
C ASN D 96 25.67 -52.80 -15.22
N LEU D 97 25.78 -51.57 -15.71
CA LEU D 97 25.14 -51.16 -16.97
C LEU D 97 26.15 -50.52 -17.90
N THR D 98 27.43 -50.84 -17.72
CA THR D 98 28.51 -50.31 -18.57
C THR D 98 28.35 -50.71 -20.04
N ASP D 99 27.68 -51.83 -20.29
CA ASP D 99 27.45 -52.27 -21.65
C ASP D 99 26.28 -51.57 -22.34
N ARG D 100 25.50 -50.74 -21.61
CA ARG D 100 24.38 -50.08 -22.23
C ARG D 100 24.33 -48.57 -22.05
N ILE D 101 24.94 -48.04 -20.98
CA ILE D 101 24.95 -46.58 -20.77
C ILE D 101 26.37 -46.05 -20.86
N VAL D 102 26.59 -45.11 -21.75
CA VAL D 102 27.87 -44.49 -21.98
C VAL D 102 27.78 -43.04 -21.65
N VAL D 103 28.49 -42.60 -20.62
CA VAL D 103 28.48 -41.20 -20.24
C VAL D 103 29.46 -40.44 -21.14
N ILE D 104 29.02 -39.31 -21.65
CA ILE D 104 29.85 -38.43 -22.49
C ILE D 104 29.93 -37.05 -21.81
N PRO D 105 31.07 -36.70 -21.26
CA PRO D 105 31.20 -35.41 -20.59
C PRO D 105 31.29 -34.27 -21.62
N GLY D 106 30.59 -33.18 -21.36
CA GLY D 106 30.69 -32.02 -22.18
C GLY D 106 29.31 -31.46 -22.52
N LYS D 107 29.34 -30.36 -23.31
CA LYS D 107 28.13 -29.75 -23.79
C LYS D 107 27.64 -30.49 -25.03
N VAL D 108 26.31 -30.69 -25.14
CA VAL D 108 25.79 -31.41 -26.30
C VAL D 108 26.06 -30.64 -27.60
N GLU D 109 26.36 -29.33 -27.49
CA GLU D 109 26.70 -28.57 -28.68
C GLU D 109 28.19 -28.75 -29.09
N GLU D 110 28.97 -29.46 -28.29
CA GLU D 110 30.41 -29.52 -28.50
C GLU D 110 30.99 -30.93 -28.56
N VAL D 111 30.29 -31.95 -28.10
CA VAL D 111 30.83 -33.31 -28.09
C VAL D 111 30.63 -33.98 -29.44
N SER D 112 31.21 -35.15 -29.60
CA SER D 112 31.08 -35.97 -30.79
C SER D 112 30.42 -37.29 -30.46
N LEU D 113 29.40 -37.65 -31.23
CA LEU D 113 28.75 -38.95 -31.02
C LEU D 113 29.17 -39.93 -32.10
N PRO D 114 29.34 -41.19 -31.78
CA PRO D 114 29.74 -42.16 -32.80
C PRO D 114 28.64 -42.54 -33.78
N GLU D 115 27.38 -42.32 -33.46
CA GLU D 115 26.30 -42.76 -34.33
C GLU D 115 25.06 -41.87 -34.10
N GLN D 116 24.12 -41.97 -35.01
CA GLN D 116 22.84 -41.30 -34.89
C GLN D 116 21.92 -42.14 -33.97
N VAL D 117 20.94 -41.48 -33.37
CA VAL D 117 20.13 -42.09 -32.31
C VAL D 117 18.69 -42.22 -32.80
N ASP D 118 18.00 -43.20 -32.23
CA ASP D 118 16.61 -43.43 -32.55
C ASP D 118 15.71 -42.49 -31.74
N ILE D 119 16.11 -42.11 -30.53
CA ILE D 119 15.26 -41.31 -29.71
C ILE D 119 16.11 -40.44 -28.77
N ILE D 120 15.62 -39.21 -28.55
CA ILE D 120 16.27 -38.27 -27.65
C ILE D 120 15.37 -38.11 -26.46
N ILE D 121 15.91 -38.28 -25.25
CA ILE D 121 15.22 -37.97 -24.02
C ILE D 121 15.95 -36.88 -23.29
N SER D 122 15.20 -36.09 -22.53
CA SER D 122 15.80 -35.00 -21.74
C SER D 122 14.76 -34.43 -20.80
N GLU D 123 15.26 -33.69 -19.81
N GLU D 123 15.25 -33.69 -19.79
CA GLU D 123 14.42 -32.89 -18.92
CA GLU D 123 14.45 -32.94 -18.81
C GLU D 123 14.91 -31.44 -19.02
C GLU D 123 14.87 -31.43 -18.99
N PRO D 124 14.53 -30.77 -20.11
CA PRO D 124 15.04 -29.42 -20.35
C PRO D 124 14.13 -28.29 -19.85
N MET D 125 13.08 -28.59 -19.10
CA MET D 125 12.12 -27.54 -18.72
C MET D 125 12.60 -26.78 -17.51
N GLY D 126 12.62 -25.46 -17.60
CA GLY D 126 12.81 -24.59 -16.44
C GLY D 126 11.52 -23.93 -15.99
N TYR D 127 11.65 -23.02 -15.03
CA TYR D 127 10.48 -22.21 -14.62
C TYR D 127 9.87 -21.56 -15.86
N MET D 128 8.54 -21.57 -15.91
CA MET D 128 7.83 -20.98 -17.08
C MET D 128 8.20 -21.69 -18.36
N LEU D 129 8.64 -22.95 -18.25
CA LEU D 129 9.10 -23.79 -19.34
C LEU D 129 10.45 -23.34 -19.87
N PHE D 130 10.56 -22.07 -20.23
CA PHE D 130 11.68 -21.60 -21.03
C PHE D 130 12.93 -21.19 -20.27
N ASN D 131 12.82 -20.92 -18.96
CA ASN D 131 14.00 -20.48 -18.21
C ASN D 131 15.13 -21.52 -18.35
N GLU D 132 16.37 -21.03 -18.30
CA GLU D 132 17.60 -21.81 -18.46
C GLU D 132 17.99 -22.03 -19.93
N ARG D 133 17.06 -21.82 -20.87
CA ARG D 133 17.36 -21.97 -22.30
C ARG D 133 17.89 -23.35 -22.67
N MET D 134 17.50 -24.34 -21.92
CA MET D 134 17.94 -25.70 -22.14
C MET D 134 17.18 -26.36 -23.28
N LEU D 135 15.96 -25.88 -23.53
CA LEU D 135 15.22 -26.36 -24.71
C LEU D 135 15.99 -26.21 -26.01
N GLU D 136 16.79 -25.15 -26.10
CA GLU D 136 17.60 -24.94 -27.25
C GLU D 136 18.65 -26.05 -27.42
N SER D 137 19.27 -26.46 -26.32
CA SER D 137 20.18 -27.61 -26.38
C SER D 137 19.44 -28.86 -26.84
N TYR D 138 18.25 -29.05 -26.26
CA TYR D 138 17.43 -30.19 -26.62
C TYR D 138 17.19 -30.20 -28.13
N LEU D 139 16.74 -29.07 -28.67
CA LEU D 139 16.49 -28.95 -30.12
C LEU D 139 17.77 -29.08 -30.92
N HIS D 140 18.86 -28.52 -30.44
CA HIS D 140 20.16 -28.64 -31.12
C HIS D 140 20.52 -30.12 -31.29
N ALA D 141 20.23 -30.92 -30.28
CA ALA D 141 20.61 -32.35 -30.30
C ALA D 141 19.92 -33.09 -31.43
N LYS D 142 18.91 -32.47 -32.08
CA LYS D 142 18.28 -33.16 -33.21
C LYS D 142 19.22 -33.36 -34.39
N LYS D 143 20.36 -32.68 -34.42
CA LYS D 143 21.38 -33.03 -35.42
C LYS D 143 21.85 -34.50 -35.32
N TYR D 144 21.67 -35.14 -34.17
CA TYR D 144 22.00 -36.54 -33.99
C TYR D 144 20.80 -37.47 -34.18
N LEU D 145 19.64 -36.94 -34.53
CA LEU D 145 18.42 -37.73 -34.58
C LEU D 145 18.23 -38.33 -35.98
N LYS D 146 18.00 -39.62 -36.01
CA LYS D 146 17.70 -40.30 -37.26
C LYS D 146 16.34 -39.77 -37.83
N PRO D 147 16.15 -39.86 -39.15
CA PRO D 147 14.86 -39.45 -39.71
C PRO D 147 13.68 -40.22 -39.06
N SER D 148 12.63 -39.50 -38.74
CA SER D 148 11.48 -40.01 -38.04
C SER D 148 11.75 -40.47 -36.61
N GLY D 149 12.88 -40.06 -36.02
CA GLY D 149 13.18 -40.36 -34.63
C GLY D 149 12.24 -39.57 -33.71
N ASN D 150 12.16 -40.01 -32.43
CA ASN D 150 11.26 -39.38 -31.50
C ASN D 150 11.99 -38.55 -30.43
N MET D 151 11.19 -37.69 -29.79
CA MET D 151 11.70 -36.89 -28.66
C MET D 151 10.80 -37.03 -27.46
N PHE D 152 11.40 -37.24 -26.31
CA PHE D 152 10.69 -37.42 -25.01
C PHE D 152 11.27 -36.39 -24.03
N PRO D 153 10.54 -35.32 -23.74
CA PRO D 153 9.18 -35.03 -24.17
C PRO D 153 9.01 -34.61 -25.64
N THR D 154 7.80 -34.79 -26.17
CA THR D 154 7.54 -34.50 -27.57
C THR D 154 7.04 -33.12 -27.82
N ILE D 155 6.10 -32.65 -27.01
CA ILE D 155 5.58 -31.28 -27.18
C ILE D 155 5.51 -30.59 -25.83
N GLY D 156 5.51 -29.27 -25.89
CA GLY D 156 5.26 -28.44 -24.70
C GLY D 156 4.13 -27.43 -24.90
N ASP D 157 3.25 -27.32 -23.93
CA ASP D 157 2.20 -26.28 -23.90
C ASP D 157 2.48 -25.32 -22.75
N VAL D 158 2.65 -24.04 -23.06
CA VAL D 158 2.64 -22.99 -22.05
C VAL D 158 1.20 -22.44 -21.91
N HIS D 159 0.75 -22.32 -20.68
CA HIS D 159 -0.56 -21.71 -20.38
C HIS D 159 -0.37 -20.40 -19.64
N LEU D 160 -1.15 -19.38 -20.03
CA LEU D 160 -1.17 -18.10 -19.33
C LEU D 160 -2.61 -17.68 -19.05
N ALA D 161 -2.84 -17.06 -17.90
CA ALA D 161 -4.17 -16.60 -17.52
C ALA D 161 -4.07 -15.42 -16.57
N PRO D 162 -4.99 -14.45 -16.69
CA PRO D 162 -4.99 -13.32 -15.76
C PRO D 162 -5.43 -13.75 -14.34
N PHE D 163 -4.85 -13.12 -13.34
CA PHE D 163 -5.18 -13.42 -11.97
C PHE D 163 -5.39 -12.20 -11.12
N THR D 164 -6.07 -12.39 -9.98
CA THR D 164 -6.25 -11.35 -8.97
C THR D 164 -5.65 -11.86 -7.64
N ASP D 165 -4.82 -11.06 -6.99
CA ASP D 165 -4.19 -11.44 -5.73
C ASP D 165 -3.69 -10.19 -5.05
N GLU D 166 -4.57 -9.56 -4.31
CA GLU D 166 -4.28 -8.26 -3.70
C GLU D 166 -3.19 -8.41 -2.65
N GLN D 167 -3.15 -9.51 -1.92
CA GLN D 167 -2.13 -9.72 -0.87
C GLN D 167 -0.69 -9.81 -1.47
N LEU D 168 -0.55 -10.54 -2.57
CA LEU D 168 0.74 -10.61 -3.25
C LEU D 168 1.19 -9.25 -3.77
N TYR D 169 0.28 -8.54 -4.43
CA TYR D 169 0.57 -7.19 -4.93
C TYR D 169 1.01 -6.29 -3.79
N MET D 170 0.29 -6.34 -2.69
CA MET D 170 0.59 -5.49 -1.56
C MET D 170 1.91 -5.83 -0.92
N GLU D 171 2.24 -7.12 -0.85
CA GLU D 171 3.48 -7.55 -0.24
C GLU D 171 4.70 -7.00 -1.06
N GLN D 172 4.64 -7.15 -2.38
CA GLN D 172 5.70 -6.63 -3.21
C GLN D 172 5.78 -5.10 -3.16
N PHE D 173 4.62 -4.46 -3.20
CA PHE D 173 4.58 -3.01 -3.19
C PHE D 173 5.10 -2.42 -1.87
N THR D 174 4.78 -3.09 -0.79
CA THR D 174 5.25 -2.69 0.54
C THR D 174 6.75 -2.88 0.61
N LYS D 175 7.31 -3.96 0.04
CA LYS D 175 8.75 -4.08 0.01
C LYS D 175 9.38 -2.90 -0.79
N ALA D 176 8.79 -2.56 -1.93
CA ALA D 176 9.30 -1.47 -2.74
C ALA D 176 9.21 -0.11 -2.02
N ASN D 177 8.15 0.07 -1.22
CA ASN D 177 7.88 1.38 -0.62
C ASN D 177 8.80 1.71 0.56
N PHE D 178 9.70 0.83 0.92
CA PHE D 178 10.85 1.21 1.75
C PHE D 178 11.57 2.45 1.19
N TRP D 179 11.68 2.53 -0.13
CA TRP D 179 12.36 3.62 -0.79
C TRP D 179 11.52 4.86 -0.94
N TYR D 180 10.30 4.84 -0.39
CA TYR D 180 9.47 6.06 -0.26
C TYR D 180 9.78 6.85 1.00
N GLN D 181 10.50 6.32 1.96
CA GLN D 181 10.74 6.99 3.24
C GLN D 181 11.47 8.32 2.98
N PRO D 182 10.94 9.46 3.44
CA PRO D 182 11.65 10.71 3.36
C PRO D 182 12.69 10.93 4.48
N SER D 183 12.73 10.08 5.51
CA SER D 183 13.69 10.33 6.59
C SER D 183 14.14 9.02 7.23
N PHE D 184 14.74 8.14 6.42
CA PHE D 184 15.35 6.92 6.92
C PHE D 184 16.66 7.29 7.59
N HIS D 185 16.68 7.23 8.94
CA HIS D 185 17.82 7.73 9.70
C HIS D 185 18.21 9.13 9.23
N GLY D 186 17.22 9.95 8.96
CA GLY D 186 17.46 11.32 8.51
C GLY D 186 17.69 11.50 7.00
N VAL D 187 17.60 10.44 6.19
CA VAL D 187 17.91 10.51 4.79
C VAL D 187 16.69 10.31 3.94
N ASP D 188 16.55 11.13 2.91
CA ASP D 188 15.41 11.10 1.99
C ASP D 188 15.70 10.11 0.85
N LEU D 189 14.98 9.01 0.83
CA LEU D 189 15.19 7.95 -0.16
C LEU D 189 14.18 8.04 -1.34
N SER D 190 13.20 8.96 -1.27
CA SER D 190 12.04 8.86 -2.10
C SER D 190 12.31 9.07 -3.56
N ALA D 191 13.41 9.75 -3.91
CA ALA D 191 13.78 9.86 -5.33
C ALA D 191 14.05 8.51 -6.04
N LEU D 192 14.30 7.44 -5.29
CA LEU D 192 14.52 6.13 -5.85
C LEU D 192 13.29 5.23 -5.83
N ARG D 193 12.14 5.75 -5.34
CA ARG D 193 10.99 4.91 -5.21
C ARG D 193 10.62 4.23 -6.54
N GLY D 194 10.58 4.99 -7.60
CA GLY D 194 10.25 4.44 -8.91
C GLY D 194 11.18 3.28 -9.33
N ALA D 195 12.46 3.51 -9.14
CA ALA D 195 13.45 2.48 -9.44
C ALA D 195 13.15 1.23 -8.62
N ALA D 196 12.86 1.43 -7.34
CA ALA D 196 12.57 0.33 -6.45
C ALA D 196 11.39 -0.46 -6.94
N VAL D 197 10.30 0.22 -7.27
CA VAL D 197 9.11 -0.53 -7.69
C VAL D 197 9.46 -1.31 -8.95
N ASP D 198 10.13 -0.67 -9.89
CA ASP D 198 10.54 -1.39 -11.13
C ASP D 198 11.29 -2.67 -10.79
N GLU D 199 12.26 -2.54 -9.92
CA GLU D 199 13.12 -3.71 -9.62
C GLU D 199 12.28 -4.83 -9.05
N TYR D 200 11.45 -4.47 -8.05
CA TYR D 200 10.68 -5.54 -7.41
C TYR D 200 9.66 -6.12 -8.32
N PHE D 201 9.11 -5.31 -9.21
CA PHE D 201 8.08 -5.85 -10.12
C PHE D 201 8.67 -6.54 -11.32
N ARG D 202 9.98 -6.48 -11.52
CA ARG D 202 10.62 -7.27 -12.58
C ARG D 202 10.80 -8.73 -12.19
N GLN D 203 10.62 -9.08 -10.91
CA GLN D 203 10.83 -10.41 -10.44
C GLN D 203 9.60 -11.25 -10.61
N PRO D 204 9.67 -12.33 -11.43
CA PRO D 204 8.51 -13.23 -11.46
C PRO D 204 8.40 -13.94 -10.14
N VAL D 205 7.18 -14.26 -9.73
CA VAL D 205 6.89 -14.82 -8.42
C VAL D 205 6.65 -16.30 -8.61
N VAL D 206 7.54 -17.12 -8.04
CA VAL D 206 7.45 -18.58 -8.17
C VAL D 206 6.81 -19.12 -6.91
N ASP D 207 5.61 -19.63 -7.05
CA ASP D 207 4.89 -20.34 -6.01
C ASP D 207 3.62 -20.89 -6.59
N THR D 208 2.81 -21.51 -5.71
CA THR D 208 1.53 -22.05 -6.10
C THR D 208 0.41 -21.17 -5.56
N PHE D 209 -0.80 -21.45 -5.98
CA PHE D 209 -1.96 -20.64 -5.63
C PHE D 209 -3.23 -21.40 -5.84
N ASP D 210 -4.30 -20.92 -5.25
CA ASP D 210 -5.63 -21.49 -5.46
C ASP D 210 -6.11 -21.05 -6.84
N ILE D 211 -6.73 -21.96 -7.55
CA ILE D 211 -7.22 -21.68 -8.90
C ILE D 211 -8.31 -20.60 -8.93
N ARG D 212 -8.91 -20.28 -7.79
CA ARG D 212 -9.97 -19.27 -7.74
C ARG D 212 -9.46 -17.88 -7.99
N ILE D 213 -8.14 -17.69 -8.00
CA ILE D 213 -7.57 -16.37 -8.35
C ILE D 213 -7.57 -16.09 -9.83
N LEU D 214 -7.76 -17.11 -10.65
CA LEU D 214 -7.72 -16.96 -12.11
C LEU D 214 -9.05 -16.37 -12.58
N MET D 215 -8.98 -15.38 -13.45
CA MET D 215 -10.10 -14.58 -13.85
C MET D 215 -10.63 -14.88 -15.26
N ALA D 216 -9.96 -15.76 -15.98
CA ALA D 216 -10.35 -16.15 -17.30
C ALA D 216 -9.72 -17.51 -17.64
N LYS D 217 -10.30 -18.18 -18.62
CA LYS D 217 -9.72 -19.40 -19.15
C LYS D 217 -8.34 -19.11 -19.72
N SER D 218 -7.40 -20.04 -19.52
CA SER D 218 -6.04 -19.83 -20.00
C SER D 218 -5.93 -19.85 -21.51
N VAL D 219 -4.93 -19.16 -22.03
CA VAL D 219 -4.53 -19.25 -23.45
C VAL D 219 -3.29 -20.17 -23.52
N LYS D 220 -3.19 -20.93 -24.60
CA LYS D 220 -2.18 -21.98 -24.76
C LYS D 220 -1.28 -21.69 -25.94
N TYR D 221 0.03 -21.75 -25.73
CA TYR D 221 1.03 -21.61 -26.79
C TYR D 221 1.87 -22.89 -26.84
N THR D 222 1.95 -23.50 -28.02
CA THR D 222 2.49 -24.83 -28.17
C THR D 222 3.80 -24.82 -28.95
N VAL D 223 4.79 -25.54 -28.45
CA VAL D 223 6.02 -25.80 -29.17
C VAL D 223 6.12 -27.29 -29.44
N ASN D 224 6.19 -27.68 -30.72
CA ASN D 224 6.38 -29.03 -31.14
C ASN D 224 7.91 -29.28 -31.29
N PHE D 225 8.45 -30.08 -30.38
CA PHE D 225 9.91 -30.28 -30.35
C PHE D 225 10.41 -31.12 -31.53
N LEU D 226 9.55 -31.92 -32.15
CA LEU D 226 9.92 -32.64 -33.36
C LEU D 226 10.15 -31.67 -34.54
N GLU D 227 9.49 -30.51 -34.53
CA GLU D 227 9.50 -29.59 -35.67
C GLU D 227 10.26 -28.29 -35.39
N ALA D 228 10.35 -27.85 -34.13
CA ALA D 228 10.96 -26.58 -33.83
C ALA D 228 12.48 -26.55 -34.02
N LYS D 229 12.99 -25.38 -34.32
CA LYS D 229 14.43 -25.12 -34.47
C LYS D 229 14.89 -24.31 -33.25
N GLU D 230 16.17 -24.41 -32.92
CA GLU D 230 16.77 -23.57 -31.88
C GLU D 230 16.35 -22.09 -32.01
N GLY D 231 16.53 -21.57 -33.24
CA GLY D 231 16.20 -20.17 -33.49
C GLY D 231 14.77 -19.76 -33.18
N ASP D 232 13.85 -20.69 -33.20
CA ASP D 232 12.46 -20.40 -32.87
C ASP D 232 12.28 -19.94 -31.43
N LEU D 233 13.25 -20.23 -30.56
CA LEU D 233 13.15 -19.89 -29.15
C LEU D 233 13.89 -18.61 -28.77
N HIS D 234 14.52 -17.93 -29.72
CA HIS D 234 15.20 -16.67 -29.37
C HIS D 234 14.21 -15.55 -29.10
N ARG D 235 13.06 -15.59 -29.78
CA ARG D 235 12.07 -14.51 -29.69
C ARG D 235 10.69 -15.17 -29.79
N ILE D 236 10.00 -15.29 -28.67
CA ILE D 236 8.76 -16.04 -28.57
C ILE D 236 7.59 -15.05 -28.38
N GLU D 237 6.72 -14.96 -29.37
CA GLU D 237 5.60 -14.04 -29.32
C GLU D 237 4.29 -14.78 -29.06
N ILE D 238 3.63 -14.43 -27.95
CA ILE D 238 2.39 -15.10 -27.54
C ILE D 238 1.29 -14.02 -27.46
N PRO D 239 0.50 -13.88 -28.52
CA PRO D 239 -0.66 -12.97 -28.40
C PRO D 239 -1.76 -13.62 -27.57
N PHE D 240 -2.57 -12.79 -26.90
CA PHE D 240 -3.64 -13.30 -26.06
C PHE D 240 -4.85 -12.37 -26.11
N LYS D 241 -6.02 -12.98 -25.98
CA LYS D 241 -7.29 -12.30 -25.84
C LYS D 241 -8.16 -13.07 -24.86
N PHE D 242 -8.19 -12.63 -23.63
CA PHE D 242 -8.95 -13.31 -22.56
C PHE D 242 -10.37 -12.77 -22.52
N HIS D 243 -11.33 -13.65 -22.39
CA HIS D 243 -12.72 -13.29 -22.11
C HIS D 243 -12.92 -13.37 -20.58
N MET D 244 -13.02 -12.22 -19.93
CA MET D 244 -13.04 -12.15 -18.48
C MET D 244 -14.28 -12.81 -17.91
N LEU D 245 -14.07 -13.76 -17.03
CA LEU D 245 -15.17 -14.48 -16.37
C LEU D 245 -15.59 -13.87 -15.04
N HIS D 246 -14.75 -13.01 -14.46
CA HIS D 246 -15.01 -12.39 -13.19
C HIS D 246 -14.60 -10.93 -13.24
N SER D 247 -15.29 -10.09 -12.48
CA SER D 247 -14.94 -8.70 -12.34
C SER D 247 -13.92 -8.55 -11.21
N GLY D 248 -12.97 -7.66 -11.39
CA GLY D 248 -12.04 -7.31 -10.35
C GLY D 248 -10.76 -6.71 -10.91
N LEU D 249 -9.75 -6.66 -10.04
CA LEU D 249 -8.47 -6.12 -10.37
C LEU D 249 -7.58 -7.23 -10.91
N VAL D 250 -7.10 -7.08 -12.14
CA VAL D 250 -6.08 -7.96 -12.70
C VAL D 250 -4.72 -7.48 -12.24
N HIS D 251 -4.07 -8.27 -11.41
CA HIS D 251 -2.75 -7.95 -10.87
C HIS D 251 -1.58 -8.49 -11.72
N GLY D 252 -1.89 -9.34 -12.72
CA GLY D 252 -0.86 -9.84 -13.57
C GLY D 252 -1.33 -11.12 -14.27
N LEU D 253 -0.34 -11.80 -14.87
CA LEU D 253 -0.57 -13.04 -15.58
C LEU D 253 0.17 -14.21 -14.90
N ALA D 254 -0.53 -15.34 -14.76
CA ALA D 254 0.01 -16.56 -14.25
C ALA D 254 0.37 -17.50 -15.42
N PHE D 255 1.48 -18.23 -15.24
CA PHE D 255 2.04 -19.12 -16.25
C PHE D 255 2.28 -20.49 -15.63
N TRP D 256 1.96 -21.51 -16.41
CA TRP D 256 2.40 -22.87 -16.12
C TRP D 256 2.62 -23.60 -17.44
N PHE D 257 3.00 -24.87 -17.36
CA PHE D 257 3.25 -25.61 -18.57
C PHE D 257 3.01 -27.12 -18.39
N ASP D 258 2.64 -27.74 -19.50
CA ASP D 258 2.54 -29.21 -19.60
C ASP D 258 3.52 -29.66 -20.68
N VAL D 259 4.03 -30.87 -20.54
CA VAL D 259 4.74 -31.54 -21.65
C VAL D 259 4.06 -32.86 -21.94
N ALA D 260 4.12 -33.28 -23.19
CA ALA D 260 3.59 -34.58 -23.61
C ALA D 260 4.68 -35.43 -24.22
N PHE D 261 4.69 -36.71 -23.79
CA PHE D 261 5.52 -37.77 -24.37
C PHE D 261 4.61 -38.58 -25.26
N ILE D 262 4.72 -38.37 -26.57
CA ILE D 262 3.86 -38.99 -27.55
C ILE D 262 4.51 -40.27 -28.09
N GLY D 263 4.19 -41.39 -27.42
CA GLY D 263 4.83 -42.66 -27.72
C GLY D 263 3.94 -43.55 -28.59
N SER D 264 4.53 -44.66 -29.03
CA SER D 264 3.85 -45.63 -29.88
C SER D 264 2.71 -46.33 -29.13
N ILE D 265 2.82 -46.50 -27.82
CA ILE D 265 1.79 -47.21 -27.07
C ILE D 265 0.79 -46.28 -26.49
N MET D 266 1.22 -45.17 -25.90
CA MET D 266 0.28 -44.19 -25.32
C MET D 266 0.99 -42.84 -25.22
N THR D 267 0.18 -41.81 -25.09
CA THR D 267 0.66 -40.47 -24.79
C THR D 267 0.59 -40.21 -23.30
N VAL D 268 1.70 -39.74 -22.71
CA VAL D 268 1.75 -39.48 -21.28
C VAL D 268 2.02 -38.00 -21.05
N TRP D 269 1.26 -37.38 -20.17
CA TRP D 269 1.38 -35.94 -19.90
C TRP D 269 2.04 -35.70 -18.52
N LEU D 270 2.92 -34.72 -18.46
CA LEU D 270 3.47 -34.19 -17.21
C LEU D 270 3.04 -32.74 -17.08
N SER D 271 2.20 -32.46 -16.08
CA SER D 271 1.54 -31.13 -15.99
C SER D 271 2.00 -30.39 -14.72
N THR D 272 2.25 -29.08 -14.86
CA THR D 272 2.56 -28.24 -13.75
C THR D 272 1.42 -27.24 -13.44
N ALA D 273 0.22 -27.55 -13.89
CA ALA D 273 -0.93 -26.70 -13.70
C ALA D 273 -1.32 -26.59 -12.23
N PRO D 274 -1.92 -25.46 -11.83
CA PRO D 274 -2.41 -25.32 -10.47
C PRO D 274 -3.61 -26.22 -10.12
N THR D 275 -4.22 -26.85 -11.10
CA THR D 275 -5.22 -27.88 -10.87
C THR D 275 -4.62 -29.26 -10.61
N GLU D 276 -3.33 -29.40 -10.73
CA GLU D 276 -2.64 -30.68 -10.63
C GLU D 276 -1.71 -30.68 -9.41
N PRO D 277 -1.36 -31.88 -8.91
CA PRO D 277 -0.48 -31.91 -7.73
C PRO D 277 0.84 -31.14 -8.00
N LEU D 278 1.36 -30.56 -6.93
CA LEU D 278 2.44 -29.65 -6.99
C LEU D 278 3.75 -30.34 -7.46
N THR D 279 4.53 -29.59 -8.25
CA THR D 279 5.87 -29.99 -8.63
C THR D 279 6.86 -28.92 -8.19
N HIS D 280 8.14 -29.20 -8.34
CA HIS D 280 9.16 -28.21 -7.96
C HIS D 280 9.27 -27.06 -8.96
N TRP D 281 8.52 -27.12 -10.05
CA TRP D 281 8.36 -25.95 -10.93
C TRP D 281 7.33 -24.95 -10.41
N TYR D 282 6.45 -25.40 -9.50
CA TYR D 282 5.35 -24.59 -9.00
C TYR D 282 4.58 -23.92 -10.11
N GLN D 283 4.24 -22.64 -9.94
CA GLN D 283 3.73 -21.82 -11.04
C GLN D 283 4.43 -20.47 -10.96
N VAL D 284 4.27 -19.67 -12.02
CA VAL D 284 4.98 -18.39 -12.09
C VAL D 284 4.00 -17.29 -12.37
N ARG D 285 4.09 -16.20 -11.62
CA ARG D 285 3.21 -15.04 -11.82
C ARG D 285 4.00 -13.80 -12.08
N CYS D 286 3.69 -13.12 -13.19
CA CYS D 286 4.25 -11.82 -13.51
C CYS D 286 3.23 -10.71 -13.14
N LEU D 287 3.61 -9.92 -12.15
CA LEU D 287 2.77 -8.87 -11.60
C LEU D 287 2.80 -7.61 -12.47
N PHE D 288 1.68 -6.90 -12.46
CA PHE D 288 1.62 -5.59 -13.08
C PHE D 288 1.90 -4.56 -12.00
N GLN D 289 2.71 -3.59 -12.34
CA GLN D 289 3.06 -2.51 -11.43
C GLN D 289 1.81 -1.70 -11.07
N SER D 290 0.90 -1.58 -12.03
CA SER D 290 -0.40 -0.97 -11.77
C SER D 290 -1.46 -1.93 -12.33
N PRO D 291 -2.26 -2.54 -11.47
CA PRO D 291 -3.30 -3.44 -11.89
C PRO D 291 -4.33 -2.81 -12.80
N LEU D 292 -5.06 -3.66 -13.52
CA LEU D 292 -6.10 -3.18 -14.45
C LEU D 292 -7.49 -3.63 -13.96
N PHE D 293 -8.43 -2.69 -13.87
CA PHE D 293 -9.80 -3.07 -13.52
C PHE D 293 -10.53 -3.64 -14.71
N ALA D 294 -11.22 -4.73 -14.50
CA ALA D 294 -11.99 -5.39 -15.59
C ALA D 294 -13.32 -5.88 -15.06
N LYS D 295 -14.31 -5.86 -15.92
CA LYS D 295 -15.64 -6.39 -15.66
C LYS D 295 -15.78 -7.76 -16.33
N ALA D 296 -16.57 -8.64 -15.73
CA ALA D 296 -16.95 -9.88 -16.35
C ALA D 296 -17.55 -9.60 -17.73
N GLY D 297 -17.13 -10.36 -18.72
CA GLY D 297 -17.53 -10.11 -20.11
C GLY D 297 -16.60 -9.23 -20.91
N ASP D 298 -15.73 -8.47 -20.26
CA ASP D 298 -14.74 -7.70 -20.99
C ASP D 298 -13.69 -8.63 -21.67
N THR D 299 -12.91 -8.02 -22.52
CA THR D 299 -11.83 -8.69 -23.18
C THR D 299 -10.51 -8.02 -22.79
N LEU D 300 -9.56 -8.84 -22.31
CA LEU D 300 -8.24 -8.36 -21.97
C LEU D 300 -7.28 -8.88 -23.03
N SER D 301 -6.74 -7.98 -23.84
CA SER D 301 -5.98 -8.37 -25.03
C SER D 301 -4.56 -7.82 -24.95
N GLY D 302 -3.62 -8.51 -25.57
CA GLY D 302 -2.25 -8.04 -25.62
C GLY D 302 -1.27 -9.11 -26.07
N THR D 303 -0.02 -8.94 -25.67
CA THR D 303 1.07 -9.76 -26.12
C THR D 303 2.07 -9.99 -25.01
N CYS D 304 2.52 -11.25 -24.91
CA CYS D 304 3.64 -11.62 -24.09
C CYS D 304 4.82 -11.97 -25.03
N LEU D 305 5.89 -11.22 -24.92
CA LEU D 305 7.07 -11.40 -25.77
C LEU D 305 8.26 -11.82 -24.92
N LEU D 306 8.83 -12.97 -25.22
CA LEU D 306 9.99 -13.49 -24.48
C LEU D 306 11.23 -13.35 -25.37
N ILE D 307 12.20 -12.55 -24.91
CA ILE D 307 13.39 -12.28 -25.66
C ILE D 307 14.55 -12.96 -24.93
N ALA D 308 15.14 -13.96 -25.57
CA ALA D 308 16.24 -14.71 -24.95
C ALA D 308 17.46 -13.81 -24.73
N ASN D 309 18.09 -13.96 -23.58
CA ASN D 309 19.33 -13.23 -23.26
C ASN D 309 20.47 -14.21 -23.01
N LYS D 310 21.66 -13.65 -22.89
CA LYS D 310 22.88 -14.45 -22.76
C LYS D 310 23.18 -14.89 -21.33
N ARG D 311 22.28 -14.55 -20.38
CA ARG D 311 22.34 -15.09 -19.04
C ARG D 311 21.49 -16.36 -18.90
N GLN D 312 21.25 -17.05 -20.01
CA GLN D 312 20.48 -18.31 -20.02
C GLN D 312 19.08 -18.10 -19.49
N SER D 313 18.48 -16.98 -19.83
CA SER D 313 17.10 -16.71 -19.38
C SER D 313 16.45 -15.81 -20.44
N TYR D 314 15.37 -15.15 -20.07
CA TYR D 314 14.57 -14.33 -20.98
C TYR D 314 14.20 -13.02 -20.30
N ASP D 315 14.18 -11.97 -21.10
CA ASP D 315 13.53 -10.71 -20.75
C ASP D 315 12.09 -10.82 -21.22
N ILE D 316 11.14 -10.62 -20.29
CA ILE D 316 9.75 -10.80 -20.56
C ILE D 316 9.11 -9.45 -20.74
N SER D 317 8.36 -9.27 -21.81
CA SER D 317 7.55 -8.08 -22.03
C SER D 317 6.09 -8.50 -22.05
N ILE D 318 5.30 -7.88 -21.19
CA ILE D 318 3.85 -8.11 -21.17
C ILE D 318 3.15 -6.78 -21.40
N VAL D 319 2.43 -6.68 -22.51
CA VAL D 319 1.56 -5.54 -22.79
C VAL D 319 0.12 -6.06 -22.82
N ALA D 320 -0.75 -5.42 -22.03
CA ALA D 320 -2.12 -5.85 -21.89
C ALA D 320 -3.02 -4.62 -21.83
N GLN D 321 -4.25 -4.78 -22.27
CA GLN D 321 -5.21 -3.72 -22.23
C GLN D 321 -6.62 -4.29 -22.07
N VAL D 322 -7.46 -3.53 -21.38
CA VAL D 322 -8.88 -3.80 -21.30
C VAL D 322 -9.53 -3.07 -22.46
N ASP D 323 -10.04 -3.84 -23.42
CA ASP D 323 -10.52 -3.25 -24.68
C ASP D 323 -11.69 -2.29 -24.44
N GLN D 324 -12.57 -2.64 -23.50
CA GLN D 324 -13.76 -1.83 -23.23
C GLN D 324 -13.42 -0.43 -22.67
N THR D 325 -12.26 -0.25 -22.04
CA THR D 325 -11.91 1.02 -21.48
C THR D 325 -10.63 1.66 -21.98
N GLY D 326 -9.81 0.92 -22.74
CA GLY D 326 -8.50 1.39 -23.12
C GLY D 326 -7.49 1.50 -21.99
N SER D 327 -7.78 0.90 -20.84
CA SER D 327 -6.81 0.87 -19.74
C SER D 327 -5.68 -0.11 -20.13
N LYS D 328 -4.46 0.32 -20.04
CA LYS D 328 -3.30 -0.41 -20.54
C LYS D 328 -2.26 -0.56 -19.45
N SER D 329 -1.47 -1.62 -19.57
CA SER D 329 -0.36 -1.86 -18.69
C SER D 329 0.76 -2.52 -19.52
N SER D 330 1.96 -2.02 -19.28
CA SER D 330 3.17 -2.55 -19.90
C SER D 330 4.14 -2.92 -18.80
N ASN D 331 4.85 -4.01 -19.02
CA ASN D 331 5.76 -4.52 -17.97
C ASN D 331 6.94 -5.23 -18.62
N LEU D 332 8.08 -5.11 -17.96
CA LEU D 332 9.30 -5.81 -18.32
C LEU D 332 9.78 -6.58 -17.10
N LEU D 333 10.00 -7.89 -17.27
CA LEU D 333 10.36 -8.76 -16.17
C LEU D 333 11.63 -9.52 -16.47
N ASP D 334 12.40 -9.77 -15.42
CA ASP D 334 13.71 -10.39 -15.51
C ASP D 334 13.56 -11.81 -14.93
N LEU D 335 13.42 -12.77 -15.82
CA LEU D 335 13.20 -14.15 -15.41
C LEU D 335 14.47 -14.77 -14.73
N LYS D 336 15.61 -14.13 -14.87
CA LYS D 336 16.81 -14.58 -14.23
C LYS D 336 16.74 -14.46 -12.71
N ASN D 337 16.03 -13.47 -12.19
CA ASN D 337 15.98 -13.15 -10.75
C ASN D 337 14.54 -13.27 -10.21
N PRO D 338 14.01 -14.50 -10.12
CA PRO D 338 12.69 -14.67 -9.58
C PRO D 338 12.63 -14.49 -8.07
N PHE D 339 11.43 -14.25 -7.56
CA PHE D 339 11.17 -14.27 -6.13
C PHE D 339 10.56 -15.61 -5.76
N PHE D 340 11.30 -16.43 -5.05
CA PHE D 340 10.86 -17.72 -4.57
C PHE D 340 10.07 -17.52 -3.30
N ARG D 341 8.75 -17.45 -3.44
CA ARG D 341 7.87 -17.09 -2.32
C ARG D 341 7.46 -18.30 -1.43
N TYR D 342 7.38 -19.46 -1.99
CA TYR D 342 6.70 -20.62 -1.30
C TYR D 342 7.17 -21.05 0.06
#